data_1DUS
# 
_entry.id   1DUS 
# 
_audit_conform.dict_name       mmcif_pdbx.dic 
_audit_conform.dict_version    5.398 
_audit_conform.dict_location   http://mmcif.pdb.org/dictionaries/ascii/mmcif_pdbx.dic 
# 
loop_
_database_2.database_id 
_database_2.database_code 
_database_2.pdbx_database_accession 
_database_2.pdbx_DOI 
PDB   1DUS         pdb_00001dus 10.2210/pdb1dus/pdb 
RCSB  RCSB010388   ?            ?                   
WWPDB D_1000010388 ?            ?                   
# 
loop_
_pdbx_audit_revision_history.ordinal 
_pdbx_audit_revision_history.data_content_type 
_pdbx_audit_revision_history.major_revision 
_pdbx_audit_revision_history.minor_revision 
_pdbx_audit_revision_history.revision_date 
1 'Structure model' 1 0 2000-07-19 
2 'Structure model' 1 1 2008-04-27 
3 'Structure model' 1 2 2011-07-13 
4 'Structure model' 1 3 2024-11-06 
# 
_pdbx_audit_revision_details.ordinal             1 
_pdbx_audit_revision_details.revision_ordinal    1 
_pdbx_audit_revision_details.data_content_type   'Structure model' 
_pdbx_audit_revision_details.provider            repository 
_pdbx_audit_revision_details.type                'Initial release' 
_pdbx_audit_revision_details.description         ? 
_pdbx_audit_revision_details.details             ? 
# 
loop_
_pdbx_audit_revision_group.ordinal 
_pdbx_audit_revision_group.revision_ordinal 
_pdbx_audit_revision_group.data_content_type 
_pdbx_audit_revision_group.group 
1 2 'Structure model' 'Version format compliance' 
2 3 'Structure model' 'Version format compliance' 
3 4 'Structure model' 'Data collection'           
4 4 'Structure model' 'Database references'       
5 4 'Structure model' 'Derived calculations'      
6 4 'Structure model' 'Structure summary'         
# 
loop_
_pdbx_audit_revision_category.ordinal 
_pdbx_audit_revision_category.revision_ordinal 
_pdbx_audit_revision_category.data_content_type 
_pdbx_audit_revision_category.category 
1 4 'Structure model' chem_comp_atom            
2 4 'Structure model' chem_comp_bond            
3 4 'Structure model' database_2                
4 4 'Structure model' pdbx_entry_details        
5 4 'Structure model' pdbx_modification_feature 
6 4 'Structure model' struct_conn               
7 4 'Structure model' struct_ref_seq_dif        
# 
loop_
_pdbx_audit_revision_item.ordinal 
_pdbx_audit_revision_item.revision_ordinal 
_pdbx_audit_revision_item.data_content_type 
_pdbx_audit_revision_item.item 
1 4 'Structure model' '_database_2.pdbx_DOI'                
2 4 'Structure model' '_database_2.pdbx_database_accession' 
3 4 'Structure model' '_struct_conn.pdbx_leaving_atom_flag' 
4 4 'Structure model' '_struct_ref_seq_dif.details'         
# 
_pdbx_database_status.status_code                     REL 
_pdbx_database_status.entry_id                        1DUS 
_pdbx_database_status.recvd_initial_deposition_date   2000-01-18 
_pdbx_database_status.deposit_site                    RCSB 
_pdbx_database_status.process_site                    RCSB 
_pdbx_database_status.SG_entry                        Y 
_pdbx_database_status.status_code_sf                  ? 
_pdbx_database_status.status_code_mr                  ? 
_pdbx_database_status.pdb_format_compatible           Y 
_pdbx_database_status.status_code_cs                  ? 
_pdbx_database_status.status_code_nmr_data            ? 
_pdbx_database_status.methods_development_category    ? 
# 
_pdbx_database_related.db_name        TargetDB 
_pdbx_database_related.db_id          BSGCAIR30382 
_pdbx_database_related.details        . 
_pdbx_database_related.content_type   unspecified 
# 
loop_
_audit_author.name 
_audit_author.pdbx_ordinal 
'Hung, L.'                                   1 
'Huang, L.'                                  2 
'Kim, R.'                                    3 
'Kim, S.H.'                                  4 
'Berkeley Structural Genomics Center (BSGC)' 5 
# 
_citation.id                        primary 
_citation.title                     
;Structure-based experimental confirmation of biochemical function to a methyltransferase, MJ0882, from hyperthermophile Methanococcus jannaschii
;
_citation.journal_abbrev            J.STRUCT.FUNCT.GENOM. 
_citation.journal_volume            2 
_citation.page_first                121 
_citation.page_last                 127 
_citation.year                      2002 
_citation.journal_id_ASTM           ? 
_citation.country                   NE 
_citation.journal_id_ISSN           1345-711X 
_citation.journal_id_CSD            ? 
_citation.book_publisher            ? 
_citation.pdbx_database_id_PubMed   12836702 
_citation.pdbx_database_id_DOI      10.1023/A:1021279113558 
# 
loop_
_citation_author.citation_id 
_citation_author.name 
_citation_author.ordinal 
_citation_author.identifier_ORCID 
primary 'Huang, L.'  1 ? 
primary 'Hung, L.'   2 ? 
primary 'Odell, M.'  3 ? 
primary 'Yokota, H.' 4 ? 
primary 'Kim, R.'    5 ? 
primary 'Kim, S.H.'  6 ? 
# 
loop_
_entity.id 
_entity.type 
_entity.src_method 
_entity.pdbx_description 
_entity.formula_weight 
_entity.pdbx_number_of_molecules 
_entity.pdbx_ec 
_entity.pdbx_mutation 
_entity.pdbx_fragment 
_entity.details 
1 polymer man MJ0882 21945.170 1   ? ? ? ? 
2 water   nat water  18.015    163 ? ? ? ? 
# 
_entity_poly.entity_id                      1 
_entity_poly.type                           'polypeptide(L)' 
_entity_poly.nstd_linkage                   no 
_entity_poly.nstd_monomer                   yes 
_entity_poly.pdbx_seq_one_letter_code       
;FSEKPTTKSDVKIVEDILRGKKLKFKTDSGVFSYGKVDKGTKILVENVVVDKDDDILDLGCGYGVIGIALADEVKSTT
(MSE)ADINRRAIKLAKENIKLNNLDNYDIRVVHSDLYENVKDRKYNKIITNPPIRAGKEVLHRIIEEGKELLKDNGEIW
VVIQTKQGAKSLAKY(MSE)KDVFGNVETVTIKGGYRVLKSKKL
;
_entity_poly.pdbx_seq_one_letter_code_can   
;FSEKPTTKSDVKIVEDILRGKKLKFKTDSGVFSYGKVDKGTKILVENVVVDKDDDILDLGCGYGVIGIALADEVKSTTMA
DINRRAIKLAKENIKLNNLDNYDIRVVHSDLYENVKDRKYNKIITNPPIRAGKEVLHRIIEEGKELLKDNGEIWVVIQTK
QGAKSLAKYMKDVFGNVETVTIKGGYRVLKSKKL
;
_entity_poly.pdbx_strand_id                 A 
_entity_poly.pdbx_target_identifier         BSGCAIR30382 
# 
_pdbx_entity_nonpoly.entity_id   2 
_pdbx_entity_nonpoly.name        water 
_pdbx_entity_nonpoly.comp_id     HOH 
# 
loop_
_entity_poly_seq.entity_id 
_entity_poly_seq.num 
_entity_poly_seq.mon_id 
_entity_poly_seq.hetero 
1 1   PHE n 
1 2   SER n 
1 3   GLU n 
1 4   LYS n 
1 5   PRO n 
1 6   THR n 
1 7   THR n 
1 8   LYS n 
1 9   SER n 
1 10  ASP n 
1 11  VAL n 
1 12  LYS n 
1 13  ILE n 
1 14  VAL n 
1 15  GLU n 
1 16  ASP n 
1 17  ILE n 
1 18  LEU n 
1 19  ARG n 
1 20  GLY n 
1 21  LYS n 
1 22  LYS n 
1 23  LEU n 
1 24  LYS n 
1 25  PHE n 
1 26  LYS n 
1 27  THR n 
1 28  ASP n 
1 29  SER n 
1 30  GLY n 
1 31  VAL n 
1 32  PHE n 
1 33  SER n 
1 34  TYR n 
1 35  GLY n 
1 36  LYS n 
1 37  VAL n 
1 38  ASP n 
1 39  LYS n 
1 40  GLY n 
1 41  THR n 
1 42  LYS n 
1 43  ILE n 
1 44  LEU n 
1 45  VAL n 
1 46  GLU n 
1 47  ASN n 
1 48  VAL n 
1 49  VAL n 
1 50  VAL n 
1 51  ASP n 
1 52  LYS n 
1 53  ASP n 
1 54  ASP n 
1 55  ASP n 
1 56  ILE n 
1 57  LEU n 
1 58  ASP n 
1 59  LEU n 
1 60  GLY n 
1 61  CYS n 
1 62  GLY n 
1 63  TYR n 
1 64  GLY n 
1 65  VAL n 
1 66  ILE n 
1 67  GLY n 
1 68  ILE n 
1 69  ALA n 
1 70  LEU n 
1 71  ALA n 
1 72  ASP n 
1 73  GLU n 
1 74  VAL n 
1 75  LYS n 
1 76  SER n 
1 77  THR n 
1 78  THR n 
1 79  MSE n 
1 80  ALA n 
1 81  ASP n 
1 82  ILE n 
1 83  ASN n 
1 84  ARG n 
1 85  ARG n 
1 86  ALA n 
1 87  ILE n 
1 88  LYS n 
1 89  LEU n 
1 90  ALA n 
1 91  LYS n 
1 92  GLU n 
1 93  ASN n 
1 94  ILE n 
1 95  LYS n 
1 96  LEU n 
1 97  ASN n 
1 98  ASN n 
1 99  LEU n 
1 100 ASP n 
1 101 ASN n 
1 102 TYR n 
1 103 ASP n 
1 104 ILE n 
1 105 ARG n 
1 106 VAL n 
1 107 VAL n 
1 108 HIS n 
1 109 SER n 
1 110 ASP n 
1 111 LEU n 
1 112 TYR n 
1 113 GLU n 
1 114 ASN n 
1 115 VAL n 
1 116 LYS n 
1 117 ASP n 
1 118 ARG n 
1 119 LYS n 
1 120 TYR n 
1 121 ASN n 
1 122 LYS n 
1 123 ILE n 
1 124 ILE n 
1 125 THR n 
1 126 ASN n 
1 127 PRO n 
1 128 PRO n 
1 129 ILE n 
1 130 ARG n 
1 131 ALA n 
1 132 GLY n 
1 133 LYS n 
1 134 GLU n 
1 135 VAL n 
1 136 LEU n 
1 137 HIS n 
1 138 ARG n 
1 139 ILE n 
1 140 ILE n 
1 141 GLU n 
1 142 GLU n 
1 143 GLY n 
1 144 LYS n 
1 145 GLU n 
1 146 LEU n 
1 147 LEU n 
1 148 LYS n 
1 149 ASP n 
1 150 ASN n 
1 151 GLY n 
1 152 GLU n 
1 153 ILE n 
1 154 TRP n 
1 155 VAL n 
1 156 VAL n 
1 157 ILE n 
1 158 GLN n 
1 159 THR n 
1 160 LYS n 
1 161 GLN n 
1 162 GLY n 
1 163 ALA n 
1 164 LYS n 
1 165 SER n 
1 166 LEU n 
1 167 ALA n 
1 168 LYS n 
1 169 TYR n 
1 170 MSE n 
1 171 LYS n 
1 172 ASP n 
1 173 VAL n 
1 174 PHE n 
1 175 GLY n 
1 176 ASN n 
1 177 VAL n 
1 178 GLU n 
1 179 THR n 
1 180 VAL n 
1 181 THR n 
1 182 ILE n 
1 183 LYS n 
1 184 GLY n 
1 185 GLY n 
1 186 TYR n 
1 187 ARG n 
1 188 VAL n 
1 189 LEU n 
1 190 LYS n 
1 191 SER n 
1 192 LYS n 
1 193 LYS n 
1 194 LEU n 
# 
_entity_src_gen.entity_id                          1 
_entity_src_gen.pdbx_src_id                        1 
_entity_src_gen.pdbx_alt_source_flag               sample 
_entity_src_gen.pdbx_seq_type                      ? 
_entity_src_gen.pdbx_beg_seq_num                   ? 
_entity_src_gen.pdbx_end_seq_num                   ? 
_entity_src_gen.gene_src_common_name               ? 
_entity_src_gen.gene_src_genus                     Methanocaldococcus 
_entity_src_gen.pdbx_gene_src_gene                 ? 
_entity_src_gen.gene_src_species                   ? 
_entity_src_gen.gene_src_strain                    ? 
_entity_src_gen.gene_src_tissue                    ? 
_entity_src_gen.gene_src_tissue_fraction           ? 
_entity_src_gen.gene_src_details                   ? 
_entity_src_gen.pdbx_gene_src_fragment             ? 
_entity_src_gen.pdbx_gene_src_scientific_name      'Methanocaldococcus jannaschii' 
_entity_src_gen.pdbx_gene_src_ncbi_taxonomy_id     2190 
_entity_src_gen.pdbx_gene_src_variant              ? 
_entity_src_gen.pdbx_gene_src_cell_line            ? 
_entity_src_gen.pdbx_gene_src_atcc                 ? 
_entity_src_gen.pdbx_gene_src_organ                ? 
_entity_src_gen.pdbx_gene_src_organelle            ? 
_entity_src_gen.pdbx_gene_src_cell                 ? 
_entity_src_gen.pdbx_gene_src_cellular_location    ? 
_entity_src_gen.host_org_common_name               ? 
_entity_src_gen.pdbx_host_org_scientific_name      'Escherichia coli' 
_entity_src_gen.pdbx_host_org_ncbi_taxonomy_id     562 
_entity_src_gen.host_org_genus                     Escherichia 
_entity_src_gen.pdbx_host_org_gene                 ? 
_entity_src_gen.pdbx_host_org_organ                ? 
_entity_src_gen.host_org_species                   ? 
_entity_src_gen.pdbx_host_org_tissue               ? 
_entity_src_gen.pdbx_host_org_tissue_fraction      ? 
_entity_src_gen.pdbx_host_org_strain               ? 
_entity_src_gen.pdbx_host_org_variant              ? 
_entity_src_gen.pdbx_host_org_cell_line            ? 
_entity_src_gen.pdbx_host_org_atcc                 ? 
_entity_src_gen.pdbx_host_org_culture_collection   ? 
_entity_src_gen.pdbx_host_org_cell                 ? 
_entity_src_gen.pdbx_host_org_organelle            ? 
_entity_src_gen.pdbx_host_org_cellular_location    ? 
_entity_src_gen.pdbx_host_org_vector_type          ? 
_entity_src_gen.pdbx_host_org_vector               ? 
_entity_src_gen.host_org_details                   ? 
_entity_src_gen.expression_system_id               ? 
_entity_src_gen.plasmid_name                       ? 
_entity_src_gen.plasmid_details                    ? 
_entity_src_gen.pdbx_description                   ? 
# 
loop_
_chem_comp.id 
_chem_comp.type 
_chem_comp.mon_nstd_flag 
_chem_comp.name 
_chem_comp.pdbx_synonyms 
_chem_comp.formula 
_chem_comp.formula_weight 
ALA 'L-peptide linking' y ALANINE          ? 'C3 H7 N O2'     89.093  
ARG 'L-peptide linking' y ARGININE         ? 'C6 H15 N4 O2 1' 175.209 
ASN 'L-peptide linking' y ASPARAGINE       ? 'C4 H8 N2 O3'    132.118 
ASP 'L-peptide linking' y 'ASPARTIC ACID'  ? 'C4 H7 N O4'     133.103 
CYS 'L-peptide linking' y CYSTEINE         ? 'C3 H7 N O2 S'   121.158 
GLN 'L-peptide linking' y GLUTAMINE        ? 'C5 H10 N2 O3'   146.144 
GLU 'L-peptide linking' y 'GLUTAMIC ACID'  ? 'C5 H9 N O4'     147.129 
GLY 'peptide linking'   y GLYCINE          ? 'C2 H5 N O2'     75.067  
HIS 'L-peptide linking' y HISTIDINE        ? 'C6 H10 N3 O2 1' 156.162 
HOH non-polymer         . WATER            ? 'H2 O'           18.015  
ILE 'L-peptide linking' y ISOLEUCINE       ? 'C6 H13 N O2'    131.173 
LEU 'L-peptide linking' y LEUCINE          ? 'C6 H13 N O2'    131.173 
LYS 'L-peptide linking' y LYSINE           ? 'C6 H15 N2 O2 1' 147.195 
MET 'L-peptide linking' y METHIONINE       ? 'C5 H11 N O2 S'  149.211 
MSE 'L-peptide linking' n SELENOMETHIONINE ? 'C5 H11 N O2 Se' 196.106 
PHE 'L-peptide linking' y PHENYLALANINE    ? 'C9 H11 N O2'    165.189 
PRO 'L-peptide linking' y PROLINE          ? 'C5 H9 N O2'     115.130 
SER 'L-peptide linking' y SERINE           ? 'C3 H7 N O3'     105.093 
THR 'L-peptide linking' y THREONINE        ? 'C4 H9 N O3'     119.119 
TRP 'L-peptide linking' y TRYPTOPHAN       ? 'C11 H12 N2 O2'  204.225 
TYR 'L-peptide linking' y TYROSINE         ? 'C9 H11 N O3'    181.189 
VAL 'L-peptide linking' y VALINE           ? 'C5 H11 N O2'    117.146 
# 
loop_
_pdbx_poly_seq_scheme.asym_id 
_pdbx_poly_seq_scheme.entity_id 
_pdbx_poly_seq_scheme.seq_id 
_pdbx_poly_seq_scheme.mon_id 
_pdbx_poly_seq_scheme.ndb_seq_num 
_pdbx_poly_seq_scheme.pdb_seq_num 
_pdbx_poly_seq_scheme.auth_seq_num 
_pdbx_poly_seq_scheme.pdb_mon_id 
_pdbx_poly_seq_scheme.auth_mon_id 
_pdbx_poly_seq_scheme.pdb_strand_id 
_pdbx_poly_seq_scheme.pdb_ins_code 
_pdbx_poly_seq_scheme.hetero 
A 1 1   PHE 1   4   4   PHE PHE A . n 
A 1 2   SER 2   5   5   SER SER A . n 
A 1 3   GLU 3   6   6   GLU GLU A . n 
A 1 4   LYS 4   7   7   LYS LYS A . n 
A 1 5   PRO 5   8   8   PRO PRO A . n 
A 1 6   THR 6   9   9   THR THR A . n 
A 1 7   THR 7   10  10  THR THR A . n 
A 1 8   LYS 8   11  11  LYS LYS A . n 
A 1 9   SER 9   12  12  SER SER A . n 
A 1 10  ASP 10  13  13  ASP ASP A . n 
A 1 11  VAL 11  14  14  VAL VAL A . n 
A 1 12  LYS 12  15  15  LYS LYS A . n 
A 1 13  ILE 13  16  16  ILE ILE A . n 
A 1 14  VAL 14  17  17  VAL VAL A . n 
A 1 15  GLU 15  18  18  GLU GLU A . n 
A 1 16  ASP 16  19  19  ASP ASP A . n 
A 1 17  ILE 17  20  20  ILE ILE A . n 
A 1 18  LEU 18  21  21  LEU LEU A . n 
A 1 19  ARG 19  22  22  ARG ARG A . n 
A 1 20  GLY 20  23  23  GLY GLY A . n 
A 1 21  LYS 21  24  24  LYS LYS A . n 
A 1 22  LYS 22  25  25  LYS LYS A . n 
A 1 23  LEU 23  26  26  LEU LEU A . n 
A 1 24  LYS 24  27  27  LYS LYS A . n 
A 1 25  PHE 25  28  28  PHE PHE A . n 
A 1 26  LYS 26  29  29  LYS LYS A . n 
A 1 27  THR 27  30  30  THR THR A . n 
A 1 28  ASP 28  31  31  ASP ASP A . n 
A 1 29  SER 29  32  32  SER SER A . n 
A 1 30  GLY 30  33  33  GLY GLY A . n 
A 1 31  VAL 31  34  34  VAL VAL A . n 
A 1 32  PHE 32  35  35  PHE PHE A . n 
A 1 33  SER 33  36  36  SER SER A . n 
A 1 34  TYR 34  37  37  TYR TYR A . n 
A 1 35  GLY 35  38  38  GLY GLY A . n 
A 1 36  LYS 36  39  39  LYS LYS A . n 
A 1 37  VAL 37  40  40  VAL VAL A . n 
A 1 38  ASP 38  41  41  ASP ASP A . n 
A 1 39  LYS 39  42  42  LYS LYS A . n 
A 1 40  GLY 40  43  43  GLY GLY A . n 
A 1 41  THR 41  44  44  THR THR A . n 
A 1 42  LYS 42  45  45  LYS LYS A . n 
A 1 43  ILE 43  46  46  ILE ILE A . n 
A 1 44  LEU 44  47  47  LEU LEU A . n 
A 1 45  VAL 45  48  48  VAL VAL A . n 
A 1 46  GLU 46  49  49  GLU GLU A . n 
A 1 47  ASN 47  50  50  ASN ASN A . n 
A 1 48  VAL 48  51  51  VAL VAL A . n 
A 1 49  VAL 49  52  52  VAL VAL A . n 
A 1 50  VAL 50  53  53  VAL VAL A . n 
A 1 51  ASP 51  54  54  ASP ASP A . n 
A 1 52  LYS 52  55  55  LYS LYS A . n 
A 1 53  ASP 53  56  56  ASP ASP A . n 
A 1 54  ASP 54  57  57  ASP ASP A . n 
A 1 55  ASP 55  58  58  ASP ASP A . n 
A 1 56  ILE 56  59  59  ILE ILE A . n 
A 1 57  LEU 57  60  60  LEU LEU A . n 
A 1 58  ASP 58  61  61  ASP ASP A . n 
A 1 59  LEU 59  62  62  LEU LEU A . n 
A 1 60  GLY 60  63  63  GLY GLY A . n 
A 1 61  CYS 61  64  64  CYS CYS A . n 
A 1 62  GLY 62  65  65  GLY GLY A . n 
A 1 63  TYR 63  66  66  TYR TYR A . n 
A 1 64  GLY 64  67  67  GLY GLY A . n 
A 1 65  VAL 65  68  68  VAL VAL A . n 
A 1 66  ILE 66  69  69  ILE ILE A . n 
A 1 67  GLY 67  70  70  GLY GLY A . n 
A 1 68  ILE 68  71  71  ILE ILE A . n 
A 1 69  ALA 69  72  72  ALA ALA A . n 
A 1 70  LEU 70  73  73  LEU LEU A . n 
A 1 71  ALA 71  74  74  ALA ALA A . n 
A 1 72  ASP 72  75  75  ASP ASP A . n 
A 1 73  GLU 73  76  76  GLU GLU A . n 
A 1 74  VAL 74  77  77  VAL VAL A . n 
A 1 75  LYS 75  78  78  LYS LYS A . n 
A 1 76  SER 76  79  79  SER SER A . n 
A 1 77  THR 77  80  80  THR THR A . n 
A 1 78  THR 78  81  81  THR THR A . n 
A 1 79  MSE 79  82  82  MSE MSE A . n 
A 1 80  ALA 80  83  83  ALA ALA A . n 
A 1 81  ASP 81  84  84  ASP ASP A . n 
A 1 82  ILE 82  85  85  ILE ILE A . n 
A 1 83  ASN 83  86  86  ASN ASN A . n 
A 1 84  ARG 84  87  87  ARG ARG A . n 
A 1 85  ARG 85  88  88  ARG ARG A . n 
A 1 86  ALA 86  89  89  ALA ALA A . n 
A 1 87  ILE 87  90  90  ILE ILE A . n 
A 1 88  LYS 88  91  91  LYS LYS A . n 
A 1 89  LEU 89  92  92  LEU LEU A . n 
A 1 90  ALA 90  93  93  ALA ALA A . n 
A 1 91  LYS 91  94  94  LYS LYS A . n 
A 1 92  GLU 92  95  95  GLU GLU A . n 
A 1 93  ASN 93  96  96  ASN ASN A . n 
A 1 94  ILE 94  97  97  ILE ILE A . n 
A 1 95  LYS 95  98  98  LYS LYS A . n 
A 1 96  LEU 96  99  99  LEU LEU A . n 
A 1 97  ASN 97  100 100 ASN ASN A . n 
A 1 98  ASN 98  101 101 ASN ASN A . n 
A 1 99  LEU 99  102 102 LEU LEU A . n 
A 1 100 ASP 100 103 103 ASP ASP A . n 
A 1 101 ASN 101 104 104 ASN ASN A . n 
A 1 102 TYR 102 105 105 TYR TYR A . n 
A 1 103 ASP 103 106 106 ASP ASP A . n 
A 1 104 ILE 104 107 107 ILE ILE A . n 
A 1 105 ARG 105 108 108 ARG ARG A . n 
A 1 106 VAL 106 109 109 VAL VAL A . n 
A 1 107 VAL 107 110 110 VAL VAL A . n 
A 1 108 HIS 108 111 111 HIS HIS A . n 
A 1 109 SER 109 112 112 SER SER A . n 
A 1 110 ASP 110 113 113 ASP ASP A . n 
A 1 111 LEU 111 114 114 LEU LEU A . n 
A 1 112 TYR 112 115 115 TYR TYR A . n 
A 1 113 GLU 113 116 116 GLU GLU A . n 
A 1 114 ASN 114 117 117 ASN ASN A . n 
A 1 115 VAL 115 118 118 VAL VAL A . n 
A 1 116 LYS 116 119 119 LYS LYS A . n 
A 1 117 ASP 117 120 120 ASP ASP A . n 
A 1 118 ARG 118 121 121 ARG ARG A . n 
A 1 119 LYS 119 122 122 LYS LYS A . n 
A 1 120 TYR 120 123 123 TYR TYR A . n 
A 1 121 ASN 121 124 124 ASN ASN A . n 
A 1 122 LYS 122 125 125 LYS LYS A . n 
A 1 123 ILE 123 126 126 ILE ILE A . n 
A 1 124 ILE 124 127 127 ILE ILE A . n 
A 1 125 THR 125 128 128 THR THR A . n 
A 1 126 ASN 126 129 129 ASN ASN A . n 
A 1 127 PRO 127 130 130 PRO PRO A . n 
A 1 128 PRO 128 131 131 PRO PRO A . n 
A 1 129 ILE 129 132 132 ILE ILE A . n 
A 1 130 ARG 130 133 133 ARG ARG A . n 
A 1 131 ALA 131 134 134 ALA ALA A . n 
A 1 132 GLY 132 135 135 GLY GLY A . n 
A 1 133 LYS 133 136 136 LYS LYS A . n 
A 1 134 GLU 134 137 137 GLU GLU A . n 
A 1 135 VAL 135 138 138 VAL VAL A . n 
A 1 136 LEU 136 139 139 LEU LEU A . n 
A 1 137 HIS 137 140 140 HIS HIS A . n 
A 1 138 ARG 138 141 141 ARG ARG A . n 
A 1 139 ILE 139 142 142 ILE ILE A . n 
A 1 140 ILE 140 143 143 ILE ILE A . n 
A 1 141 GLU 141 144 144 GLU GLU A . n 
A 1 142 GLU 142 145 145 GLU GLU A . n 
A 1 143 GLY 143 146 146 GLY GLY A . n 
A 1 144 LYS 144 147 147 LYS LYS A . n 
A 1 145 GLU 145 148 148 GLU GLU A . n 
A 1 146 LEU 146 149 149 LEU LEU A . n 
A 1 147 LEU 147 150 150 LEU LEU A . n 
A 1 148 LYS 148 151 151 LYS LYS A . n 
A 1 149 ASP 149 152 152 ASP ASP A . n 
A 1 150 ASN 150 153 153 ASN ASN A . n 
A 1 151 GLY 151 154 154 GLY GLY A . n 
A 1 152 GLU 152 155 155 GLU GLU A . n 
A 1 153 ILE 153 156 156 ILE ILE A . n 
A 1 154 TRP 154 157 157 TRP TRP A . n 
A 1 155 VAL 155 158 158 VAL VAL A . n 
A 1 156 VAL 156 159 159 VAL VAL A . n 
A 1 157 ILE 157 160 160 ILE ILE A . n 
A 1 158 GLN 158 161 161 GLN GLN A . n 
A 1 159 THR 159 162 162 THR THR A . n 
A 1 160 LYS 160 163 163 LYS LYS A . n 
A 1 161 GLN 161 164 164 GLN GLN A . n 
A 1 162 GLY 162 165 165 GLY GLY A . n 
A 1 163 ALA 163 166 166 ALA ALA A . n 
A 1 164 LYS 164 167 167 LYS LYS A . n 
A 1 165 SER 165 168 168 SER SER A . n 
A 1 166 LEU 166 169 169 LEU LEU A . n 
A 1 167 ALA 167 170 170 ALA ALA A . n 
A 1 168 LYS 168 171 171 LYS LYS A . n 
A 1 169 TYR 169 172 172 TYR TYR A . n 
A 1 170 MSE 170 173 173 MSE MSE A . n 
A 1 171 LYS 171 174 174 LYS LYS A . n 
A 1 172 ASP 172 175 175 ASP ASP A . n 
A 1 173 VAL 173 176 176 VAL VAL A . n 
A 1 174 PHE 174 177 177 PHE PHE A . n 
A 1 175 GLY 175 178 178 GLY GLY A . n 
A 1 176 ASN 176 179 179 ASN ASN A . n 
A 1 177 VAL 177 180 180 VAL VAL A . n 
A 1 178 GLU 178 181 181 GLU GLU A . n 
A 1 179 THR 179 182 182 THR THR A . n 
A 1 180 VAL 180 183 183 VAL VAL A . n 
A 1 181 THR 181 184 184 THR THR A . n 
A 1 182 ILE 182 185 185 ILE ILE A . n 
A 1 183 LYS 183 186 186 LYS LYS A . n 
A 1 184 GLY 184 187 187 GLY GLY A . n 
A 1 185 GLY 185 188 188 GLY GLY A . n 
A 1 186 TYR 186 189 189 TYR TYR A . n 
A 1 187 ARG 187 190 190 ARG ARG A . n 
A 1 188 VAL 188 191 191 VAL VAL A . n 
A 1 189 LEU 189 192 192 LEU LEU A . n 
A 1 190 LYS 190 193 193 LYS LYS A . n 
A 1 191 SER 191 194 194 SER SER A . n 
A 1 192 LYS 192 195 195 LYS LYS A . n 
A 1 193 LYS 193 196 196 LYS LYS A . n 
A 1 194 LEU 194 197 197 LEU LEU A . n 
# 
loop_
_pdbx_nonpoly_scheme.asym_id 
_pdbx_nonpoly_scheme.entity_id 
_pdbx_nonpoly_scheme.mon_id 
_pdbx_nonpoly_scheme.ndb_seq_num 
_pdbx_nonpoly_scheme.pdb_seq_num 
_pdbx_nonpoly_scheme.auth_seq_num 
_pdbx_nonpoly_scheme.pdb_mon_id 
_pdbx_nonpoly_scheme.auth_mon_id 
_pdbx_nonpoly_scheme.pdb_strand_id 
_pdbx_nonpoly_scheme.pdb_ins_code 
B 2 HOH 1   401 401 HOH HOH A . 
B 2 HOH 2   402 402 HOH HOH A . 
B 2 HOH 3   403 403 HOH HOH A . 
B 2 HOH 4   404 404 HOH HOH A . 
B 2 HOH 5   405 405 HOH HOH A . 
B 2 HOH 6   406 406 HOH HOH A . 
B 2 HOH 7   407 407 HOH HOH A . 
B 2 HOH 8   408 408 HOH HOH A . 
B 2 HOH 9   409 409 HOH HOH A . 
B 2 HOH 10  410 410 HOH HOH A . 
B 2 HOH 11  411 411 HOH HOH A . 
B 2 HOH 12  412 412 HOH HOH A . 
B 2 HOH 13  413 413 HOH HOH A . 
B 2 HOH 14  414 414 HOH HOH A . 
B 2 HOH 15  415 415 HOH HOH A . 
B 2 HOH 16  416 416 HOH HOH A . 
B 2 HOH 17  417 417 HOH HOH A . 
B 2 HOH 18  418 418 HOH HOH A . 
B 2 HOH 19  419 419 HOH HOH A . 
B 2 HOH 20  420 420 HOH HOH A . 
B 2 HOH 21  421 421 HOH HOH A . 
B 2 HOH 22  422 422 HOH HOH A . 
B 2 HOH 23  423 423 HOH HOH A . 
B 2 HOH 24  424 424 HOH HOH A . 
B 2 HOH 25  425 425 HOH HOH A . 
B 2 HOH 26  426 426 HOH HOH A . 
B 2 HOH 27  427 427 HOH HOH A . 
B 2 HOH 28  428 428 HOH HOH A . 
B 2 HOH 29  429 429 HOH HOH A . 
B 2 HOH 30  430 430 HOH HOH A . 
B 2 HOH 31  431 431 HOH HOH A . 
B 2 HOH 32  432 432 HOH HOH A . 
B 2 HOH 33  433 433 HOH HOH A . 
B 2 HOH 34  434 434 HOH HOH A . 
B 2 HOH 35  435 435 HOH HOH A . 
B 2 HOH 36  436 436 HOH HOH A . 
B 2 HOH 37  437 437 HOH HOH A . 
B 2 HOH 38  438 438 HOH HOH A . 
B 2 HOH 39  439 439 HOH HOH A . 
B 2 HOH 40  440 440 HOH HOH A . 
B 2 HOH 41  441 441 HOH HOH A . 
B 2 HOH 42  442 442 HOH HOH A . 
B 2 HOH 43  443 443 HOH HOH A . 
B 2 HOH 44  444 444 HOH HOH A . 
B 2 HOH 45  445 445 HOH HOH A . 
B 2 HOH 46  446 446 HOH HOH A . 
B 2 HOH 47  447 447 HOH HOH A . 
B 2 HOH 48  448 448 HOH HOH A . 
B 2 HOH 49  449 449 HOH HOH A . 
B 2 HOH 50  450 450 HOH HOH A . 
B 2 HOH 51  451 451 HOH HOH A . 
B 2 HOH 52  452 452 HOH HOH A . 
B 2 HOH 53  453 453 HOH HOH A . 
B 2 HOH 54  454 454 HOH HOH A . 
B 2 HOH 55  455 455 HOH HOH A . 
B 2 HOH 56  456 456 HOH HOH A . 
B 2 HOH 57  457 457 HOH HOH A . 
B 2 HOH 58  458 458 HOH HOH A . 
B 2 HOH 59  459 459 HOH HOH A . 
B 2 HOH 60  460 460 HOH HOH A . 
B 2 HOH 61  461 461 HOH HOH A . 
B 2 HOH 62  462 462 HOH HOH A . 
B 2 HOH 63  463 463 HOH HOH A . 
B 2 HOH 64  464 464 HOH HOH A . 
B 2 HOH 65  465 465 HOH HOH A . 
B 2 HOH 66  466 466 HOH HOH A . 
B 2 HOH 67  467 467 HOH HOH A . 
B 2 HOH 68  468 468 HOH HOH A . 
B 2 HOH 69  469 469 HOH HOH A . 
B 2 HOH 70  470 470 HOH HOH A . 
B 2 HOH 71  471 471 HOH HOH A . 
B 2 HOH 72  472 472 HOH HOH A . 
B 2 HOH 73  473 473 HOH HOH A . 
B 2 HOH 74  474 474 HOH HOH A . 
B 2 HOH 75  475 475 HOH HOH A . 
B 2 HOH 76  476 476 HOH HOH A . 
B 2 HOH 77  477 477 HOH HOH A . 
B 2 HOH 78  478 478 HOH HOH A . 
B 2 HOH 79  479 479 HOH HOH A . 
B 2 HOH 80  480 480 HOH HOH A . 
B 2 HOH 81  481 481 HOH HOH A . 
B 2 HOH 82  482 482 HOH HOH A . 
B 2 HOH 83  483 483 HOH HOH A . 
B 2 HOH 84  484 484 HOH HOH A . 
B 2 HOH 85  485 485 HOH HOH A . 
B 2 HOH 86  486 486 HOH HOH A . 
B 2 HOH 87  487 487 HOH HOH A . 
B 2 HOH 88  488 488 HOH HOH A . 
B 2 HOH 89  489 489 HOH HOH A . 
B 2 HOH 90  490 490 HOH HOH A . 
B 2 HOH 91  491 491 HOH HOH A . 
B 2 HOH 92  492 492 HOH HOH A . 
B 2 HOH 93  493 493 HOH HOH A . 
B 2 HOH 94  494 494 HOH HOH A . 
B 2 HOH 95  495 495 HOH HOH A . 
B 2 HOH 96  496 496 HOH HOH A . 
B 2 HOH 97  497 497 HOH HOH A . 
B 2 HOH 98  498 498 HOH HOH A . 
B 2 HOH 99  499 499 HOH HOH A . 
B 2 HOH 100 500 500 HOH HOH A . 
B 2 HOH 101 501 501 HOH HOH A . 
B 2 HOH 102 502 502 HOH HOH A . 
B 2 HOH 103 503 503 HOH HOH A . 
B 2 HOH 104 504 504 HOH HOH A . 
B 2 HOH 105 505 505 HOH HOH A . 
B 2 HOH 106 506 506 HOH HOH A . 
B 2 HOH 107 507 507 HOH HOH A . 
B 2 HOH 108 508 508 HOH HOH A . 
B 2 HOH 109 509 509 HOH HOH A . 
B 2 HOH 110 510 510 HOH HOH A . 
B 2 HOH 111 511 511 HOH HOH A . 
B 2 HOH 112 512 512 HOH HOH A . 
B 2 HOH 113 513 513 HOH HOH A . 
B 2 HOH 114 514 514 HOH HOH A . 
B 2 HOH 115 515 515 HOH HOH A . 
B 2 HOH 116 516 516 HOH HOH A . 
B 2 HOH 117 517 517 HOH HOH A . 
B 2 HOH 118 518 518 HOH HOH A . 
B 2 HOH 119 519 519 HOH HOH A . 
B 2 HOH 120 520 520 HOH HOH A . 
B 2 HOH 121 521 521 HOH HOH A . 
B 2 HOH 122 522 522 HOH HOH A . 
B 2 HOH 123 523 523 HOH HOH A . 
B 2 HOH 124 524 524 HOH HOH A . 
B 2 HOH 125 525 525 HOH HOH A . 
B 2 HOH 126 526 526 HOH HOH A . 
B 2 HOH 127 527 527 HOH HOH A . 
B 2 HOH 128 528 528 HOH HOH A . 
B 2 HOH 129 529 529 HOH HOH A . 
B 2 HOH 130 530 530 HOH HOH A . 
B 2 HOH 131 531 531 HOH HOH A . 
B 2 HOH 132 532 532 HOH HOH A . 
B 2 HOH 133 533 533 HOH HOH A . 
B 2 HOH 134 534 534 HOH HOH A . 
B 2 HOH 135 535 535 HOH HOH A . 
B 2 HOH 136 536 536 HOH HOH A . 
B 2 HOH 137 537 537 HOH HOH A . 
B 2 HOH 138 538 538 HOH HOH A . 
B 2 HOH 139 539 539 HOH HOH A . 
B 2 HOH 140 540 540 HOH HOH A . 
B 2 HOH 141 541 541 HOH HOH A . 
B 2 HOH 142 542 542 HOH HOH A . 
B 2 HOH 143 543 543 HOH HOH A . 
B 2 HOH 144 544 544 HOH HOH A . 
B 2 HOH 145 545 545 HOH HOH A . 
B 2 HOH 146 546 546 HOH HOH A . 
B 2 HOH 147 547 547 HOH HOH A . 
B 2 HOH 148 548 548 HOH HOH A . 
B 2 HOH 149 549 549 HOH HOH A . 
B 2 HOH 150 550 550 HOH HOH A . 
B 2 HOH 151 551 551 HOH HOH A . 
B 2 HOH 152 552 552 HOH HOH A . 
B 2 HOH 153 553 553 HOH HOH A . 
B 2 HOH 154 554 554 HOH HOH A . 
B 2 HOH 155 555 555 HOH HOH A . 
B 2 HOH 156 556 556 HOH HOH A . 
B 2 HOH 157 557 557 HOH HOH A . 
B 2 HOH 158 558 558 HOH HOH A . 
B 2 HOH 159 559 559 HOH HOH A . 
B 2 HOH 160 560 560 HOH HOH A . 
B 2 HOH 161 561 561 HOH HOH A . 
B 2 HOH 162 562 562 HOH HOH A . 
B 2 HOH 163 563 563 HOH HOH A . 
# 
loop_
_software.name 
_software.classification 
_software.version 
_software.citation_id 
_software.pdbx_ordinal 
DENZO     'data reduction' .   ? 1 
SCALEPACK 'data scaling'   .   ? 2 
SOLVE     phasing          .   ? 3 
CNS       refinement       0.9 ? 4 
# 
_cell.entry_id           1DUS 
_cell.length_a           69.340 
_cell.length_b           36.780 
_cell.length_c           68.340 
_cell.angle_alpha        90.00 
_cell.angle_beta         90.00 
_cell.angle_gamma        90.00 
_cell.Z_PDB              4 
_cell.pdbx_unique_axis   ? 
# 
_symmetry.entry_id                         1DUS 
_symmetry.space_group_name_H-M             'P 21 21 2' 
_symmetry.pdbx_full_space_group_name_H-M   ? 
_symmetry.cell_setting                     ? 
_symmetry.Int_Tables_number                18 
_symmetry.space_group_name_Hall            ? 
# 
_exptl.entry_id          1DUS 
_exptl.method            'X-RAY DIFFRACTION' 
_exptl.crystals_number   1 
# 
_exptl_crystal.id                    1 
_exptl_crystal.density_meas          ? 
_exptl_crystal.density_Matthews      1.99 
_exptl_crystal.density_percent_sol   38.05 
_exptl_crystal.description           ? 
_exptl_crystal.F_000                 ? 
_exptl_crystal.preparation           ? 
# 
_exptl_crystal_grow.crystal_id      1 
_exptl_crystal_grow.method          'VAPOR DIFFUSION, HANGING DROP' 
_exptl_crystal_grow.temp            294 
_exptl_crystal_grow.temp_details    ? 
_exptl_crystal_grow.pH              5.13 
_exptl_crystal_grow.pdbx_details    '2.75 M ammonium sulfate, 0.1 M MES, pH 5.13, VAPOR DIFFUSION, HANGING DROP, temperature 294K' 
_exptl_crystal_grow.pdbx_pH_range   . 
# 
_diffrn.id                     1 
_diffrn.ambient_temp           100 
_diffrn.ambient_temp_details   ? 
_diffrn.crystal_id             1 
# 
_diffrn_detector.diffrn_id              1 
_diffrn_detector.detector               CCD 
_diffrn_detector.type                   'ADSC QUANTUM 4' 
_diffrn_detector.pdbx_collection_date   1998-07-31 
_diffrn_detector.details                ? 
# 
_diffrn_radiation.diffrn_id                        1 
_diffrn_radiation.wavelength_id                    1 
_diffrn_radiation.pdbx_monochromatic_or_laue_m_l   M 
_diffrn_radiation.monochromator                    ? 
_diffrn_radiation.pdbx_diffrn_protocol             'SINGLE WAVELENGTH' 
_diffrn_radiation.pdbx_scattering_type             x-ray 
# 
_diffrn_radiation_wavelength.id           1 
_diffrn_radiation_wavelength.wavelength   0.9797 
_diffrn_radiation_wavelength.wt           1.0 
# 
_diffrn_source.diffrn_id                   1 
_diffrn_source.source                      SYNCHROTRON 
_diffrn_source.type                        'ALS BEAMLINE 5.0.2' 
_diffrn_source.pdbx_synchrotron_site       ALS 
_diffrn_source.pdbx_synchrotron_beamline   5.0.2 
_diffrn_source.pdbx_wavelength             0.9797 
_diffrn_source.pdbx_wavelength_list        ? 
# 
_reflns.entry_id                     1DUS 
_reflns.observed_criterion_sigma_I   0 
_reflns.observed_criterion_sigma_F   0 
_reflns.d_resolution_low             20.0 
_reflns.d_resolution_high            1.6 
_reflns.number_obs                   23819 
_reflns.number_all                   23830 
_reflns.percent_possible_obs         99.9 
_reflns.pdbx_Rmerge_I_obs            0.077 
_reflns.pdbx_Rsym_value              ? 
_reflns.pdbx_netI_over_sigmaI        9.4 
_reflns.B_iso_Wilson_estimate        14.8 
_reflns.pdbx_redundancy              8 
_reflns.R_free_details               ? 
_reflns.limit_h_max                  ? 
_reflns.limit_h_min                  ? 
_reflns.limit_k_max                  ? 
_reflns.limit_k_min                  ? 
_reflns.limit_l_max                  ? 
_reflns.limit_l_min                  ? 
_reflns.observed_criterion_F_max     ? 
_reflns.observed_criterion_F_min     ? 
_reflns.pdbx_chi_squared             ? 
_reflns.pdbx_scaling_rejects         ? 
_reflns.pdbx_diffrn_id               1 
_reflns.pdbx_ordinal                 1 
# 
_reflns_shell.d_res_high             1.60 
_reflns_shell.d_res_low              1.63 
_reflns_shell.percent_possible_all   99.2 
_reflns_shell.Rmerge_I_obs           0.32 
_reflns_shell.pdbx_Rsym_value        ? 
_reflns_shell.meanI_over_sigI_obs    ? 
_reflns_shell.pdbx_redundancy        8 
_reflns_shell.percent_possible_obs   ? 
_reflns_shell.number_unique_all      1153 
_reflns_shell.number_measured_all    ? 
_reflns_shell.number_measured_obs    ? 
_reflns_shell.number_unique_obs      ? 
_reflns_shell.pdbx_chi_squared       ? 
_reflns_shell.pdbx_diffrn_id         ? 
_reflns_shell.pdbx_ordinal           1 
# 
_refine.entry_id                                 1DUS 
_refine.ls_number_reflns_obs                     16370 
_refine.ls_number_reflns_all                     16808 
_refine.pdbx_ls_sigma_I                          2.0 
_refine.pdbx_ls_sigma_F                          2.0 
_refine.pdbx_data_cutoff_high_absF               543599.17 
_refine.pdbx_data_cutoff_low_absF                0.00 
_refine.ls_d_res_low                             19.57 
_refine.ls_d_res_high                            1.80 
_refine.ls_percent_reflns_obs                    97.4 
_refine.ls_R_factor_obs                          0.188 
_refine.ls_R_factor_all                          0.192 
_refine.ls_R_factor_R_work                       0.188 
_refine.ls_R_factor_R_free                       0.235 
_refine.ls_R_factor_R_free_error                 0.006 
_refine.ls_R_factor_R_free_error_details         ? 
_refine.ls_percent_reflns_R_free                 9.8 
_refine.ls_number_reflns_R_free                  1609 
_refine.ls_number_parameters                     ? 
_refine.ls_number_restraints                     ? 
_refine.occupancy_min                            ? 
_refine.occupancy_max                            ? 
_refine.B_iso_mean                               23.2 
_refine.aniso_B[1][1]                            1.90 
_refine.aniso_B[2][2]                            -0.15 
_refine.aniso_B[3][3]                            -1.76 
_refine.aniso_B[1][2]                            0.00 
_refine.aniso_B[1][3]                            0.00 
_refine.aniso_B[2][3]                            0.00 
_refine.solvent_model_details                    'FLAT MODEL' 
_refine.solvent_model_param_ksol                 0.385 
_refine.solvent_model_param_bsol                 50.36 
_refine.pdbx_ls_cross_valid_method               THROUGHOUT 
_refine.details                                  ? 
_refine.pdbx_starting_model                      ? 
_refine.pdbx_method_to_determine_struct          ? 
_refine.pdbx_isotropic_thermal_model             RESTRAINED 
_refine.pdbx_stereochemistry_target_values       'Engh & Huber' 
_refine.pdbx_stereochem_target_val_spec_case     ? 
_refine.pdbx_R_Free_selection_details            RANDOM 
_refine.pdbx_overall_ESU_R_Free                  ? 
_refine.overall_SU_B                             ? 
_refine.ls_redundancy_reflns_obs                 ? 
_refine.B_iso_min                                ? 
_refine.B_iso_max                                ? 
_refine.overall_SU_ML                            ? 
_refine.pdbx_overall_ESU_R                       ? 
_refine.pdbx_data_cutoff_high_rms_absF           ? 
_refine.correlation_coeff_Fo_to_Fc               ? 
_refine.correlation_coeff_Fo_to_Fc_free          ? 
_refine.pdbx_solvent_vdw_probe_radii             ? 
_refine.pdbx_solvent_ion_probe_radii             ? 
_refine.pdbx_solvent_shrinkage_radii             ? 
_refine.overall_SU_R_Cruickshank_DPI             ? 
_refine.overall_SU_R_free                        ? 
_refine.ls_wR_factor_R_free                      ? 
_refine.ls_wR_factor_R_work                      ? 
_refine.overall_FOM_free_R_set                   ? 
_refine.overall_FOM_work_R_set                   ? 
_refine.pdbx_refine_id                           'X-RAY DIFFRACTION' 
_refine.pdbx_diffrn_id                           1 
_refine.pdbx_TLS_residual_ADP_flag               ? 
_refine.pdbx_overall_phase_error                 ? 
_refine.pdbx_overall_SU_R_free_Cruickshank_DPI   ? 
_refine.pdbx_overall_SU_R_Blow_DPI               ? 
_refine.pdbx_overall_SU_R_free_Blow_DPI          ? 
# 
_refine_analyze.entry_id                        1DUS 
_refine_analyze.Luzzati_coordinate_error_obs    0.18 
_refine_analyze.Luzzati_sigma_a_obs             0.03 
_refine_analyze.Luzzati_d_res_low_obs           5.00 
_refine_analyze.Luzzati_coordinate_error_free   0.23 
_refine_analyze.Luzzati_sigma_a_free            0.06 
_refine_analyze.Luzzati_d_res_low_free          ? 
_refine_analyze.number_disordered_residues      ? 
_refine_analyze.occupancy_sum_hydrogen          ? 
_refine_analyze.occupancy_sum_non_hydrogen      ? 
_refine_analyze.pdbx_Luzzati_d_res_high_obs     ? 
_refine_analyze.pdbx_refine_id                  'X-RAY DIFFRACTION' 
# 
_refine_hist.pdbx_refine_id                   'X-RAY DIFFRACTION' 
_refine_hist.cycle_id                         LAST 
_refine_hist.pdbx_number_atoms_protein        1534 
_refine_hist.pdbx_number_atoms_nucleic_acid   0 
_refine_hist.pdbx_number_atoms_ligand         0 
_refine_hist.number_atoms_solvent             163 
_refine_hist.number_atoms_total               1697 
_refine_hist.d_res_high                       1.80 
_refine_hist.d_res_low                        19.57 
# 
loop_
_refine_ls_restr.type 
_refine_ls_restr.dev_ideal 
_refine_ls_restr.dev_ideal_target 
_refine_ls_restr.weight 
_refine_ls_restr.number 
_refine_ls_restr.pdbx_refine_id 
_refine_ls_restr.pdbx_restraint_function 
c_bond_d           0.010 ?    ? ? 'X-RAY DIFFRACTION' ? 
c_angle_deg        1.7   ?    ? ? 'X-RAY DIFFRACTION' ? 
c_dihedral_angle_d 23.9  ?    ? ? 'X-RAY DIFFRACTION' ? 
c_improper_angle_d 0.92  ?    ? ? 'X-RAY DIFFRACTION' ? 
c_mcbond_it        2.43  2.00 ? ? 'X-RAY DIFFRACTION' ? 
c_mcangle_it       3.20  2.50 ? ? 'X-RAY DIFFRACTION' ? 
c_scbond_it        3.35  2.00 ? ? 'X-RAY DIFFRACTION' ? 
c_scangle_it       5.01  2.50 ? ? 'X-RAY DIFFRACTION' ? 
# 
_refine_ls_shell.pdbx_total_number_of_bins_used   6 
_refine_ls_shell.d_res_high                       1.80 
_refine_ls_shell.d_res_low                        1.91 
_refine_ls_shell.number_reflns_R_work             2270 
_refine_ls_shell.R_factor_R_work                  0.173 
_refine_ls_shell.percent_reflns_obs               92.0 
_refine_ls_shell.R_factor_R_free                  0.231 
_refine_ls_shell.R_factor_R_free_error            0.015 
_refine_ls_shell.percent_reflns_R_free            10.0 
_refine_ls_shell.number_reflns_R_free             253 
_refine_ls_shell.redundancy_reflns_obs            ? 
_refine_ls_shell.number_reflns_all                ? 
_refine_ls_shell.number_reflns_obs                ? 
_refine_ls_shell.pdbx_refine_id                   'X-RAY DIFFRACTION' 
_refine_ls_shell.R_factor_all                     ? 
# 
loop_
_pdbx_xplor_file.serial_no 
_pdbx_xplor_file.param_file 
_pdbx_xplor_file.topol_file 
_pdbx_xplor_file.pdbx_refine_id 
1 PROTEIN_REP.PARAM PROTEIN.TOP   'X-RAY DIFFRACTION' 
2 WATER_REP.PARAM   WATER_REP.TOP 'X-RAY DIFFRACTION' 
3 ION.PARAM         ION.TOP       'X-RAY DIFFRACTION' 
# 
_struct.entry_id                  1DUS 
_struct.title                     'MJ0882-A hypothetical protein from M. jannaschii' 
_struct.pdbx_model_details        ? 
_struct.pdbx_CASP_flag            ? 
_struct.pdbx_model_type_details   ? 
# 
_struct_keywords.entry_id        1DUS 
_struct_keywords.pdbx_keywords   'STRUCTURAL GENOMICS' 
_struct_keywords.text            
;Hypothetical protein, Methanococcus jannaschii, Structural Genomics, BSGC structure funded by NIH, Protein Structure Initiative, PSI, Berkeley Structural Genomics Center
;
# 
loop_
_struct_asym.id 
_struct_asym.pdbx_blank_PDB_chainid_flag 
_struct_asym.pdbx_modified 
_struct_asym.entity_id 
_struct_asym.details 
A N N 1 ? 
B N N 2 ? 
# 
_struct_ref.id                         1 
_struct_ref.db_name                    UNP 
_struct_ref.db_code                    Y882_METJA 
_struct_ref.entity_id                  1 
_struct_ref.pdbx_db_accession          Q58292 
_struct_ref.pdbx_align_begin           ? 
_struct_ref.pdbx_seq_one_letter_code   ? 
_struct_ref.pdbx_db_isoform            ? 
# 
_struct_ref_seq.align_id                      1 
_struct_ref_seq.ref_id                        1 
_struct_ref_seq.pdbx_PDB_id_code              1DUS 
_struct_ref_seq.pdbx_strand_id                A 
_struct_ref_seq.seq_align_beg                 1 
_struct_ref_seq.pdbx_seq_align_beg_ins_code   ? 
_struct_ref_seq.seq_align_end                 194 
_struct_ref_seq.pdbx_seq_align_end_ins_code   ? 
_struct_ref_seq.pdbx_db_accession             Q58292 
_struct_ref_seq.db_align_beg                  4 
_struct_ref_seq.pdbx_db_align_beg_ins_code    ? 
_struct_ref_seq.db_align_end                  197 
_struct_ref_seq.pdbx_db_align_end_ins_code    ? 
_struct_ref_seq.pdbx_auth_seq_align_beg       4 
_struct_ref_seq.pdbx_auth_seq_align_end       197 
# 
loop_
_struct_ref_seq_dif.align_id 
_struct_ref_seq_dif.pdbx_pdb_id_code 
_struct_ref_seq_dif.mon_id 
_struct_ref_seq_dif.pdbx_pdb_strand_id 
_struct_ref_seq_dif.seq_num 
_struct_ref_seq_dif.pdbx_pdb_ins_code 
_struct_ref_seq_dif.pdbx_seq_db_name 
_struct_ref_seq_dif.pdbx_seq_db_accession_code 
_struct_ref_seq_dif.db_mon_id 
_struct_ref_seq_dif.pdbx_seq_db_seq_num 
_struct_ref_seq_dif.details 
_struct_ref_seq_dif.pdbx_auth_seq_num 
_struct_ref_seq_dif.pdbx_ordinal 
1 1DUS MSE A 79  ? UNP Q58292 MET 82  'modified residue' 82  1 
1 1DUS MSE A 170 ? UNP Q58292 MET 173 'modified residue' 173 2 
# 
_pdbx_struct_assembly.id                   1 
_pdbx_struct_assembly.details              author_defined_assembly 
_pdbx_struct_assembly.method_details       ? 
_pdbx_struct_assembly.oligomeric_details   monomeric 
_pdbx_struct_assembly.oligomeric_count     1 
# 
_pdbx_struct_assembly_gen.assembly_id       1 
_pdbx_struct_assembly_gen.oper_expression   1 
_pdbx_struct_assembly_gen.asym_id_list      A,B 
# 
_pdbx_struct_oper_list.id                   1 
_pdbx_struct_oper_list.type                 'identity operation' 
_pdbx_struct_oper_list.name                 1_555 
_pdbx_struct_oper_list.symmetry_operation   x,y,z 
_pdbx_struct_oper_list.matrix[1][1]         1.0000000000 
_pdbx_struct_oper_list.matrix[1][2]         0.0000000000 
_pdbx_struct_oper_list.matrix[1][3]         0.0000000000 
_pdbx_struct_oper_list.vector[1]            0.0000000000 
_pdbx_struct_oper_list.matrix[2][1]         0.0000000000 
_pdbx_struct_oper_list.matrix[2][2]         1.0000000000 
_pdbx_struct_oper_list.matrix[2][3]         0.0000000000 
_pdbx_struct_oper_list.vector[2]            0.0000000000 
_pdbx_struct_oper_list.matrix[3][1]         0.0000000000 
_pdbx_struct_oper_list.matrix[3][2]         0.0000000000 
_pdbx_struct_oper_list.matrix[3][3]         1.0000000000 
_pdbx_struct_oper_list.vector[3]            0.0000000000 
# 
_struct_biol.id                    1 
_struct_biol.details               ? 
_struct_biol.pdbx_parent_biol_id   ? 
# 
loop_
_struct_conf.conf_type_id 
_struct_conf.id 
_struct_conf.pdbx_PDB_helix_id 
_struct_conf.beg_label_comp_id 
_struct_conf.beg_label_asym_id 
_struct_conf.beg_label_seq_id 
_struct_conf.pdbx_beg_PDB_ins_code 
_struct_conf.end_label_comp_id 
_struct_conf.end_label_asym_id 
_struct_conf.end_label_seq_id 
_struct_conf.pdbx_end_PDB_ins_code 
_struct_conf.beg_auth_comp_id 
_struct_conf.beg_auth_asym_id 
_struct_conf.beg_auth_seq_id 
_struct_conf.end_auth_comp_id 
_struct_conf.end_auth_asym_id 
_struct_conf.end_auth_seq_id 
_struct_conf.pdbx_PDB_helix_class 
_struct_conf.details 
_struct_conf.pdbx_PDB_helix_length 
HELX_P HELX_P1 1 ASP A 38  ? VAL A 48  ? ASP A 41  VAL A 51  1 ? 11 
HELX_P HELX_P2 2 GLY A 64  ? ALA A 71  ? GLY A 67  ALA A 74  1 ? 8  
HELX_P HELX_P3 3 ASP A 72  ? VAL A 74  ? ASP A 75  VAL A 77  5 ? 3  
HELX_P HELX_P4 4 ASN A 83  ? ASN A 97  ? ASN A 86  ASN A 100 1 ? 15 
HELX_P HELX_P5 5 GLY A 132 ? LEU A 146 ? GLY A 135 LEU A 149 1 ? 15 
HELX_P HELX_P6 6 LYS A 160 ? GLY A 175 ? LYS A 163 GLY A 178 1 ? 16 
# 
_struct_conf_type.id          HELX_P 
_struct_conf_type.criteria    ? 
_struct_conf_type.reference   ? 
# 
loop_
_struct_conn.id 
_struct_conn.conn_type_id 
_struct_conn.pdbx_leaving_atom_flag 
_struct_conn.pdbx_PDB_id 
_struct_conn.ptnr1_label_asym_id 
_struct_conn.ptnr1_label_comp_id 
_struct_conn.ptnr1_label_seq_id 
_struct_conn.ptnr1_label_atom_id 
_struct_conn.pdbx_ptnr1_label_alt_id 
_struct_conn.pdbx_ptnr1_PDB_ins_code 
_struct_conn.pdbx_ptnr1_standard_comp_id 
_struct_conn.ptnr1_symmetry 
_struct_conn.ptnr2_label_asym_id 
_struct_conn.ptnr2_label_comp_id 
_struct_conn.ptnr2_label_seq_id 
_struct_conn.ptnr2_label_atom_id 
_struct_conn.pdbx_ptnr2_label_alt_id 
_struct_conn.pdbx_ptnr2_PDB_ins_code 
_struct_conn.ptnr1_auth_asym_id 
_struct_conn.ptnr1_auth_comp_id 
_struct_conn.ptnr1_auth_seq_id 
_struct_conn.ptnr2_auth_asym_id 
_struct_conn.ptnr2_auth_comp_id 
_struct_conn.ptnr2_auth_seq_id 
_struct_conn.ptnr2_symmetry 
_struct_conn.pdbx_ptnr3_label_atom_id 
_struct_conn.pdbx_ptnr3_label_seq_id 
_struct_conn.pdbx_ptnr3_label_comp_id 
_struct_conn.pdbx_ptnr3_label_asym_id 
_struct_conn.pdbx_ptnr3_label_alt_id 
_struct_conn.pdbx_ptnr3_PDB_ins_code 
_struct_conn.details 
_struct_conn.pdbx_dist_value 
_struct_conn.pdbx_value_order 
_struct_conn.pdbx_role 
covale1 covale both ? A THR 78  C ? ? ? 1_555 A MSE 79  N ? ? A THR 81  A MSE 82  1_555 ? ? ? ? ? ? ? 1.335 ? ? 
covale2 covale both ? A MSE 79  C ? ? ? 1_555 A ALA 80  N ? ? A MSE 82  A ALA 83  1_555 ? ? ? ? ? ? ? 1.323 ? ? 
covale3 covale both ? A TYR 169 C ? ? ? 1_555 A MSE 170 N ? ? A TYR 172 A MSE 173 1_555 ? ? ? ? ? ? ? 1.331 ? ? 
covale4 covale both ? A MSE 170 C ? ? ? 1_555 A LYS 171 N ? ? A MSE 173 A LYS 174 1_555 ? ? ? ? ? ? ? 1.327 ? ? 
# 
_struct_conn_type.id          covale 
_struct_conn_type.criteria    ? 
_struct_conn_type.reference   ? 
# 
loop_
_pdbx_modification_feature.ordinal 
_pdbx_modification_feature.label_comp_id 
_pdbx_modification_feature.label_asym_id 
_pdbx_modification_feature.label_seq_id 
_pdbx_modification_feature.label_alt_id 
_pdbx_modification_feature.modified_residue_label_comp_id 
_pdbx_modification_feature.modified_residue_label_asym_id 
_pdbx_modification_feature.modified_residue_label_seq_id 
_pdbx_modification_feature.modified_residue_label_alt_id 
_pdbx_modification_feature.auth_comp_id 
_pdbx_modification_feature.auth_asym_id 
_pdbx_modification_feature.auth_seq_id 
_pdbx_modification_feature.PDB_ins_code 
_pdbx_modification_feature.symmetry 
_pdbx_modification_feature.modified_residue_auth_comp_id 
_pdbx_modification_feature.modified_residue_auth_asym_id 
_pdbx_modification_feature.modified_residue_auth_seq_id 
_pdbx_modification_feature.modified_residue_PDB_ins_code 
_pdbx_modification_feature.modified_residue_symmetry 
_pdbx_modification_feature.comp_id_linking_atom 
_pdbx_modification_feature.modified_residue_id_linking_atom 
_pdbx_modification_feature.modified_residue_id 
_pdbx_modification_feature.ref_pcm_id 
_pdbx_modification_feature.ref_comp_id 
_pdbx_modification_feature.type 
_pdbx_modification_feature.category 
1 MSE A 79  ? . . . . MSE A 82  ? 1_555 . . . . . . . MET 1 MSE Selenomethionine 'Named protein modification' 
2 MSE A 170 ? . . . . MSE A 173 ? 1_555 . . . . . . . MET 1 MSE Selenomethionine 'Named protein modification' 
# 
loop_
_struct_sheet.id 
_struct_sheet.type 
_struct_sheet.number_strands 
_struct_sheet.details 
A ? 2 ? 
B ? 7 ? 
# 
loop_
_struct_sheet_order.sheet_id 
_struct_sheet_order.range_id_1 
_struct_sheet_order.range_id_2 
_struct_sheet_order.offset 
_struct_sheet_order.sense 
A 1 2 ? anti-parallel 
B 1 2 ? parallel      
B 2 3 ? parallel      
B 3 4 ? parallel      
B 4 5 ? parallel      
B 5 6 ? anti-parallel 
B 6 7 ? anti-parallel 
# 
loop_
_struct_sheet_range.sheet_id 
_struct_sheet_range.id 
_struct_sheet_range.beg_label_comp_id 
_struct_sheet_range.beg_label_asym_id 
_struct_sheet_range.beg_label_seq_id 
_struct_sheet_range.pdbx_beg_PDB_ins_code 
_struct_sheet_range.end_label_comp_id 
_struct_sheet_range.end_label_asym_id 
_struct_sheet_range.end_label_seq_id 
_struct_sheet_range.pdbx_end_PDB_ins_code 
_struct_sheet_range.beg_auth_comp_id 
_struct_sheet_range.beg_auth_asym_id 
_struct_sheet_range.beg_auth_seq_id 
_struct_sheet_range.end_auth_comp_id 
_struct_sheet_range.end_auth_asym_id 
_struct_sheet_range.end_auth_seq_id 
A 1 VAL A 11  ? LEU A 18  ? VAL A 14  LEU A 21  
A 2 LYS A 21  ? ASP A 28  ? LYS A 24  ASP A 31  
B 1 ILE A 104 ? HIS A 108 ? ILE A 107 HIS A 111 
B 2 SER A 76  ? ASP A 81  ? SER A 79  ASP A 84  
B 3 ASP A 55  ? LEU A 59  ? ASP A 58  LEU A 62  
B 4 TYR A 120 ? THR A 125 ? TYR A 123 THR A 128 
B 5 LEU A 147 ? GLN A 158 ? LEU A 150 GLN A 161 
B 6 TYR A 186 ? LYS A 192 ? TYR A 189 LYS A 195 
B 7 GLU A 178 ? LYS A 183 ? GLU A 181 LYS A 186 
# 
loop_
_pdbx_struct_sheet_hbond.sheet_id 
_pdbx_struct_sheet_hbond.range_id_1 
_pdbx_struct_sheet_hbond.range_id_2 
_pdbx_struct_sheet_hbond.range_1_label_atom_id 
_pdbx_struct_sheet_hbond.range_1_label_comp_id 
_pdbx_struct_sheet_hbond.range_1_label_asym_id 
_pdbx_struct_sheet_hbond.range_1_label_seq_id 
_pdbx_struct_sheet_hbond.range_1_PDB_ins_code 
_pdbx_struct_sheet_hbond.range_1_auth_atom_id 
_pdbx_struct_sheet_hbond.range_1_auth_comp_id 
_pdbx_struct_sheet_hbond.range_1_auth_asym_id 
_pdbx_struct_sheet_hbond.range_1_auth_seq_id 
_pdbx_struct_sheet_hbond.range_2_label_atom_id 
_pdbx_struct_sheet_hbond.range_2_label_comp_id 
_pdbx_struct_sheet_hbond.range_2_label_asym_id 
_pdbx_struct_sheet_hbond.range_2_label_seq_id 
_pdbx_struct_sheet_hbond.range_2_PDB_ins_code 
_pdbx_struct_sheet_hbond.range_2_auth_atom_id 
_pdbx_struct_sheet_hbond.range_2_auth_comp_id 
_pdbx_struct_sheet_hbond.range_2_auth_asym_id 
_pdbx_struct_sheet_hbond.range_2_auth_seq_id 
A 1 2 O LEU A 18  ? O LEU A 21  N LYS A 21  ? N LYS A 24  
B 1 2 N ARG A 105 ? N ARG A 108 O THR A 77  ? O THR A 80  
B 2 3 O SER A 76  ? O SER A 79  N ILE A 56  ? N ILE A 59  
B 3 4 O ASP A 55  ? O ASP A 58  N ASN A 121 ? N ASN A 124 
B 4 5 O TYR A 120 ? O TYR A 123 N LYS A 148 ? N LYS A 151 
B 5 6 O ILE A 157 ? O ILE A 160 N ARG A 187 ? N ARG A 190 
B 6 7 N LYS A 190 ? N LYS A 193 O GLU A 178 ? O GLU A 181 
# 
_pdbx_entry_details.entry_id                   1DUS 
_pdbx_entry_details.compound_details           ? 
_pdbx_entry_details.source_details             ? 
_pdbx_entry_details.nonpolymer_details         ? 
_pdbx_entry_details.sequence_details           ? 
_pdbx_entry_details.has_ligand_of_interest     ? 
_pdbx_entry_details.has_protein_modification   Y 
# 
loop_
_pdbx_validate_symm_contact.id 
_pdbx_validate_symm_contact.PDB_model_num 
_pdbx_validate_symm_contact.auth_atom_id_1 
_pdbx_validate_symm_contact.auth_asym_id_1 
_pdbx_validate_symm_contact.auth_comp_id_1 
_pdbx_validate_symm_contact.auth_seq_id_1 
_pdbx_validate_symm_contact.PDB_ins_code_1 
_pdbx_validate_symm_contact.label_alt_id_1 
_pdbx_validate_symm_contact.site_symmetry_1 
_pdbx_validate_symm_contact.auth_atom_id_2 
_pdbx_validate_symm_contact.auth_asym_id_2 
_pdbx_validate_symm_contact.auth_comp_id_2 
_pdbx_validate_symm_contact.auth_seq_id_2 
_pdbx_validate_symm_contact.PDB_ins_code_2 
_pdbx_validate_symm_contact.label_alt_id_2 
_pdbx_validate_symm_contact.site_symmetry_2 
_pdbx_validate_symm_contact.dist 
1 1 O   A HOH 401 ? ? 1_555 O A HOH 507 ? ? 3_545 2.07 
2 1 OE1 A GLU 137 ? ? 1_555 O A HOH 405 ? ? 2_665 2.13 
# 
loop_
_pdbx_validate_torsion.id 
_pdbx_validate_torsion.PDB_model_num 
_pdbx_validate_torsion.auth_comp_id 
_pdbx_validate_torsion.auth_asym_id 
_pdbx_validate_torsion.auth_seq_id 
_pdbx_validate_torsion.PDB_ins_code 
_pdbx_validate_torsion.label_alt_id 
_pdbx_validate_torsion.phi 
_pdbx_validate_torsion.psi 
1 1 LEU A 114 ? ? 54.27  -122.95 
2 1 THR A 162 ? ? -33.04 -174.09 
3 1 LYS A 163 ? ? 72.64  -136.17 
# 
_pdbx_SG_project.id                    1 
_pdbx_SG_project.project_name          'PSI, Protein Structure Initiative' 
_pdbx_SG_project.full_name_of_center   'Berkeley Structural Genomics Center' 
_pdbx_SG_project.initial_of_center     BSGC 
# 
loop_
_pdbx_struct_mod_residue.id 
_pdbx_struct_mod_residue.label_asym_id 
_pdbx_struct_mod_residue.label_comp_id 
_pdbx_struct_mod_residue.label_seq_id 
_pdbx_struct_mod_residue.auth_asym_id 
_pdbx_struct_mod_residue.auth_comp_id 
_pdbx_struct_mod_residue.auth_seq_id 
_pdbx_struct_mod_residue.PDB_ins_code 
_pdbx_struct_mod_residue.parent_comp_id 
_pdbx_struct_mod_residue.details 
1 A MSE 79  A MSE 82  ? MET SELENOMETHIONINE 
2 A MSE 170 A MSE 173 ? MET SELENOMETHIONINE 
# 
_pdbx_struct_special_symmetry.id              1 
_pdbx_struct_special_symmetry.PDB_model_num   1 
_pdbx_struct_special_symmetry.auth_asym_id    A 
_pdbx_struct_special_symmetry.auth_comp_id    HOH 
_pdbx_struct_special_symmetry.auth_seq_id     462 
_pdbx_struct_special_symmetry.PDB_ins_code    ? 
_pdbx_struct_special_symmetry.label_asym_id   B 
_pdbx_struct_special_symmetry.label_comp_id   HOH 
_pdbx_struct_special_symmetry.label_seq_id    . 
# 
loop_
_chem_comp_atom.comp_id 
_chem_comp_atom.atom_id 
_chem_comp_atom.type_symbol 
_chem_comp_atom.pdbx_aromatic_flag 
_chem_comp_atom.pdbx_stereo_config 
_chem_comp_atom.pdbx_ordinal 
ALA N    N  N N 1   
ALA CA   C  N S 2   
ALA C    C  N N 3   
ALA O    O  N N 4   
ALA CB   C  N N 5   
ALA OXT  O  N N 6   
ALA H    H  N N 7   
ALA H2   H  N N 8   
ALA HA   H  N N 9   
ALA HB1  H  N N 10  
ALA HB2  H  N N 11  
ALA HB3  H  N N 12  
ALA HXT  H  N N 13  
ARG N    N  N N 14  
ARG CA   C  N S 15  
ARG C    C  N N 16  
ARG O    O  N N 17  
ARG CB   C  N N 18  
ARG CG   C  N N 19  
ARG CD   C  N N 20  
ARG NE   N  N N 21  
ARG CZ   C  N N 22  
ARG NH1  N  N N 23  
ARG NH2  N  N N 24  
ARG OXT  O  N N 25  
ARG H    H  N N 26  
ARG H2   H  N N 27  
ARG HA   H  N N 28  
ARG HB2  H  N N 29  
ARG HB3  H  N N 30  
ARG HG2  H  N N 31  
ARG HG3  H  N N 32  
ARG HD2  H  N N 33  
ARG HD3  H  N N 34  
ARG HE   H  N N 35  
ARG HH11 H  N N 36  
ARG HH12 H  N N 37  
ARG HH21 H  N N 38  
ARG HH22 H  N N 39  
ARG HXT  H  N N 40  
ASN N    N  N N 41  
ASN CA   C  N S 42  
ASN C    C  N N 43  
ASN O    O  N N 44  
ASN CB   C  N N 45  
ASN CG   C  N N 46  
ASN OD1  O  N N 47  
ASN ND2  N  N N 48  
ASN OXT  O  N N 49  
ASN H    H  N N 50  
ASN H2   H  N N 51  
ASN HA   H  N N 52  
ASN HB2  H  N N 53  
ASN HB3  H  N N 54  
ASN HD21 H  N N 55  
ASN HD22 H  N N 56  
ASN HXT  H  N N 57  
ASP N    N  N N 58  
ASP CA   C  N S 59  
ASP C    C  N N 60  
ASP O    O  N N 61  
ASP CB   C  N N 62  
ASP CG   C  N N 63  
ASP OD1  O  N N 64  
ASP OD2  O  N N 65  
ASP OXT  O  N N 66  
ASP H    H  N N 67  
ASP H2   H  N N 68  
ASP HA   H  N N 69  
ASP HB2  H  N N 70  
ASP HB3  H  N N 71  
ASP HD2  H  N N 72  
ASP HXT  H  N N 73  
CYS N    N  N N 74  
CYS CA   C  N R 75  
CYS C    C  N N 76  
CYS O    O  N N 77  
CYS CB   C  N N 78  
CYS SG   S  N N 79  
CYS OXT  O  N N 80  
CYS H    H  N N 81  
CYS H2   H  N N 82  
CYS HA   H  N N 83  
CYS HB2  H  N N 84  
CYS HB3  H  N N 85  
CYS HG   H  N N 86  
CYS HXT  H  N N 87  
GLN N    N  N N 88  
GLN CA   C  N S 89  
GLN C    C  N N 90  
GLN O    O  N N 91  
GLN CB   C  N N 92  
GLN CG   C  N N 93  
GLN CD   C  N N 94  
GLN OE1  O  N N 95  
GLN NE2  N  N N 96  
GLN OXT  O  N N 97  
GLN H    H  N N 98  
GLN H2   H  N N 99  
GLN HA   H  N N 100 
GLN HB2  H  N N 101 
GLN HB3  H  N N 102 
GLN HG2  H  N N 103 
GLN HG3  H  N N 104 
GLN HE21 H  N N 105 
GLN HE22 H  N N 106 
GLN HXT  H  N N 107 
GLU N    N  N N 108 
GLU CA   C  N S 109 
GLU C    C  N N 110 
GLU O    O  N N 111 
GLU CB   C  N N 112 
GLU CG   C  N N 113 
GLU CD   C  N N 114 
GLU OE1  O  N N 115 
GLU OE2  O  N N 116 
GLU OXT  O  N N 117 
GLU H    H  N N 118 
GLU H2   H  N N 119 
GLU HA   H  N N 120 
GLU HB2  H  N N 121 
GLU HB3  H  N N 122 
GLU HG2  H  N N 123 
GLU HG3  H  N N 124 
GLU HE2  H  N N 125 
GLU HXT  H  N N 126 
GLY N    N  N N 127 
GLY CA   C  N N 128 
GLY C    C  N N 129 
GLY O    O  N N 130 
GLY OXT  O  N N 131 
GLY H    H  N N 132 
GLY H2   H  N N 133 
GLY HA2  H  N N 134 
GLY HA3  H  N N 135 
GLY HXT  H  N N 136 
HIS N    N  N N 137 
HIS CA   C  N S 138 
HIS C    C  N N 139 
HIS O    O  N N 140 
HIS CB   C  N N 141 
HIS CG   C  Y N 142 
HIS ND1  N  Y N 143 
HIS CD2  C  Y N 144 
HIS CE1  C  Y N 145 
HIS NE2  N  Y N 146 
HIS OXT  O  N N 147 
HIS H    H  N N 148 
HIS H2   H  N N 149 
HIS HA   H  N N 150 
HIS HB2  H  N N 151 
HIS HB3  H  N N 152 
HIS HD1  H  N N 153 
HIS HD2  H  N N 154 
HIS HE1  H  N N 155 
HIS HE2  H  N N 156 
HIS HXT  H  N N 157 
HOH O    O  N N 158 
HOH H1   H  N N 159 
HOH H2   H  N N 160 
ILE N    N  N N 161 
ILE CA   C  N S 162 
ILE C    C  N N 163 
ILE O    O  N N 164 
ILE CB   C  N S 165 
ILE CG1  C  N N 166 
ILE CG2  C  N N 167 
ILE CD1  C  N N 168 
ILE OXT  O  N N 169 
ILE H    H  N N 170 
ILE H2   H  N N 171 
ILE HA   H  N N 172 
ILE HB   H  N N 173 
ILE HG12 H  N N 174 
ILE HG13 H  N N 175 
ILE HG21 H  N N 176 
ILE HG22 H  N N 177 
ILE HG23 H  N N 178 
ILE HD11 H  N N 179 
ILE HD12 H  N N 180 
ILE HD13 H  N N 181 
ILE HXT  H  N N 182 
LEU N    N  N N 183 
LEU CA   C  N S 184 
LEU C    C  N N 185 
LEU O    O  N N 186 
LEU CB   C  N N 187 
LEU CG   C  N N 188 
LEU CD1  C  N N 189 
LEU CD2  C  N N 190 
LEU OXT  O  N N 191 
LEU H    H  N N 192 
LEU H2   H  N N 193 
LEU HA   H  N N 194 
LEU HB2  H  N N 195 
LEU HB3  H  N N 196 
LEU HG   H  N N 197 
LEU HD11 H  N N 198 
LEU HD12 H  N N 199 
LEU HD13 H  N N 200 
LEU HD21 H  N N 201 
LEU HD22 H  N N 202 
LEU HD23 H  N N 203 
LEU HXT  H  N N 204 
LYS N    N  N N 205 
LYS CA   C  N S 206 
LYS C    C  N N 207 
LYS O    O  N N 208 
LYS CB   C  N N 209 
LYS CG   C  N N 210 
LYS CD   C  N N 211 
LYS CE   C  N N 212 
LYS NZ   N  N N 213 
LYS OXT  O  N N 214 
LYS H    H  N N 215 
LYS H2   H  N N 216 
LYS HA   H  N N 217 
LYS HB2  H  N N 218 
LYS HB3  H  N N 219 
LYS HG2  H  N N 220 
LYS HG3  H  N N 221 
LYS HD2  H  N N 222 
LYS HD3  H  N N 223 
LYS HE2  H  N N 224 
LYS HE3  H  N N 225 
LYS HZ1  H  N N 226 
LYS HZ2  H  N N 227 
LYS HZ3  H  N N 228 
LYS HXT  H  N N 229 
MET N    N  N N 230 
MET CA   C  N S 231 
MET C    C  N N 232 
MET O    O  N N 233 
MET CB   C  N N 234 
MET CG   C  N N 235 
MET SD   S  N N 236 
MET CE   C  N N 237 
MET OXT  O  N N 238 
MET H    H  N N 239 
MET H2   H  N N 240 
MET HA   H  N N 241 
MET HB2  H  N N 242 
MET HB3  H  N N 243 
MET HG2  H  N N 244 
MET HG3  H  N N 245 
MET HE1  H  N N 246 
MET HE2  H  N N 247 
MET HE3  H  N N 248 
MET HXT  H  N N 249 
MSE N    N  N N 250 
MSE CA   C  N S 251 
MSE C    C  N N 252 
MSE O    O  N N 253 
MSE OXT  O  N N 254 
MSE CB   C  N N 255 
MSE CG   C  N N 256 
MSE SE   SE N N 257 
MSE CE   C  N N 258 
MSE H    H  N N 259 
MSE H2   H  N N 260 
MSE HA   H  N N 261 
MSE HXT  H  N N 262 
MSE HB2  H  N N 263 
MSE HB3  H  N N 264 
MSE HG2  H  N N 265 
MSE HG3  H  N N 266 
MSE HE1  H  N N 267 
MSE HE2  H  N N 268 
MSE HE3  H  N N 269 
PHE N    N  N N 270 
PHE CA   C  N S 271 
PHE C    C  N N 272 
PHE O    O  N N 273 
PHE CB   C  N N 274 
PHE CG   C  Y N 275 
PHE CD1  C  Y N 276 
PHE CD2  C  Y N 277 
PHE CE1  C  Y N 278 
PHE CE2  C  Y N 279 
PHE CZ   C  Y N 280 
PHE OXT  O  N N 281 
PHE H    H  N N 282 
PHE H2   H  N N 283 
PHE HA   H  N N 284 
PHE HB2  H  N N 285 
PHE HB3  H  N N 286 
PHE HD1  H  N N 287 
PHE HD2  H  N N 288 
PHE HE1  H  N N 289 
PHE HE2  H  N N 290 
PHE HZ   H  N N 291 
PHE HXT  H  N N 292 
PRO N    N  N N 293 
PRO CA   C  N S 294 
PRO C    C  N N 295 
PRO O    O  N N 296 
PRO CB   C  N N 297 
PRO CG   C  N N 298 
PRO CD   C  N N 299 
PRO OXT  O  N N 300 
PRO H    H  N N 301 
PRO HA   H  N N 302 
PRO HB2  H  N N 303 
PRO HB3  H  N N 304 
PRO HG2  H  N N 305 
PRO HG3  H  N N 306 
PRO HD2  H  N N 307 
PRO HD3  H  N N 308 
PRO HXT  H  N N 309 
SER N    N  N N 310 
SER CA   C  N S 311 
SER C    C  N N 312 
SER O    O  N N 313 
SER CB   C  N N 314 
SER OG   O  N N 315 
SER OXT  O  N N 316 
SER H    H  N N 317 
SER H2   H  N N 318 
SER HA   H  N N 319 
SER HB2  H  N N 320 
SER HB3  H  N N 321 
SER HG   H  N N 322 
SER HXT  H  N N 323 
THR N    N  N N 324 
THR CA   C  N S 325 
THR C    C  N N 326 
THR O    O  N N 327 
THR CB   C  N R 328 
THR OG1  O  N N 329 
THR CG2  C  N N 330 
THR OXT  O  N N 331 
THR H    H  N N 332 
THR H2   H  N N 333 
THR HA   H  N N 334 
THR HB   H  N N 335 
THR HG1  H  N N 336 
THR HG21 H  N N 337 
THR HG22 H  N N 338 
THR HG23 H  N N 339 
THR HXT  H  N N 340 
TRP N    N  N N 341 
TRP CA   C  N S 342 
TRP C    C  N N 343 
TRP O    O  N N 344 
TRP CB   C  N N 345 
TRP CG   C  Y N 346 
TRP CD1  C  Y N 347 
TRP CD2  C  Y N 348 
TRP NE1  N  Y N 349 
TRP CE2  C  Y N 350 
TRP CE3  C  Y N 351 
TRP CZ2  C  Y N 352 
TRP CZ3  C  Y N 353 
TRP CH2  C  Y N 354 
TRP OXT  O  N N 355 
TRP H    H  N N 356 
TRP H2   H  N N 357 
TRP HA   H  N N 358 
TRP HB2  H  N N 359 
TRP HB3  H  N N 360 
TRP HD1  H  N N 361 
TRP HE1  H  N N 362 
TRP HE3  H  N N 363 
TRP HZ2  H  N N 364 
TRP HZ3  H  N N 365 
TRP HH2  H  N N 366 
TRP HXT  H  N N 367 
TYR N    N  N N 368 
TYR CA   C  N S 369 
TYR C    C  N N 370 
TYR O    O  N N 371 
TYR CB   C  N N 372 
TYR CG   C  Y N 373 
TYR CD1  C  Y N 374 
TYR CD2  C  Y N 375 
TYR CE1  C  Y N 376 
TYR CE2  C  Y N 377 
TYR CZ   C  Y N 378 
TYR OH   O  N N 379 
TYR OXT  O  N N 380 
TYR H    H  N N 381 
TYR H2   H  N N 382 
TYR HA   H  N N 383 
TYR HB2  H  N N 384 
TYR HB3  H  N N 385 
TYR HD1  H  N N 386 
TYR HD2  H  N N 387 
TYR HE1  H  N N 388 
TYR HE2  H  N N 389 
TYR HH   H  N N 390 
TYR HXT  H  N N 391 
VAL N    N  N N 392 
VAL CA   C  N S 393 
VAL C    C  N N 394 
VAL O    O  N N 395 
VAL CB   C  N N 396 
VAL CG1  C  N N 397 
VAL CG2  C  N N 398 
VAL OXT  O  N N 399 
VAL H    H  N N 400 
VAL H2   H  N N 401 
VAL HA   H  N N 402 
VAL HB   H  N N 403 
VAL HG11 H  N N 404 
VAL HG12 H  N N 405 
VAL HG13 H  N N 406 
VAL HG21 H  N N 407 
VAL HG22 H  N N 408 
VAL HG23 H  N N 409 
VAL HXT  H  N N 410 
# 
loop_
_chem_comp_bond.comp_id 
_chem_comp_bond.atom_id_1 
_chem_comp_bond.atom_id_2 
_chem_comp_bond.value_order 
_chem_comp_bond.pdbx_aromatic_flag 
_chem_comp_bond.pdbx_stereo_config 
_chem_comp_bond.pdbx_ordinal 
ALA N   CA   sing N N 1   
ALA N   H    sing N N 2   
ALA N   H2   sing N N 3   
ALA CA  C    sing N N 4   
ALA CA  CB   sing N N 5   
ALA CA  HA   sing N N 6   
ALA C   O    doub N N 7   
ALA C   OXT  sing N N 8   
ALA CB  HB1  sing N N 9   
ALA CB  HB2  sing N N 10  
ALA CB  HB3  sing N N 11  
ALA OXT HXT  sing N N 12  
ARG N   CA   sing N N 13  
ARG N   H    sing N N 14  
ARG N   H2   sing N N 15  
ARG CA  C    sing N N 16  
ARG CA  CB   sing N N 17  
ARG CA  HA   sing N N 18  
ARG C   O    doub N N 19  
ARG C   OXT  sing N N 20  
ARG CB  CG   sing N N 21  
ARG CB  HB2  sing N N 22  
ARG CB  HB3  sing N N 23  
ARG CG  CD   sing N N 24  
ARG CG  HG2  sing N N 25  
ARG CG  HG3  sing N N 26  
ARG CD  NE   sing N N 27  
ARG CD  HD2  sing N N 28  
ARG CD  HD3  sing N N 29  
ARG NE  CZ   sing N N 30  
ARG NE  HE   sing N N 31  
ARG CZ  NH1  sing N N 32  
ARG CZ  NH2  doub N N 33  
ARG NH1 HH11 sing N N 34  
ARG NH1 HH12 sing N N 35  
ARG NH2 HH21 sing N N 36  
ARG NH2 HH22 sing N N 37  
ARG OXT HXT  sing N N 38  
ASN N   CA   sing N N 39  
ASN N   H    sing N N 40  
ASN N   H2   sing N N 41  
ASN CA  C    sing N N 42  
ASN CA  CB   sing N N 43  
ASN CA  HA   sing N N 44  
ASN C   O    doub N N 45  
ASN C   OXT  sing N N 46  
ASN CB  CG   sing N N 47  
ASN CB  HB2  sing N N 48  
ASN CB  HB3  sing N N 49  
ASN CG  OD1  doub N N 50  
ASN CG  ND2  sing N N 51  
ASN ND2 HD21 sing N N 52  
ASN ND2 HD22 sing N N 53  
ASN OXT HXT  sing N N 54  
ASP N   CA   sing N N 55  
ASP N   H    sing N N 56  
ASP N   H2   sing N N 57  
ASP CA  C    sing N N 58  
ASP CA  CB   sing N N 59  
ASP CA  HA   sing N N 60  
ASP C   O    doub N N 61  
ASP C   OXT  sing N N 62  
ASP CB  CG   sing N N 63  
ASP CB  HB2  sing N N 64  
ASP CB  HB3  sing N N 65  
ASP CG  OD1  doub N N 66  
ASP CG  OD2  sing N N 67  
ASP OD2 HD2  sing N N 68  
ASP OXT HXT  sing N N 69  
CYS N   CA   sing N N 70  
CYS N   H    sing N N 71  
CYS N   H2   sing N N 72  
CYS CA  C    sing N N 73  
CYS CA  CB   sing N N 74  
CYS CA  HA   sing N N 75  
CYS C   O    doub N N 76  
CYS C   OXT  sing N N 77  
CYS CB  SG   sing N N 78  
CYS CB  HB2  sing N N 79  
CYS CB  HB3  sing N N 80  
CYS SG  HG   sing N N 81  
CYS OXT HXT  sing N N 82  
GLN N   CA   sing N N 83  
GLN N   H    sing N N 84  
GLN N   H2   sing N N 85  
GLN CA  C    sing N N 86  
GLN CA  CB   sing N N 87  
GLN CA  HA   sing N N 88  
GLN C   O    doub N N 89  
GLN C   OXT  sing N N 90  
GLN CB  CG   sing N N 91  
GLN CB  HB2  sing N N 92  
GLN CB  HB3  sing N N 93  
GLN CG  CD   sing N N 94  
GLN CG  HG2  sing N N 95  
GLN CG  HG3  sing N N 96  
GLN CD  OE1  doub N N 97  
GLN CD  NE2  sing N N 98  
GLN NE2 HE21 sing N N 99  
GLN NE2 HE22 sing N N 100 
GLN OXT HXT  sing N N 101 
GLU N   CA   sing N N 102 
GLU N   H    sing N N 103 
GLU N   H2   sing N N 104 
GLU CA  C    sing N N 105 
GLU CA  CB   sing N N 106 
GLU CA  HA   sing N N 107 
GLU C   O    doub N N 108 
GLU C   OXT  sing N N 109 
GLU CB  CG   sing N N 110 
GLU CB  HB2  sing N N 111 
GLU CB  HB3  sing N N 112 
GLU CG  CD   sing N N 113 
GLU CG  HG2  sing N N 114 
GLU CG  HG3  sing N N 115 
GLU CD  OE1  doub N N 116 
GLU CD  OE2  sing N N 117 
GLU OE2 HE2  sing N N 118 
GLU OXT HXT  sing N N 119 
GLY N   CA   sing N N 120 
GLY N   H    sing N N 121 
GLY N   H2   sing N N 122 
GLY CA  C    sing N N 123 
GLY CA  HA2  sing N N 124 
GLY CA  HA3  sing N N 125 
GLY C   O    doub N N 126 
GLY C   OXT  sing N N 127 
GLY OXT HXT  sing N N 128 
HIS N   CA   sing N N 129 
HIS N   H    sing N N 130 
HIS N   H2   sing N N 131 
HIS CA  C    sing N N 132 
HIS CA  CB   sing N N 133 
HIS CA  HA   sing N N 134 
HIS C   O    doub N N 135 
HIS C   OXT  sing N N 136 
HIS CB  CG   sing N N 137 
HIS CB  HB2  sing N N 138 
HIS CB  HB3  sing N N 139 
HIS CG  ND1  sing Y N 140 
HIS CG  CD2  doub Y N 141 
HIS ND1 CE1  doub Y N 142 
HIS ND1 HD1  sing N N 143 
HIS CD2 NE2  sing Y N 144 
HIS CD2 HD2  sing N N 145 
HIS CE1 NE2  sing Y N 146 
HIS CE1 HE1  sing N N 147 
HIS NE2 HE2  sing N N 148 
HIS OXT HXT  sing N N 149 
HOH O   H1   sing N N 150 
HOH O   H2   sing N N 151 
ILE N   CA   sing N N 152 
ILE N   H    sing N N 153 
ILE N   H2   sing N N 154 
ILE CA  C    sing N N 155 
ILE CA  CB   sing N N 156 
ILE CA  HA   sing N N 157 
ILE C   O    doub N N 158 
ILE C   OXT  sing N N 159 
ILE CB  CG1  sing N N 160 
ILE CB  CG2  sing N N 161 
ILE CB  HB   sing N N 162 
ILE CG1 CD1  sing N N 163 
ILE CG1 HG12 sing N N 164 
ILE CG1 HG13 sing N N 165 
ILE CG2 HG21 sing N N 166 
ILE CG2 HG22 sing N N 167 
ILE CG2 HG23 sing N N 168 
ILE CD1 HD11 sing N N 169 
ILE CD1 HD12 sing N N 170 
ILE CD1 HD13 sing N N 171 
ILE OXT HXT  sing N N 172 
LEU N   CA   sing N N 173 
LEU N   H    sing N N 174 
LEU N   H2   sing N N 175 
LEU CA  C    sing N N 176 
LEU CA  CB   sing N N 177 
LEU CA  HA   sing N N 178 
LEU C   O    doub N N 179 
LEU C   OXT  sing N N 180 
LEU CB  CG   sing N N 181 
LEU CB  HB2  sing N N 182 
LEU CB  HB3  sing N N 183 
LEU CG  CD1  sing N N 184 
LEU CG  CD2  sing N N 185 
LEU CG  HG   sing N N 186 
LEU CD1 HD11 sing N N 187 
LEU CD1 HD12 sing N N 188 
LEU CD1 HD13 sing N N 189 
LEU CD2 HD21 sing N N 190 
LEU CD2 HD22 sing N N 191 
LEU CD2 HD23 sing N N 192 
LEU OXT HXT  sing N N 193 
LYS N   CA   sing N N 194 
LYS N   H    sing N N 195 
LYS N   H2   sing N N 196 
LYS CA  C    sing N N 197 
LYS CA  CB   sing N N 198 
LYS CA  HA   sing N N 199 
LYS C   O    doub N N 200 
LYS C   OXT  sing N N 201 
LYS CB  CG   sing N N 202 
LYS CB  HB2  sing N N 203 
LYS CB  HB3  sing N N 204 
LYS CG  CD   sing N N 205 
LYS CG  HG2  sing N N 206 
LYS CG  HG3  sing N N 207 
LYS CD  CE   sing N N 208 
LYS CD  HD2  sing N N 209 
LYS CD  HD3  sing N N 210 
LYS CE  NZ   sing N N 211 
LYS CE  HE2  sing N N 212 
LYS CE  HE3  sing N N 213 
LYS NZ  HZ1  sing N N 214 
LYS NZ  HZ2  sing N N 215 
LYS NZ  HZ3  sing N N 216 
LYS OXT HXT  sing N N 217 
MET N   CA   sing N N 218 
MET N   H    sing N N 219 
MET N   H2   sing N N 220 
MET CA  C    sing N N 221 
MET CA  CB   sing N N 222 
MET CA  HA   sing N N 223 
MET C   O    doub N N 224 
MET C   OXT  sing N N 225 
MET CB  CG   sing N N 226 
MET CB  HB2  sing N N 227 
MET CB  HB3  sing N N 228 
MET CG  SD   sing N N 229 
MET CG  HG2  sing N N 230 
MET CG  HG3  sing N N 231 
MET SD  CE   sing N N 232 
MET CE  HE1  sing N N 233 
MET CE  HE2  sing N N 234 
MET CE  HE3  sing N N 235 
MET OXT HXT  sing N N 236 
MSE N   CA   sing N N 237 
MSE N   H    sing N N 238 
MSE N   H2   sing N N 239 
MSE CA  C    sing N N 240 
MSE CA  CB   sing N N 241 
MSE CA  HA   sing N N 242 
MSE C   O    doub N N 243 
MSE C   OXT  sing N N 244 
MSE OXT HXT  sing N N 245 
MSE CB  CG   sing N N 246 
MSE CB  HB2  sing N N 247 
MSE CB  HB3  sing N N 248 
MSE CG  SE   sing N N 249 
MSE CG  HG2  sing N N 250 
MSE CG  HG3  sing N N 251 
MSE SE  CE   sing N N 252 
MSE CE  HE1  sing N N 253 
MSE CE  HE2  sing N N 254 
MSE CE  HE3  sing N N 255 
PHE N   CA   sing N N 256 
PHE N   H    sing N N 257 
PHE N   H2   sing N N 258 
PHE CA  C    sing N N 259 
PHE CA  CB   sing N N 260 
PHE CA  HA   sing N N 261 
PHE C   O    doub N N 262 
PHE C   OXT  sing N N 263 
PHE CB  CG   sing N N 264 
PHE CB  HB2  sing N N 265 
PHE CB  HB3  sing N N 266 
PHE CG  CD1  doub Y N 267 
PHE CG  CD2  sing Y N 268 
PHE CD1 CE1  sing Y N 269 
PHE CD1 HD1  sing N N 270 
PHE CD2 CE2  doub Y N 271 
PHE CD2 HD2  sing N N 272 
PHE CE1 CZ   doub Y N 273 
PHE CE1 HE1  sing N N 274 
PHE CE2 CZ   sing Y N 275 
PHE CE2 HE2  sing N N 276 
PHE CZ  HZ   sing N N 277 
PHE OXT HXT  sing N N 278 
PRO N   CA   sing N N 279 
PRO N   CD   sing N N 280 
PRO N   H    sing N N 281 
PRO CA  C    sing N N 282 
PRO CA  CB   sing N N 283 
PRO CA  HA   sing N N 284 
PRO C   O    doub N N 285 
PRO C   OXT  sing N N 286 
PRO CB  CG   sing N N 287 
PRO CB  HB2  sing N N 288 
PRO CB  HB3  sing N N 289 
PRO CG  CD   sing N N 290 
PRO CG  HG2  sing N N 291 
PRO CG  HG3  sing N N 292 
PRO CD  HD2  sing N N 293 
PRO CD  HD3  sing N N 294 
PRO OXT HXT  sing N N 295 
SER N   CA   sing N N 296 
SER N   H    sing N N 297 
SER N   H2   sing N N 298 
SER CA  C    sing N N 299 
SER CA  CB   sing N N 300 
SER CA  HA   sing N N 301 
SER C   O    doub N N 302 
SER C   OXT  sing N N 303 
SER CB  OG   sing N N 304 
SER CB  HB2  sing N N 305 
SER CB  HB3  sing N N 306 
SER OG  HG   sing N N 307 
SER OXT HXT  sing N N 308 
THR N   CA   sing N N 309 
THR N   H    sing N N 310 
THR N   H2   sing N N 311 
THR CA  C    sing N N 312 
THR CA  CB   sing N N 313 
THR CA  HA   sing N N 314 
THR C   O    doub N N 315 
THR C   OXT  sing N N 316 
THR CB  OG1  sing N N 317 
THR CB  CG2  sing N N 318 
THR CB  HB   sing N N 319 
THR OG1 HG1  sing N N 320 
THR CG2 HG21 sing N N 321 
THR CG2 HG22 sing N N 322 
THR CG2 HG23 sing N N 323 
THR OXT HXT  sing N N 324 
TRP N   CA   sing N N 325 
TRP N   H    sing N N 326 
TRP N   H2   sing N N 327 
TRP CA  C    sing N N 328 
TRP CA  CB   sing N N 329 
TRP CA  HA   sing N N 330 
TRP C   O    doub N N 331 
TRP C   OXT  sing N N 332 
TRP CB  CG   sing N N 333 
TRP CB  HB2  sing N N 334 
TRP CB  HB3  sing N N 335 
TRP CG  CD1  doub Y N 336 
TRP CG  CD2  sing Y N 337 
TRP CD1 NE1  sing Y N 338 
TRP CD1 HD1  sing N N 339 
TRP CD2 CE2  doub Y N 340 
TRP CD2 CE3  sing Y N 341 
TRP NE1 CE2  sing Y N 342 
TRP NE1 HE1  sing N N 343 
TRP CE2 CZ2  sing Y N 344 
TRP CE3 CZ3  doub Y N 345 
TRP CE3 HE3  sing N N 346 
TRP CZ2 CH2  doub Y N 347 
TRP CZ2 HZ2  sing N N 348 
TRP CZ3 CH2  sing Y N 349 
TRP CZ3 HZ3  sing N N 350 
TRP CH2 HH2  sing N N 351 
TRP OXT HXT  sing N N 352 
TYR N   CA   sing N N 353 
TYR N   H    sing N N 354 
TYR N   H2   sing N N 355 
TYR CA  C    sing N N 356 
TYR CA  CB   sing N N 357 
TYR CA  HA   sing N N 358 
TYR C   O    doub N N 359 
TYR C   OXT  sing N N 360 
TYR CB  CG   sing N N 361 
TYR CB  HB2  sing N N 362 
TYR CB  HB3  sing N N 363 
TYR CG  CD1  doub Y N 364 
TYR CG  CD2  sing Y N 365 
TYR CD1 CE1  sing Y N 366 
TYR CD1 HD1  sing N N 367 
TYR CD2 CE2  doub Y N 368 
TYR CD2 HD2  sing N N 369 
TYR CE1 CZ   doub Y N 370 
TYR CE1 HE1  sing N N 371 
TYR CE2 CZ   sing Y N 372 
TYR CE2 HE2  sing N N 373 
TYR CZ  OH   sing N N 374 
TYR OH  HH   sing N N 375 
TYR OXT HXT  sing N N 376 
VAL N   CA   sing N N 377 
VAL N   H    sing N N 378 
VAL N   H2   sing N N 379 
VAL CA  C    sing N N 380 
VAL CA  CB   sing N N 381 
VAL CA  HA   sing N N 382 
VAL C   O    doub N N 383 
VAL C   OXT  sing N N 384 
VAL CB  CG1  sing N N 385 
VAL CB  CG2  sing N N 386 
VAL CB  HB   sing N N 387 
VAL CG1 HG11 sing N N 388 
VAL CG1 HG12 sing N N 389 
VAL CG1 HG13 sing N N 390 
VAL CG2 HG21 sing N N 391 
VAL CG2 HG22 sing N N 392 
VAL CG2 HG23 sing N N 393 
VAL OXT HXT  sing N N 394 
# 
_atom_sites.entry_id                    1DUS 
_atom_sites.fract_transf_matrix[1][1]   0.01413003 
_atom_sites.fract_transf_matrix[1][2]   0.00237502 
_atom_sites.fract_transf_matrix[1][3]   0.00164183 
_atom_sites.fract_transf_matrix[2][1]   0.00300258 
_atom_sites.fract_transf_matrix[2][2]   -0.02498318 
_atom_sites.fract_transf_matrix[2][3]   0.01029888 
_atom_sites.fract_transf_matrix[3][1]   0.00244350 
_atom_sites.fract_transf_matrix[3][2]   -0.00524663 
_atom_sites.fract_transf_matrix[3][3]   -0.01343975 
_atom_sites.fract_transf_vector[1]      0.306718 
_atom_sites.fract_transf_vector[2]      0.560748 
_atom_sites.fract_transf_vector[3]      0.225717 
# 
loop_
_atom_type.symbol 
C  
N  
O  
S  
SE 
# 
loop_
_atom_site.group_PDB 
_atom_site.id 
_atom_site.type_symbol 
_atom_site.label_atom_id 
_atom_site.label_alt_id 
_atom_site.label_comp_id 
_atom_site.label_asym_id 
_atom_site.label_entity_id 
_atom_site.label_seq_id 
_atom_site.pdbx_PDB_ins_code 
_atom_site.Cartn_x 
_atom_site.Cartn_y 
_atom_site.Cartn_z 
_atom_site.occupancy 
_atom_site.B_iso_or_equiv 
_atom_site.pdbx_formal_charge 
_atom_site.auth_seq_id 
_atom_site.auth_comp_id 
_atom_site.auth_asym_id 
_atom_site.auth_atom_id 
_atom_site.pdbx_PDB_model_num 
ATOM   1    N  N   . PHE A 1 1   ? 14.851  -2.875  21.353  1.00 26.24 ? 4   PHE A N   1 
ATOM   2    C  CA  . PHE A 1 1   ? 14.089  -2.183  22.383  1.00 23.21 ? 4   PHE A CA  1 
ATOM   3    C  C   . PHE A 1 1   ? 13.361  -1.000  21.756  1.00 26.19 ? 4   PHE A C   1 
ATOM   4    O  O   . PHE A 1 1   ? 13.611  -0.659  20.611  1.00 24.88 ? 4   PHE A O   1 
ATOM   5    C  CB  . PHE A 1 1   ? 15.029  -1.702  23.506  1.00 26.76 ? 4   PHE A CB  1 
ATOM   6    C  CG  . PHE A 1 1   ? 16.153  -0.807  23.038  1.00 23.55 ? 4   PHE A CG  1 
ATOM   7    C  CD1 . PHE A 1 1   ? 15.986  0.569   22.959  1.00 21.06 ? 4   PHE A CD1 1 
ATOM   8    C  CD2 . PHE A 1 1   ? 17.379  -1.353  22.666  1.00 26.08 ? 4   PHE A CD2 1 
ATOM   9    C  CE1 . PHE A 1 1   ? 17.027  1.392   22.511  1.00 21.02 ? 4   PHE A CE1 1 
ATOM   10   C  CE2 . PHE A 1 1   ? 18.422  -0.543  22.220  1.00 22.57 ? 4   PHE A CE2 1 
ATOM   11   C  CZ  . PHE A 1 1   ? 18.244  0.828   22.144  1.00 20.27 ? 4   PHE A CZ  1 
ATOM   12   N  N   . SER A 1 2   ? 12.428  -0.400  22.480  1.00 25.06 ? 5   SER A N   1 
ATOM   13   C  CA  . SER A 1 2   ? 11.735  0.753   21.940  1.00 29.95 ? 5   SER A CA  1 
ATOM   14   C  C   . SER A 1 2   ? 12.146  1.981   22.739  1.00 32.95 ? 5   SER A C   1 
ATOM   15   O  O   . SER A 1 2   ? 12.558  1.883   23.898  1.00 34.51 ? 5   SER A O   1 
ATOM   16   C  CB  . SER A 1 2   ? 10.204  0.555   21.949  1.00 32.38 ? 5   SER A CB  1 
ATOM   17   O  OG  . SER A 1 2   ? 9.707   0.205   23.225  1.00 37.88 ? 5   SER A OG  1 
ATOM   18   N  N   . GLU A 1 3   ? 12.059  3.142   22.109  1.00 31.08 ? 6   GLU A N   1 
ATOM   19   C  CA  . GLU A 1 3   ? 12.451  4.381   22.766  1.00 37.47 ? 6   GLU A CA  1 
ATOM   20   C  C   . GLU A 1 3   ? 11.600  5.540   22.252  1.00 39.04 ? 6   GLU A C   1 
ATOM   21   O  O   . GLU A 1 3   ? 11.181  5.540   21.095  1.00 40.14 ? 6   GLU A O   1 
ATOM   22   C  CB  . GLU A 1 3   ? 13.956  4.607   22.501  1.00 38.64 ? 6   GLU A CB  1 
ATOM   23   C  CG  . GLU A 1 3   ? 14.425  6.043   22.296  1.00 41.94 ? 6   GLU A CG  1 
ATOM   24   C  CD  . GLU A 1 3   ? 15.915  6.138   21.934  1.00 44.91 ? 6   GLU A CD  1 
ATOM   25   O  OE1 . GLU A 1 3   ? 16.336  5.545   20.919  1.00 41.86 ? 6   GLU A OE1 1 
ATOM   26   O  OE2 . GLU A 1 3   ? 16.672  6.817   22.661  1.00 47.05 ? 6   GLU A OE2 1 
ATOM   27   N  N   . LYS A 1 4   ? 11.304  6.514   23.113  1.00 42.02 ? 7   LYS A N   1 
ATOM   28   C  CA  . LYS A 1 4   ? 10.539  7.670   22.660  1.00 46.66 ? 7   LYS A CA  1 
ATOM   29   C  C   . LYS A 1 4   ? 11.519  8.818   22.459  1.00 47.74 ? 7   LYS A C   1 
ATOM   30   O  O   . LYS A 1 4   ? 11.973  9.435   23.421  1.00 51.05 ? 7   LYS A O   1 
ATOM   31   C  CB  . LYS A 1 4   ? 9.445   8.057   23.664  1.00 46.80 ? 7   LYS A CB  1 
ATOM   32   C  CG  . LYS A 1 4   ? 8.272   7.081   23.674  1.00 49.10 ? 7   LYS A CG  1 
ATOM   33   C  CD  . LYS A 1 4   ? 6.990   7.674   24.268  1.00 50.61 ? 7   LYS A CD  1 
ATOM   34   C  CE  . LYS A 1 4   ? 5.825   6.673   24.156  1.00 51.62 ? 7   LYS A CE  1 
ATOM   35   N  NZ  . LYS A 1 4   ? 4.469   7.244   24.442  1.00 50.10 ? 7   LYS A NZ  1 
ATOM   36   N  N   . PRO A 1 5   ? 11.856  9.116   21.192  1.00 50.10 ? 8   PRO A N   1 
ATOM   37   C  CA  . PRO A 1 5   ? 12.788  10.181  20.796  1.00 49.98 ? 8   PRO A CA  1 
ATOM   38   C  C   . PRO A 1 5   ? 12.525  11.554  21.400  1.00 49.00 ? 8   PRO A C   1 
ATOM   39   O  O   . PRO A 1 5   ? 11.423  11.850  21.862  1.00 46.79 ? 8   PRO A O   1 
ATOM   40   C  CB  . PRO A 1 5   ? 12.677  10.186  19.269  1.00 49.79 ? 8   PRO A CB  1 
ATOM   41   C  CG  . PRO A 1 5   ? 11.287  9.712   19.028  1.00 51.34 ? 8   PRO A CG  1 
ATOM   42   C  CD  . PRO A 1 5   ? 11.179  8.567   20.007  1.00 50.88 ? 8   PRO A CD  1 
ATOM   43   N  N   . THR A 1 6   ? 13.558  12.388  21.394  1.00 48.93 ? 9   THR A N   1 
ATOM   44   C  CA  . THR A 1 6   ? 13.455  13.740  21.937  1.00 50.77 ? 9   THR A CA  1 
ATOM   45   C  C   . THR A 1 6   ? 13.391  14.723  20.777  1.00 47.61 ? 9   THR A C   1 
ATOM   46   O  O   . THR A 1 6   ? 12.867  15.832  20.908  1.00 49.82 ? 9   THR A O   1 
ATOM   47   C  CB  . THR A 1 6   ? 14.692  14.108  22.787  1.00 51.79 ? 9   THR A CB  1 
ATOM   48   O  OG1 . THR A 1 6   ? 15.671  14.749  21.954  1.00 53.97 ? 9   THR A OG1 1 
ATOM   49   C  CG2 . THR A 1 6   ? 15.307  12.852  23.406  1.00 54.29 ? 9   THR A CG2 1 
ATOM   50   N  N   . THR A 1 7   ? 13.937  14.295  19.642  1.00 44.10 ? 10  THR A N   1 
ATOM   51   C  CA  . THR A 1 7   ? 13.995  15.102  18.427  1.00 39.00 ? 10  THR A CA  1 
ATOM   52   C  C   . THR A 1 7   ? 12.644  15.475  17.806  1.00 31.48 ? 10  THR A C   1 
ATOM   53   O  O   . THR A 1 7   ? 11.691  14.702  17.840  1.00 29.04 ? 10  THR A O   1 
ATOM   54   C  CB  . THR A 1 7   ? 14.866  14.387  17.344  1.00 39.73 ? 10  THR A CB  1 
ATOM   55   O  OG1 . THR A 1 7   ? 14.885  15.177  16.150  1.00 44.63 ? 10  THR A OG1 1 
ATOM   56   C  CG2 . THR A 1 7   ? 14.312  13.003  17.014  1.00 38.85 ? 10  THR A CG2 1 
ATOM   57   N  N   . LYS A 1 8   ? 12.575  16.675  17.240  1.00 30.35 ? 11  LYS A N   1 
ATOM   58   C  CA  . LYS A 1 8   ? 11.361  17.145  16.572  1.00 30.38 ? 11  LYS A CA  1 
ATOM   59   C  C   . LYS A 1 8   ? 11.278  16.442  15.220  1.00 29.71 ? 11  LYS A C   1 
ATOM   60   O  O   . LYS A 1 8   ? 12.251  15.841  14.767  1.00 27.90 ? 11  LYS A O   1 
ATOM   61   C  CB  . LYS A 1 8   ? 11.425  18.652  16.299  1.00 34.60 ? 11  LYS A CB  1 
ATOM   62   C  CG  . LYS A 1 8   ? 11.447  19.572  17.505  1.00 38.04 ? 11  LYS A CG  1 
ATOM   63   C  CD  . LYS A 1 8   ? 11.329  21.018  17.033  1.00 40.35 ? 11  LYS A CD  1 
ATOM   64   C  CE  . LYS A 1 8   ? 11.350  22.006  18.183  1.00 42.15 ? 11  LYS A CE  1 
ATOM   65   N  NZ  . LYS A 1 8   ? 11.106  23.396  17.692  1.00 45.08 ? 11  LYS A NZ  1 
ATOM   66   N  N   . SER A 1 9   ? 10.121  16.542  14.577  1.00 26.02 ? 12  SER A N   1 
ATOM   67   C  CA  . SER A 1 9   ? 9.888   15.958  13.258  1.00 29.39 ? 12  SER A CA  1 
ATOM   68   C  C   . SER A 1 9   ? 9.420   17.085  12.319  1.00 23.36 ? 12  SER A C   1 
ATOM   69   O  O   . SER A 1 9   ? 8.754   18.013  12.767  1.00 25.13 ? 12  SER A O   1 
ATOM   70   C  CB  . SER A 1 9   ? 8.796   14.879  13.339  1.00 30.98 ? 12  SER A CB  1 
ATOM   71   O  OG  . SER A 1 9   ? 9.278   13.710  13.990  1.00 39.35 ? 12  SER A OG  1 
ATOM   72   N  N   . ASP A 1 10  ? 9.768   17.022  11.035  1.00 20.25 ? 13  ASP A N   1 
ATOM   73   C  CA  . ASP A 1 10  ? 9.322   18.063  10.104  1.00 20.26 ? 13  ASP A CA  1 
ATOM   74   C  C   . ASP A 1 10  ? 7.994   17.577  9.562   1.00 20.29 ? 13  ASP A C   1 
ATOM   75   O  O   . ASP A 1 10  ? 7.909   16.444  9.109   1.00 18.57 ? 13  ASP A O   1 
ATOM   76   C  CB  . ASP A 1 10  ? 10.275  18.224  8.921   1.00 23.79 ? 13  ASP A CB  1 
ATOM   77   C  CG  . ASP A 1 10  ? 11.706  18.498  9.340   1.00 27.54 ? 13  ASP A CG  1 
ATOM   78   O  OD1 . ASP A 1 10  ? 12.554  17.594  9.172   1.00 29.64 ? 13  ASP A OD1 1 
ATOM   79   O  OD2 . ASP A 1 10  ? 11.983  19.614  9.826   1.00 26.10 ? 13  ASP A OD2 1 
ATOM   80   N  N   . VAL A 1 11  ? 6.980   18.431  9.578   1.00 18.51 ? 14  VAL A N   1 
ATOM   81   C  CA  . VAL A 1 11  ? 5.665   18.050  9.081   1.00 16.70 ? 14  VAL A CA  1 
ATOM   82   C  C   . VAL A 1 11  ? 5.204   18.962  7.944   1.00 16.69 ? 14  VAL A C   1 
ATOM   83   O  O   . VAL A 1 11  ? 5.428   20.174  7.973   1.00 16.48 ? 14  VAL A O   1 
ATOM   84   C  CB  . VAL A 1 11  ? 4.619   18.102  10.231  1.00 19.37 ? 14  VAL A CB  1 
ATOM   85   C  CG1 . VAL A 1 11  ? 3.210   17.963  9.683   1.00 20.57 ? 14  VAL A CG1 1 
ATOM   86   C  CG2 . VAL A 1 11  ? 4.894   16.997  11.228  1.00 22.77 ? 14  VAL A CG2 1 
ATOM   87   N  N   . LYS A 1 12  ? 4.577   18.372  6.927   1.00 14.85 ? 15  LYS A N   1 
ATOM   88   C  CA  . LYS A 1 12  ? 4.045   19.154  5.824   1.00 17.41 ? 15  LYS A CA  1 
ATOM   89   C  C   . LYS A 1 12  ? 2.680   18.572  5.498   1.00 18.33 ? 15  LYS A C   1 
ATOM   90   O  O   . LYS A 1 12  ? 2.553   17.350  5.340   1.00 16.71 ? 15  LYS A O   1 
ATOM   91   C  CB  . LYS A 1 12  ? 4.932   19.055  4.573   1.00 19.24 ? 15  LYS A CB  1 
ATOM   92   C  CG  . LYS A 1 12  ? 6.157   19.942  4.559   1.00 24.49 ? 15  LYS A CG  1 
ATOM   93   C  CD  . LYS A 1 12  ? 6.816   19.898  3.174   1.00 27.86 ? 15  LYS A CD  1 
ATOM   94   C  CE  . LYS A 1 12  ? 8.050   20.802  3.105   1.00 33.88 ? 15  LYS A CE  1 
ATOM   95   N  NZ  . LYS A 1 12  ? 8.791   20.697  1.795   1.00 37.50 ? 15  LYS A NZ  1 
ATOM   96   N  N   . ILE A 1 13  ? 1.658   19.421  5.428   1.00 16.67 ? 16  ILE A N   1 
ATOM   97   C  CA  . ILE A 1 13  ? 0.330   18.939  5.088   1.00 17.08 ? 16  ILE A CA  1 
ATOM   98   C  C   . ILE A 1 13  ? 0.185   19.037  3.575   1.00 18.37 ? 16  ILE A C   1 
ATOM   99   O  O   . ILE A 1 13  ? 0.514   20.059  2.957   1.00 22.54 ? 16  ILE A O   1 
ATOM   100  C  CB  . ILE A 1 13  ? -0.750  19.757  5.796   1.00 22.90 ? 16  ILE A CB  1 
ATOM   101  C  CG1 . ILE A 1 13  ? -0.617  19.541  7.308   1.00 25.34 ? 16  ILE A CG1 1 
ATOM   102  C  CG2 . ILE A 1 13  ? -2.122  19.373  5.267   1.00 23.38 ? 16  ILE A CG2 1 
ATOM   103  C  CD1 . ILE A 1 13  ? -1.800  20.016  8.120   1.00 30.83 ? 16  ILE A CD1 1 
ATOM   104  N  N   . VAL A 1 14  ? -0.308  17.966  2.975   1.00 15.27 ? 17  VAL A N   1 
ATOM   105  C  CA  . VAL A 1 14  ? -0.428  17.883  1.538   1.00 15.75 ? 17  VAL A CA  1 
ATOM   106  C  C   . VAL A 1 14  ? -1.865  17.552  1.121   1.00 18.87 ? 17  VAL A C   1 
ATOM   107  O  O   . VAL A 1 14  ? -2.521  16.737  1.759   1.00 17.90 ? 17  VAL A O   1 
ATOM   108  C  CB  . VAL A 1 14  ? 0.525   16.767  1.048   1.00 18.79 ? 17  VAL A CB  1 
ATOM   109  C  CG1 . VAL A 1 14  ? 0.518   16.658  -0.443  1.00 20.36 ? 17  VAL A CG1 1 
ATOM   110  C  CG2 . VAL A 1 14  ? 1.955   17.053  1.576   1.00 16.27 ? 17  VAL A CG2 1 
ATOM   111  N  N   . GLU A 1 15  ? -2.381  18.216  0.091   1.00 15.96 ? 18  GLU A N   1 
ATOM   112  C  CA  . GLU A 1 15  ? -3.719  17.860  -0.382  1.00 16.33 ? 18  GLU A CA  1 
ATOM   113  C  C   . GLU A 1 15  ? -3.564  17.374  -1.799  1.00 15.84 ? 18  GLU A C   1 
ATOM   114  O  O   . GLU A 1 15  ? -2.659  17.794  -2.517  1.00 19.17 ? 18  GLU A O   1 
ATOM   115  C  CB  . GLU A 1 15  ? -4.698  19.054  -0.382  1.00 21.31 ? 18  GLU A CB  1 
ATOM   116  C  CG  . GLU A 1 15  ? -5.121  19.527  1.001   1.00 24.71 ? 18  GLU A CG  1 
ATOM   117  C  CD  . GLU A 1 15  ? -5.992  20.782  0.983   1.00 30.25 ? 18  GLU A CD  1 
ATOM   118  O  OE1 . GLU A 1 15  ? -7.220  20.661  1.168   1.00 31.55 ? 18  GLU A OE1 1 
ATOM   119  O  OE2 . GLU A 1 15  ? -5.450  21.890  0.783   1.00 29.15 ? 18  GLU A OE2 1 
ATOM   120  N  N   . ASP A 1 16  ? -4.414  16.447  -2.205  1.00 15.14 ? 19  ASP A N   1 
ATOM   121  C  CA  . ASP A 1 16  ? -4.383  16.022  -3.575  1.00 18.61 ? 19  ASP A CA  1 
ATOM   122  C  C   . ASP A 1 16  ? -5.732  15.457  -3.911  1.00 18.38 ? 19  ASP A C   1 
ATOM   123  O  O   . ASP A 1 16  ? -6.600  15.341  -3.040  1.00 18.74 ? 19  ASP A O   1 
ATOM   124  C  CB  . ASP A 1 16  ? -3.293  14.992  -3.846  1.00 22.14 ? 19  ASP A CB  1 
ATOM   125  C  CG  . ASP A 1 16  ? -2.596  15.246  -5.178  1.00 27.45 ? 19  ASP A CG  1 
ATOM   126  O  OD1 . ASP A 1 16  ? -3.307  15.461  -6.189  1.00 26.12 ? 19  ASP A OD1 1 
ATOM   127  O  OD2 . ASP A 1 16  ? -1.346  15.238  -5.209  1.00 29.34 ? 19  ASP A OD2 1 
ATOM   128  N  N   . ILE A 1 17  ? -5.910  15.130  -5.183  1.00 20.37 ? 20  ILE A N   1 
ATOM   129  C  CA  . ILE A 1 17  ? -7.160  14.559  -5.644  1.00 19.79 ? 20  ILE A CA  1 
ATOM   130  C  C   . ILE A 1 17  ? -6.847  13.173  -6.198  1.00 19.07 ? 20  ILE A C   1 
ATOM   131  O  O   . ILE A 1 17  ? -6.022  13.020  -7.108  1.00 25.64 ? 20  ILE A O   1 
ATOM   132  C  CB  . ILE A 1 17  ? -7.799  15.455  -6.715  1.00 21.83 ? 20  ILE A CB  1 
ATOM   133  C  CG1 . ILE A 1 17  ? -8.061  16.835  -6.098  1.00 23.07 ? 20  ILE A CG1 1 
ATOM   134  C  CG2 . ILE A 1 17  ? -9.119  14.840  -7.205  1.00 19.69 ? 20  ILE A CG2 1 
ATOM   135  C  CD1 . ILE A 1 17  ? -8.759  17.824  -6.997  1.00 23.51 ? 20  ILE A CD1 1 
ATOM   136  N  N   . LEU A 1 18  ? -7.466  12.169  -5.601  1.00 18.20 ? 21  LEU A N   1 
ATOM   137  C  CA  . LEU A 1 18  ? -7.256  10.787  -5.996  1.00 18.17 ? 21  LEU A CA  1 
ATOM   138  C  C   . LEU A 1 18  ? -8.603  10.123  -6.162  1.00 17.22 ? 21  LEU A C   1 
ATOM   139  O  O   . LEU A 1 18  ? -9.487  10.247  -5.294  1.00 19.92 ? 21  LEU A O   1 
ATOM   140  C  CB  . LEU A 1 18  ? -6.429  10.042  -4.933  1.00 20.43 ? 21  LEU A CB  1 
ATOM   141  C  CG  . LEU A 1 18  ? -5.081  10.658  -4.548  1.00 22.79 ? 21  LEU A CG  1 
ATOM   142  C  CD1 . LEU A 1 18  ? -4.514  9.929   -3.316  1.00 26.10 ? 21  LEU A CD1 1 
ATOM   143  C  CD2 . LEU A 1 18  ? -4.121  10.573  -5.712  1.00 24.99 ? 21  LEU A CD2 1 
ATOM   144  N  N   . ARG A 1 19  ? -8.745  9.412   -7.278  1.00 18.36 ? 22  ARG A N   1 
ATOM   145  C  CA  . ARG A 1 19  ? -9.973  8.721   -7.616  1.00 19.42 ? 22  ARG A CA  1 
ATOM   146  C  C   . ARG A 1 19  ? -11.122 9.705   -7.506  1.00 20.57 ? 22  ARG A C   1 
ATOM   147  O  O   . ARG A 1 19  ? -12.240 9.350   -7.125  1.00 19.31 ? 22  ARG A O   1 
ATOM   148  C  CB  . ARG A 1 19  ? -10.180 7.517   -6.695  1.00 21.17 ? 22  ARG A CB  1 
ATOM   149  C  CG  . ARG A 1 19  ? -9.152  6.443   -6.948  1.00 19.75 ? 22  ARG A CG  1 
ATOM   150  C  CD  . ARG A 1 19  ? -9.278  5.291   -5.958  1.00 19.73 ? 22  ARG A CD  1 
ATOM   151  N  NE  . ARG A 1 19  ? -10.347 4.335   -6.262  1.00 19.48 ? 22  ARG A NE  1 
ATOM   152  C  CZ  . ARG A 1 19  ? -10.247 3.323   -7.120  1.00 15.53 ? 22  ARG A CZ  1 
ATOM   153  N  NH1 . ARG A 1 19  ? -9.131  3.111   -7.811  1.00 20.92 ? 22  ARG A NH1 1 
ATOM   154  N  NH2 . ARG A 1 19  ? -11.249 2.468   -7.239  1.00 18.20 ? 22  ARG A NH2 1 
ATOM   155  N  N   . GLY A 1 20  ? -10.814 10.955  -7.850  1.00 22.87 ? 23  GLY A N   1 
ATOM   156  C  CA  . GLY A 1 20  ? -11.789 12.022  -7.805  1.00 22.36 ? 23  GLY A CA  1 
ATOM   157  C  C   . GLY A 1 20  ? -12.136 12.522  -6.421  1.00 27.77 ? 23  GLY A C   1 
ATOM   158  O  O   . GLY A 1 20  ? -13.059 13.319  -6.279  1.00 27.42 ? 23  GLY A O   1 
ATOM   159  N  N   . LYS A 1 21  ? -11.398 12.084  -5.400  1.00 21.15 ? 24  LYS A N   1 
ATOM   160  C  CA  . LYS A 1 21  ? -11.684 12.502  -4.040  1.00 19.42 ? 24  LYS A CA  1 
ATOM   161  C  C   . LYS A 1 21  ? -10.675 13.541  -3.588  1.00 18.44 ? 24  LYS A C   1 
ATOM   162  O  O   . LYS A 1 21  ? -9.493  13.454  -3.912  1.00 20.11 ? 24  LYS A O   1 
ATOM   163  C  CB  . LYS A 1 21  ? -11.650 11.276  -3.097  1.00 19.37 ? 24  LYS A CB  1 
ATOM   164  C  CG  . LYS A 1 21  ? -12.399 10.074  -3.656  1.00 22.22 ? 24  LYS A CG  1 
ATOM   165  C  CD  . LYS A 1 21  ? -12.267 8.857   -2.749  1.00 23.73 ? 24  LYS A CD  1 
ATOM   166  C  CE  . LYS A 1 21  ? -12.811 7.605   -3.417  1.00 22.97 ? 24  LYS A CE  1 
ATOM   167  N  NZ  . LYS A 1 21  ? -12.717 6.409   -2.516  1.00 22.40 ? 24  LYS A NZ  1 
ATOM   168  N  N   . LYS A 1 22  ? -11.160 14.532  -2.848  1.00 18.60 ? 25  LYS A N   1 
ATOM   169  C  CA  . LYS A 1 22  ? -10.320 15.610  -2.340  1.00 20.26 ? 25  LYS A CA  1 
ATOM   170  C  C   . LYS A 1 22  ? -9.795  15.168  -0.985  1.00 17.83 ? 25  LYS A C   1 
ATOM   171  O  O   . LYS A 1 22  ? -10.497 15.234  0.009   1.00 21.49 ? 25  LYS A O   1 
ATOM   172  C  CB  . LYS A 1 22  ? -11.139 16.896  -2.191  1.00 21.29 ? 25  LYS A CB  1 
ATOM   173  C  CG  . LYS A 1 22  ? -11.552 17.505  -3.526  1.00 26.69 ? 25  LYS A CG  1 
ATOM   174  C  CD  . LYS A 1 22  ? -12.593 16.656  -4.212  1.00 32.10 ? 25  LYS A CD  1 
ATOM   175  C  CE  . LYS A 1 22  ? -13.131 17.320  -5.460  1.00 34.91 ? 25  LYS A CE  1 
ATOM   176  N  NZ  . LYS A 1 22  ? -14.070 16.382  -6.138  1.00 39.46 ? 25  LYS A NZ  1 
ATOM   177  N  N   . LEU A 1 23  ? -8.540  14.746  -0.940  1.00 18.77 ? 26  LEU A N   1 
ATOM   178  C  CA  . LEU A 1 23  ? -7.981  14.248  0.309   1.00 14.55 ? 26  LEU A CA  1 
ATOM   179  C  C   . LEU A 1 23  ? -6.891  15.147  0.878   1.00 17.00 ? 26  LEU A C   1 
ATOM   180  O  O   . LEU A 1 23  ? -6.306  15.979  0.169   1.00 19.40 ? 26  LEU A O   1 
ATOM   181  C  CB  . LEU A 1 23  ? -7.454  12.827  0.069   1.00 13.04 ? 26  LEU A CB  1 
ATOM   182  C  CG  . LEU A 1 23  ? -8.467  11.894  -0.620  1.00 14.47 ? 26  LEU A CG  1 
ATOM   183  C  CD1 . LEU A 1 23  ? -7.772  10.591  -1.071  1.00 17.88 ? 26  LEU A CD1 1 
ATOM   184  C  CD2 . LEU A 1 23  ? -9.620  11.600  0.334   1.00 15.85 ? 26  LEU A CD2 1 
ATOM   185  N  N   . LYS A 1 24  ? -6.610  14.972  2.162   1.00 14.12 ? 27  LYS A N   1 
ATOM   186  C  CA  . LYS A 1 24  ? -5.603  15.799  2.831   1.00 14.94 ? 27  LYS A CA  1 
ATOM   187  C  C   . LYS A 1 24  ? -4.729  14.871  3.671   1.00 15.62 ? 27  LYS A C   1 
ATOM   188  O  O   . LYS A 1 24  ? -5.241  14.003  4.356   1.00 16.89 ? 27  LYS A O   1 
ATOM   189  C  CB  . LYS A 1 24  ? -6.298  16.810  3.749   1.00 16.82 ? 27  LYS A CB  1 
ATOM   190  C  CG  . LYS A 1 24  ? -5.366  17.825  4.366   1.00 22.30 ? 27  LYS A CG  1 
ATOM   191  C  CD  . LYS A 1 24  ? -6.085  18.719  5.401   1.00 26.91 ? 27  LYS A CD  1 
ATOM   192  C  CE  . LYS A 1 24  ? -7.256  19.458  4.796   1.00 33.31 ? 27  LYS A CE  1 
ATOM   193  N  NZ  . LYS A 1 24  ? -7.789  20.495  5.722   1.00 36.27 ? 27  LYS A NZ  1 
ATOM   194  N  N   . PHE A 1 25  ? -3.416  15.065  3.639   1.00 12.11 ? 28  PHE A N   1 
ATOM   195  C  CA  . PHE A 1 25  ? -2.549  14.187  4.409   1.00 9.24  ? 28  PHE A CA  1 
ATOM   196  C  C   . PHE A 1 25  ? -1.476  14.929  5.168   1.00 10.30 ? 28  PHE A C   1 
ATOM   197  O  O   . PHE A 1 25  ? -0.814  15.812  4.607   1.00 14.60 ? 28  PHE A O   1 
ATOM   198  C  CB  . PHE A 1 25  ? -1.821  13.203  3.488   1.00 11.23 ? 28  PHE A CB  1 
ATOM   199  C  CG  . PHE A 1 25  ? -2.728  12.374  2.637   1.00 13.52 ? 28  PHE A CG  1 
ATOM   200  C  CD1 . PHE A 1 25  ? -3.078  12.779  1.348   1.00 11.94 ? 28  PHE A CD1 1 
ATOM   201  C  CD2 . PHE A 1 25  ? -3.216  11.174  3.116   1.00 12.54 ? 28  PHE A CD2 1 
ATOM   202  C  CE1 . PHE A 1 25  ? -3.903  11.970  0.548   1.00 16.04 ? 28  PHE A CE1 1 
ATOM   203  C  CE2 . PHE A 1 25  ? -4.040  10.364  2.325   1.00 14.81 ? 28  PHE A CE2 1 
ATOM   204  C  CZ  . PHE A 1 25  ? -4.375  10.774  1.035   1.00 16.51 ? 28  PHE A CZ  1 
ATOM   205  N  N   . LYS A 1 26  ? -1.306  14.565  6.434   1.00 8.89  ? 29  LYS A N   1 
ATOM   206  C  CA  . LYS A 1 26  ? -0.204  15.101  7.206   1.00 9.74  ? 29  LYS A CA  1 
ATOM   207  C  C   . LYS A 1 26  ? 0.982   14.187  6.796   1.00 11.75 ? 29  LYS A C   1 
ATOM   208  O  O   . LYS A 1 26  ? 0.836   12.945  6.829   1.00 13.36 ? 29  LYS A O   1 
ATOM   209  C  CB  . LYS A 1 26  ? -0.510  14.953  8.684   1.00 13.92 ? 29  LYS A CB  1 
ATOM   210  C  CG  . LYS A 1 26  ? 0.598   15.387  9.603   1.00 16.52 ? 29  LYS A CG  1 
ATOM   211  C  CD  . LYS A 1 26  ? 0.143   15.195  11.045  1.00 18.71 ? 29  LYS A CD  1 
ATOM   212  C  CE  . LYS A 1 26  ? 1.021   15.907  12.022  1.00 21.27 ? 29  LYS A CE  1 
ATOM   213  N  NZ  . LYS A 1 26  ? 0.395   15.888  13.378  1.00 24.84 ? 29  LYS A NZ  1 
ATOM   214  N  N   . THR A 1 27  ? 2.121   14.763  6.385   1.00 9.09  ? 30  THR A N   1 
ATOM   215  C  CA  . THR A 1 27  ? 3.297   13.957  5.997   1.00 12.25 ? 30  THR A CA  1 
ATOM   216  C  C   . THR A 1 27  ? 4.438   14.384  6.919   1.00 9.92  ? 30  THR A C   1 
ATOM   217  O  O   . THR A 1 27  ? 4.360   15.437  7.560   1.00 11.00 ? 30  THR A O   1 
ATOM   218  C  CB  . THR A 1 27  ? 3.741   14.146  4.511   1.00 10.71 ? 30  THR A CB  1 
ATOM   219  O  OG1 . THR A 1 27  ? 4.313   15.448  4.315   1.00 13.74 ? 30  THR A OG1 1 
ATOM   220  C  CG2 . THR A 1 27  ? 2.529   13.983  3.575   1.00 15.02 ? 30  THR A CG2 1 
ATOM   221  N  N   . ASP A 1 28  ? 5.510   13.601  6.944   1.00 12.18 ? 31  ASP A N   1 
ATOM   222  C  CA  . ASP A 1 28  ? 6.599   13.867  7.884   1.00 14.21 ? 31  ASP A CA  1 
ATOM   223  C  C   . ASP A 1 28  ? 7.922   13.486  7.225   1.00 12.39 ? 31  ASP A C   1 
ATOM   224  O  O   . ASP A 1 28  ? 7.988   12.528  6.442   1.00 11.05 ? 31  ASP A O   1 
ATOM   225  C  CB  . ASP A 1 28  ? 6.285   13.026  9.134   1.00 16.28 ? 31  ASP A CB  1 
ATOM   226  C  CG  . ASP A 1 28  ? 7.324   13.118  10.218  1.00 22.56 ? 31  ASP A CG  1 
ATOM   227  O  OD1 . ASP A 1 28  ? 8.488   12.718  9.990   1.00 24.84 ? 31  ASP A OD1 1 
ATOM   228  O  OD2 . ASP A 1 28  ? 6.959   13.557  11.324  1.00 26.14 ? 31  ASP A OD2 1 
ATOM   229  N  N   . SER A 1 29  ? 8.981   14.239  7.522   1.00 15.87 ? 32  SER A N   1 
ATOM   230  C  CA  . SER A 1 29  ? 10.268  13.948  6.890   1.00 17.22 ? 32  SER A CA  1 
ATOM   231  C  C   . SER A 1 29  ? 10.871  12.585  7.231   1.00 18.89 ? 32  SER A C   1 
ATOM   232  O  O   . SER A 1 29  ? 11.829  12.137  6.577   1.00 21.85 ? 32  SER A O   1 
ATOM   233  C  CB  . SER A 1 29  ? 11.292  15.057  7.193   1.00 16.44 ? 32  SER A CB  1 
ATOM   234  O  OG  . SER A 1 29  ? 11.587  15.145  8.560   1.00 19.56 ? 32  SER A OG  1 
ATOM   235  N  N   . GLY A 1 30  ? 10.324  11.929  8.245   1.00 19.02 ? 33  GLY A N   1 
ATOM   236  C  CA  . GLY A 1 30  ? 10.813  10.612  8.631   1.00 20.30 ? 33  GLY A CA  1 
ATOM   237  C  C   . GLY A 1 30  ? 9.938   9.506   8.084   1.00 21.71 ? 33  GLY A C   1 
ATOM   238  O  O   . GLY A 1 30  ? 10.019  8.348   8.523   1.00 24.01 ? 33  GLY A O   1 
ATOM   239  N  N   . VAL A 1 31  ? 9.091   9.865   7.121   1.00 15.41 ? 34  VAL A N   1 
ATOM   240  C  CA  . VAL A 1 31  ? 8.191   8.907   6.491   1.00 15.52 ? 34  VAL A CA  1 
ATOM   241  C  C   . VAL A 1 31  ? 8.276   9.090   4.984   1.00 15.30 ? 34  VAL A C   1 
ATOM   242  O  O   . VAL A 1 31  ? 8.590   10.183  4.488   1.00 13.96 ? 34  VAL A O   1 
ATOM   243  C  CB  . VAL A 1 31  ? 6.726   9.096   6.999   1.00 14.77 ? 34  VAL A CB  1 
ATOM   244  C  CG1 . VAL A 1 31  ? 5.768   8.175   6.237   1.00 13.45 ? 34  VAL A CG1 1 
ATOM   245  C  CG2 . VAL A 1 31  ? 6.635   8.748   8.488   1.00 13.74 ? 34  VAL A CG2 1 
ATOM   246  N  N   . PHE A 1 32  ? 8.059   8.006   4.249   1.00 15.24 ? 35  PHE A N   1 
ATOM   247  C  CA  . PHE A 1 32  ? 8.103   8.050   2.798   1.00 18.07 ? 35  PHE A CA  1 
ATOM   248  C  C   . PHE A 1 32  ? 7.222   9.130   2.173   1.00 17.70 ? 35  PHE A C   1 
ATOM   249  O  O   . PHE A 1 32  ? 6.120   9.420   2.651   1.00 15.76 ? 35  PHE A O   1 
ATOM   250  C  CB  . PHE A 1 32  ? 7.690   6.693   2.210   1.00 20.10 ? 35  PHE A CB  1 
ATOM   251  C  CG  . PHE A 1 32  ? 7.703   6.657   0.698   1.00 22.60 ? 35  PHE A CG  1 
ATOM   252  C  CD1 . PHE A 1 32  ? 8.879   6.881   -0.003  1.00 21.65 ? 35  PHE A CD1 1 
ATOM   253  C  CD2 . PHE A 1 32  ? 6.532   6.434   -0.017  1.00 23.25 ? 35  PHE A CD2 1 
ATOM   254  C  CE1 . PHE A 1 32  ? 8.894   6.886   -1.397  1.00 27.11 ? 35  PHE A CE1 1 
ATOM   255  C  CE2 . PHE A 1 32  ? 6.537   6.438   -1.418  1.00 24.72 ? 35  PHE A CE2 1 
ATOM   256  C  CZ  . PHE A 1 32  ? 7.712   6.663   -2.106  1.00 23.18 ? 35  PHE A CZ  1 
ATOM   257  N  N   . SER A 1 33  ? 7.733   9.733   1.104   1.00 17.13 ? 36  SER A N   1 
ATOM   258  C  CA  . SER A 1 33  ? 6.993   10.733  0.343   1.00 20.74 ? 36  SER A CA  1 
ATOM   259  C  C   . SER A 1 33  ? 6.575   11.981  1.106   1.00 13.96 ? 36  SER A C   1 
ATOM   260  O  O   . SER A 1 33  ? 5.441   12.430  1.026   1.00 16.28 ? 36  SER A O   1 
ATOM   261  C  CB  . SER A 1 33  ? 5.765   10.095  -0.297  1.00 18.56 ? 36  SER A CB  1 
ATOM   262  O  OG  . SER A 1 33  ? 5.351   10.873  -1.414  1.00 28.16 ? 36  SER A OG  1 
ATOM   263  N  N   . TYR A 1 34  ? 7.525   12.547  1.826   1.00 16.04 ? 37  TYR A N   1 
ATOM   264  C  CA  . TYR A 1 34  ? 7.309   13.762  2.582   1.00 13.83 ? 37  TYR A CA  1 
ATOM   265  C  C   . TYR A 1 34  ? 6.960   14.940  1.669   1.00 13.64 ? 37  TYR A C   1 
ATOM   266  O  O   . TYR A 1 34  ? 7.636   15.196  0.669   1.00 17.90 ? 37  TYR A O   1 
ATOM   267  C  CB  . TYR A 1 34  ? 8.586   14.052  3.361   1.00 16.27 ? 37  TYR A CB  1 
ATOM   268  C  CG  . TYR A 1 34  ? 8.666   15.419  3.979   1.00 14.61 ? 37  TYR A CG  1 
ATOM   269  C  CD1 . TYR A 1 34  ? 7.725   15.838  4.922   1.00 11.43 ? 37  TYR A CD1 1 
ATOM   270  C  CD2 . TYR A 1 34  ? 9.695   16.297  3.629   1.00 19.33 ? 37  TYR A CD2 1 
ATOM   271  C  CE1 . TYR A 1 34  ? 7.815   17.103  5.511   1.00 16.91 ? 37  TYR A CE1 1 
ATOM   272  C  CE2 . TYR A 1 34  ? 9.791   17.563  4.203   1.00 21.03 ? 37  TYR A CE2 1 
ATOM   273  C  CZ  . TYR A 1 34  ? 8.855   17.958  5.143   1.00 22.02 ? 37  TYR A CZ  1 
ATOM   274  O  OH  . TYR A 1 34  ? 8.969   19.200  5.730   1.00 26.11 ? 37  TYR A OH  1 
ATOM   275  N  N   . GLY A 1 35  ? 5.890   15.661  1.981   1.00 13.89 ? 38  GLY A N   1 
ATOM   276  C  CA  . GLY A 1 35  ? 5.574   16.831  1.172   1.00 17.69 ? 38  GLY A CA  1 
ATOM   277  C  C   . GLY A 1 35  ? 4.842   16.696  -0.155  1.00 18.91 ? 38  GLY A C   1 
ATOM   278  O  O   . GLY A 1 35  ? 4.582   17.706  -0.810  1.00 17.56 ? 38  GLY A O   1 
ATOM   279  N  N   . LYS A 1 36  ? 4.521   15.477  -0.584  1.00 18.54 ? 39  LYS A N   1 
ATOM   280  C  CA  . LYS A 1 36  ? 3.781   15.312  -1.831  1.00 22.40 ? 39  LYS A CA  1 
ATOM   281  C  C   . LYS A 1 36  ? 3.340   13.882  -1.960  1.00 20.12 ? 39  LYS A C   1 
ATOM   282  O  O   . LYS A 1 36  ? 3.942   12.992  -1.363  1.00 24.82 ? 39  LYS A O   1 
ATOM   283  C  CB  . LYS A 1 36  ? 4.642   15.664  -3.045  1.00 24.40 ? 39  LYS A CB  1 
ATOM   284  C  CG  . LYS A 1 36  ? 5.792   14.704  -3.298  1.00 29.27 ? 39  LYS A CG  1 
ATOM   285  C  CD  . LYS A 1 36  ? 6.651   15.187  -4.470  1.00 33.34 ? 39  LYS A CD  1 
ATOM   286  C  CE  . LYS A 1 36  ? 7.954   14.410  -4.557  1.00 33.08 ? 39  LYS A CE  1 
ATOM   287  N  NZ  . LYS A 1 36  ? 8.864   14.890  -5.652  1.00 37.90 ? 39  LYS A NZ  1 
ATOM   288  N  N   . VAL A 1 37  ? 2.269   13.656  -2.710  1.00 18.88 ? 40  VAL A N   1 
ATOM   289  C  CA  . VAL A 1 37  ? 1.837   12.288  -2.920  1.00 21.15 ? 40  VAL A CA  1 
ATOM   290  C  C   . VAL A 1 37  ? 2.710   11.750  -4.049  1.00 20.82 ? 40  VAL A C   1 
ATOM   291  O  O   . VAL A 1 37  ? 2.812   12.346  -5.129  1.00 23.18 ? 40  VAL A O   1 
ATOM   292  C  CB  . VAL A 1 37  ? 0.342   12.191  -3.303  1.00 20.67 ? 40  VAL A CB  1 
ATOM   293  C  CG1 . VAL A 1 37  ? -0.023  10.751  -3.603  1.00 20.54 ? 40  VAL A CG1 1 
ATOM   294  C  CG2 . VAL A 1 37  ? -0.516  12.695  -2.155  1.00 23.17 ? 40  VAL A CG2 1 
ATOM   295  N  N   . ASP A 1 38  ? 3.355   10.628  -3.764  1.00 23.15 ? 41  ASP A N   1 
ATOM   296  C  CA  . ASP A 1 38  ? 4.254   9.951   -4.669  1.00 20.53 ? 41  ASP A CA  1 
ATOM   297  C  C   . ASP A 1 38  ? 3.598   9.637   -6.019  1.00 22.18 ? 41  ASP A C   1 
ATOM   298  O  O   . ASP A 1 38  ? 2.476   9.169   -6.055  1.00 14.99 ? 41  ASP A O   1 
ATOM   299  C  CB  . ASP A 1 38  ? 4.731   8.670   -3.981  1.00 25.98 ? 41  ASP A CB  1 
ATOM   300  C  CG  . ASP A 1 38  ? 5.577   7.826   -4.872  1.00 28.67 ? 41  ASP A CG  1 
ATOM   301  O  OD1 . ASP A 1 38  ? 5.027   6.899   -5.514  1.00 26.08 ? 41  ASP A OD1 1 
ATOM   302  O  OD2 . ASP A 1 38  ? 6.795   8.105   -4.942  1.00 32.16 ? 41  ASP A OD2 1 
ATOM   303  N  N   . LYS A 1 39  ? 4.297   9.900   -7.123  1.00 19.22 ? 42  LYS A N   1 
ATOM   304  C  CA  . LYS A 1 39  ? 3.728   9.627   -8.449  1.00 24.09 ? 42  LYS A CA  1 
ATOM   305  C  C   . LYS A 1 39  ? 3.344   8.165   -8.627  1.00 17.61 ? 42  LYS A C   1 
ATOM   306  O  O   . LYS A 1 39  ? 2.287   7.871   -9.158  1.00 21.45 ? 42  LYS A O   1 
ATOM   307  C  CB  . LYS A 1 39  ? 4.700   10.055  -9.559  1.00 28.69 ? 42  LYS A CB  1 
ATOM   308  C  CG  . LYS A 1 39  ? 4.845   11.576  -9.635  1.00 34.75 ? 42  LYS A CG  1 
ATOM   309  C  CD  . LYS A 1 39  ? 5.500   12.079  -10.923 1.00 38.61 ? 42  LYS A CD  1 
ATOM   310  C  CE  . LYS A 1 39  ? 5.451   13.615  -10.947 1.00 40.20 ? 42  LYS A CE  1 
ATOM   311  N  NZ  . LYS A 1 39  ? 6.299   14.251  -11.997 1.00 41.27 ? 42  LYS A NZ  1 
ATOM   312  N  N   . GLY A 1 40  ? 4.208   7.257   -8.176  1.00 17.95 ? 43  GLY A N   1 
ATOM   313  C  CA  . GLY A 1 40  ? 3.906   5.839   -8.284  1.00 15.15 ? 43  GLY A CA  1 
ATOM   314  C  C   . GLY A 1 40  ? 2.662   5.496   -7.493  1.00 17.95 ? 43  GLY A C   1 
ATOM   315  O  O   . GLY A 1 40  ? 1.760   4.771   -7.962  1.00 15.13 ? 43  GLY A O   1 
ATOM   316  N  N   . THR A 1 41  ? 2.592   6.012   -6.274  1.00 14.49 ? 44  THR A N   1 
ATOM   317  C  CA  . THR A 1 41  ? 1.425   5.733   -5.459  1.00 15.82 ? 44  THR A CA  1 
ATOM   318  C  C   . THR A 1 41  ? 0.160   6.259   -6.153  1.00 14.70 ? 44  THR A C   1 
ATOM   319  O  O   . THR A 1 41  ? -0.855  5.581   -6.183  1.00 16.06 ? 44  THR A O   1 
ATOM   320  C  CB  . THR A 1 41  ? 1.584   6.363   -4.066  1.00 15.88 ? 44  THR A CB  1 
ATOM   321  O  OG1 . THR A 1 41  ? 2.763   5.823   -3.444  1.00 20.43 ? 44  THR A OG1 1 
ATOM   322  C  CG2 . THR A 1 41  ? 0.382   6.045   -3.197  1.00 20.66 ? 44  THR A CG2 1 
ATOM   323  N  N   . LYS A 1 42  ? 0.217   7.464   -6.710  1.00 14.19 ? 45  LYS A N   1 
ATOM   324  C  CA  . LYS A 1 42  ? -0.941  8.028   -7.391  1.00 16.62 ? 45  LYS A CA  1 
ATOM   325  C  C   . LYS A 1 42  ? -1.413  7.185   -8.564  1.00 16.82 ? 45  LYS A C   1 
ATOM   326  O  O   . LYS A 1 42  ? -2.610  7.009   -8.755  1.00 18.22 ? 45  LYS A O   1 
ATOM   327  C  CB  . LYS A 1 42  ? -0.630  9.446   -7.874  1.00 19.87 ? 45  LYS A CB  1 
ATOM   328  C  CG  . LYS A 1 42  ? -0.011  10.296  -6.798  1.00 26.18 ? 45  LYS A CG  1 
ATOM   329  C  CD  . LYS A 1 42  ? 0.308   11.714  -7.252  1.00 29.60 ? 45  LYS A CD  1 
ATOM   330  C  CE  . LYS A 1 42  ? -0.951  12.535  -7.427  1.00 29.79 ? 45  LYS A CE  1 
ATOM   331  N  NZ  . LYS A 1 42  ? -0.576  13.987  -7.434  1.00 28.04 ? 45  LYS A NZ  1 
ATOM   332  N  N   . ILE A 1 43  ? -0.472  6.676   -9.356  1.00 15.89 ? 46  ILE A N   1 
ATOM   333  C  CA  . ILE A 1 43  ? -0.807  5.852   -10.506 1.00 15.37 ? 46  ILE A CA  1 
ATOM   334  C  C   . ILE A 1 43  ? -1.470  4.557   -10.007 1.00 19.04 ? 46  ILE A C   1 
ATOM   335  O  O   . ILE A 1 43  ? -2.517  4.136   -10.514 1.00 19.19 ? 46  ILE A O   1 
ATOM   336  C  CB  . ILE A 1 43  ? 0.477   5.571   -11.327 1.00 16.75 ? 46  ILE A CB  1 
ATOM   337  C  CG1 . ILE A 1 43  ? 0.965   6.885   -11.956 1.00 19.83 ? 46  ILE A CG1 1 
ATOM   338  C  CG2 . ILE A 1 43  ? 0.210   4.548   -12.412 1.00 17.10 ? 46  ILE A CG2 1 
ATOM   339  C  CD1 . ILE A 1 43  ? 2.325   6.751   -12.658 1.00 19.88 ? 46  ILE A CD1 1 
ATOM   340  N  N   . LEU A 1 44  ? -0.882  3.955   -8.982  1.00 14.47 ? 47  LEU A N   1 
ATOM   341  C  CA  . LEU A 1 44  ? -1.437  2.728   -8.425  1.00 15.62 ? 47  LEU A CA  1 
ATOM   342  C  C   . LEU A 1 44  ? -2.856  2.948   -7.934  1.00 14.79 ? 47  LEU A C   1 
ATOM   343  O  O   . LEU A 1 44  ? -3.758  2.190   -8.281  1.00 13.53 ? 47  LEU A O   1 
ATOM   344  C  CB  . LEU A 1 44  ? -0.579  2.225   -7.256  1.00 13.55 ? 47  LEU A CB  1 
ATOM   345  C  CG  . LEU A 1 44  ? -1.020  0.936   -6.559  1.00 15.26 ? 47  LEU A CG  1 
ATOM   346  C  CD1 . LEU A 1 44  ? -1.073  -0.240  -7.548  1.00 16.29 ? 47  LEU A CD1 1 
ATOM   347  C  CD2 . LEU A 1 44  ? 0.026   0.619   -5.451  1.00 16.46 ? 47  LEU A CD2 1 
ATOM   348  N  N   . VAL A 1 45  ? -3.053  3.981   -7.121  1.00 14.65 ? 48  VAL A N   1 
ATOM   349  C  CA  . VAL A 1 45  ? -4.382  4.279   -6.569  1.00 17.33 ? 48  VAL A CA  1 
ATOM   350  C  C   . VAL A 1 45  ? -5.441  4.579   -7.642  1.00 18.38 ? 48  VAL A C   1 
ATOM   351  O  O   . VAL A 1 45  ? -6.606  4.210   -7.501  1.00 18.88 ? 48  VAL A O   1 
ATOM   352  C  CB  . VAL A 1 45  ? -4.304  5.474   -5.587  1.00 19.44 ? 48  VAL A CB  1 
ATOM   353  C  CG1 . VAL A 1 45  ? -5.712  5.893   -5.129  1.00 23.39 ? 48  VAL A CG1 1 
ATOM   354  C  CG2 . VAL A 1 45  ? -3.487  5.071   -4.383  1.00 20.10 ? 48  VAL A CG2 1 
ATOM   355  N  N   . GLU A 1 46  ? -5.036  5.244   -8.719  1.00 19.63 ? 49  GLU A N   1 
ATOM   356  C  CA  . GLU A 1 46  ? -5.996  5.559   -9.764  1.00 20.66 ? 49  GLU A CA  1 
ATOM   357  C  C   . GLU A 1 46  ? -6.389  4.329   -10.569 1.00 17.10 ? 49  GLU A C   1 
ATOM   358  O  O   . GLU A 1 46  ? -7.510  4.242   -11.068 1.00 18.95 ? 49  GLU A O   1 
ATOM   359  C  CB  . GLU A 1 46  ? -5.422  6.604   -10.726 1.00 25.77 ? 49  GLU A CB  1 
ATOM   360  C  CG  . GLU A 1 46  ? -5.296  8.009   -10.160 1.00 31.55 ? 49  GLU A CG  1 
ATOM   361  C  CD  . GLU A 1 46  ? -6.635  8.607   -9.776  1.00 32.53 ? 49  GLU A CD  1 
ATOM   362  O  OE1 . GLU A 1 46  ? -7.670  8.212   -10.366 1.00 35.06 ? 49  GLU A OE1 1 
ATOM   363  O  OE2 . GLU A 1 46  ? -6.652  9.487   -8.899  1.00 37.31 ? 49  GLU A OE2 1 
ATOM   364  N  N   . ASN A 1 47  ? -5.478  3.372   -10.674 1.00 15.08 ? 50  ASN A N   1 
ATOM   365  C  CA  . ASN A 1 47  ? -5.724  2.187   -11.487 1.00 20.13 ? 50  ASN A CA  1 
ATOM   366  C  C   . ASN A 1 47  ? -6.205  0.920   -10.818 1.00 16.71 ? 50  ASN A C   1 
ATOM   367  O  O   . ASN A 1 47  ? -6.706  0.012   -11.490 1.00 20.67 ? 50  ASN A O   1 
ATOM   368  C  CB  . ASN A 1 47  ? -4.477  1.912   -12.338 1.00 20.41 ? 50  ASN A CB  1 
ATOM   369  C  CG  . ASN A 1 47  ? -4.261  2.994   -13.375 1.00 24.17 ? 50  ASN A CG  1 
ATOM   370  O  OD1 . ASN A 1 47  ? -3.593  4.004   -13.129 1.00 25.35 ? 50  ASN A OD1 1 
ATOM   371  N  ND2 . ASN A 1 47  ? -4.866  2.807   -14.537 1.00 26.47 ? 50  ASN A ND2 1 
ATOM   372  N  N   . VAL A 1 48  ? -6.102  0.849   -9.499  1.00 17.46 ? 51  VAL A N   1 
ATOM   373  C  CA  . VAL A 1 48  ? -6.554  -0.351  -8.820  1.00 19.21 ? 51  VAL A CA  1 
ATOM   374  C  C   . VAL A 1 48  ? -8.087  -0.481  -8.916  1.00 17.92 ? 51  VAL A C   1 
ATOM   375  O  O   . VAL A 1 48  ? -8.832  0.502   -8.892  1.00 21.30 ? 51  VAL A O   1 
ATOM   376  C  CB  . VAL A 1 48  ? -6.061  -0.373  -7.337  1.00 22.00 ? 51  VAL A CB  1 
ATOM   377  C  CG1 . VAL A 1 48  ? -6.605  0.823   -6.582  1.00 23.19 ? 51  VAL A CG1 1 
ATOM   378  C  CG2 . VAL A 1 48  ? -6.448  -1.693  -6.675  1.00 23.91 ? 51  VAL A CG2 1 
ATOM   379  N  N   . VAL A 1 49  ? -8.543  -1.709  -9.090  1.00 18.70 ? 52  VAL A N   1 
ATOM   380  C  CA  . VAL A 1 49  ? -9.966  -1.988  -9.216  1.00 20.77 ? 52  VAL A CA  1 
ATOM   381  C  C   . VAL A 1 49  ? -10.369 -2.722  -7.954  1.00 21.36 ? 52  VAL A C   1 
ATOM   382  O  O   . VAL A 1 49  ? -9.753  -3.732  -7.601  1.00 21.17 ? 52  VAL A O   1 
ATOM   383  C  CB  . VAL A 1 49  ? -10.249 -2.887  -10.465 1.00 23.83 ? 52  VAL A CB  1 
ATOM   384  C  CG1 . VAL A 1 49  ? -11.714 -3.270  -10.521 1.00 23.65 ? 52  VAL A CG1 1 
ATOM   385  C  CG2 . VAL A 1 49  ? -9.872  -2.136  -11.743 1.00 21.56 ? 52  VAL A CG2 1 
ATOM   386  N  N   . VAL A 1 50  ? -11.366 -2.194  -7.247  1.00 18.78 ? 53  VAL A N   1 
ATOM   387  C  CA  . VAL A 1 50  ? -11.830 -2.835  -6.027  1.00 19.43 ? 53  VAL A CA  1 
ATOM   388  C  C   . VAL A 1 50  ? -13.335 -3.046  -6.036  1.00 22.27 ? 53  VAL A C   1 
ATOM   389  O  O   . VAL A 1 50  ? -14.076 -2.360  -6.750  1.00 20.36 ? 53  VAL A O   1 
ATOM   390  C  CB  . VAL A 1 50  ? -11.440 -2.032  -4.747  1.00 20.79 ? 53  VAL A CB  1 
ATOM   391  C  CG1 . VAL A 1 50  ? -9.914  -1.967  -4.622  1.00 20.63 ? 53  VAL A CG1 1 
ATOM   392  C  CG2 . VAL A 1 50  ? -12.036 -0.635  -4.792  1.00 17.86 ? 53  VAL A CG2 1 
ATOM   393  N  N   . ASP A 1 51  ? -13.766 -4.010  -5.230  1.00 24.26 ? 54  ASP A N   1 
ATOM   394  C  CA  . ASP A 1 51  ? -15.180 -4.379  -5.107  1.00 27.27 ? 54  ASP A CA  1 
ATOM   395  C  C   . ASP A 1 51  ? -15.701 -3.948  -3.738  1.00 25.37 ? 54  ASP A C   1 
ATOM   396  O  O   . ASP A 1 51  ? -14.951 -3.943  -2.780  1.00 18.15 ? 54  ASP A O   1 
ATOM   397  C  CB  . ASP A 1 51  ? -15.308 -5.897  -5.268  1.00 31.72 ? 54  ASP A CB  1 
ATOM   398  C  CG  . ASP A 1 51  ? -16.728 -6.381  -5.140  1.00 37.20 ? 54  ASP A CG  1 
ATOM   399  O  OD1 . ASP A 1 51  ? -17.129 -6.781  -4.025  1.00 40.18 ? 54  ASP A OD1 1 
ATOM   400  O  OD2 . ASP A 1 51  ? -17.447 -6.359  -6.162  1.00 41.88 ? 54  ASP A OD2 1 
ATOM   401  N  N   . LYS A 1 52  ? -16.983 -3.613  -3.637  1.00 21.25 ? 55  LYS A N   1 
ATOM   402  C  CA  . LYS A 1 52  ? -17.548 -3.178  -2.361  1.00 22.03 ? 55  LYS A CA  1 
ATOM   403  C  C   . LYS A 1 52  ? -17.426 -4.187  -1.213  1.00 23.07 ? 55  LYS A C   1 
ATOM   404  O  O   . LYS A 1 52  ? -17.515 -3.806  -0.050  1.00 24.02 ? 55  LYS A O   1 
ATOM   405  C  CB  . LYS A 1 52  ? -19.027 -2.830  -2.521  1.00 26.54 ? 55  LYS A CB  1 
ATOM   406  C  CG  . LYS A 1 52  ? -19.929 -4.036  -2.661  1.00 33.95 ? 55  LYS A CG  1 
ATOM   407  C  CD  . LYS A 1 52  ? -19.677 -4.788  -3.949  1.00 39.40 ? 55  LYS A CD  1 
ATOM   408  C  CE  . LYS A 1 52  ? -20.741 -5.856  -4.136  1.00 44.42 ? 55  LYS A CE  1 
ATOM   409  N  NZ  . LYS A 1 52  ? -22.102 -5.255  -4.066  1.00 44.66 ? 55  LYS A NZ  1 
ATOM   410  N  N   . ASP A 1 53  ? -17.251 -5.468  -1.531  1.00 21.63 ? 56  ASP A N   1 
ATOM   411  C  CA  . ASP A 1 53  ? -17.124 -6.483  -0.491  1.00 23.77 ? 56  ASP A CA  1 
ATOM   412  C  C   . ASP A 1 53  ? -15.671 -6.874  -0.203  1.00 22.20 ? 56  ASP A C   1 
ATOM   413  O  O   . ASP A 1 53  ? -15.420 -7.820  0.534   1.00 22.77 ? 56  ASP A O   1 
ATOM   414  C  CB  . ASP A 1 53  ? -17.912 -7.747  -0.871  1.00 31.49 ? 56  ASP A CB  1 
ATOM   415  C  CG  . ASP A 1 53  ? -19.417 -7.506  -0.945  1.00 35.68 ? 56  ASP A CG  1 
ATOM   416  O  OD1 . ASP A 1 53  ? -19.994 -6.978  0.033   1.00 38.25 ? 56  ASP A OD1 1 
ATOM   417  O  OD2 . ASP A 1 53  ? -20.019 -7.848  -1.987  1.00 41.60 ? 56  ASP A OD2 1 
ATOM   418  N  N   . ASP A 1 54  ? -14.713 -6.141  -0.753  1.00 17.67 ? 57  ASP A N   1 
ATOM   419  C  CA  . ASP A 1 54  ? -13.321 -6.500  -0.525  1.00 17.54 ? 57  ASP A CA  1 
ATOM   420  C  C   . ASP A 1 54  ? -12.770 -6.132  0.831   1.00 15.79 ? 57  ASP A C   1 
ATOM   421  O  O   . ASP A 1 54  ? -13.062 -5.058  1.356   1.00 16.83 ? 57  ASP A O   1 
ATOM   422  C  CB  . ASP A 1 54  ? -12.400 -5.819  -1.535  1.00 17.53 ? 57  ASP A CB  1 
ATOM   423  C  CG  . ASP A 1 54  ? -12.482 -6.406  -2.923  1.00 19.96 ? 57  ASP A CG  1 
ATOM   424  O  OD1 . ASP A 1 54  ? -12.936 -7.564  -3.086  1.00 26.27 ? 57  ASP A OD1 1 
ATOM   425  O  OD2 . ASP A 1 54  ? -12.056 -5.713  -3.856  1.00 22.41 ? 57  ASP A OD2 1 
ATOM   426  N  N   . ASP A 1 55  ? -11.941 -7.021  1.371   1.00 15.05 ? 58  ASP A N   1 
ATOM   427  C  CA  . ASP A 1 55  ? -11.213 -6.756  2.615   1.00 13.12 ? 58  ASP A CA  1 
ATOM   428  C  C   . ASP A 1 55  ? -9.833  -6.497  2.011   1.00 13.11 ? 58  ASP A C   1 
ATOM   429  O  O   . ASP A 1 55  ? -9.296  -7.360  1.311   1.00 13.11 ? 58  ASP A O   1 
ATOM   430  C  CB  . ASP A 1 55  ? -11.149 -7.988  3.503   1.00 16.42 ? 58  ASP A CB  1 
ATOM   431  C  CG  . ASP A 1 55  ? -12.475 -8.294  4.161   1.00 20.52 ? 58  ASP A CG  1 
ATOM   432  O  OD1 . ASP A 1 55  ? -13.073 -7.361  4.730   1.00 25.55 ? 58  ASP A OD1 1 
ATOM   433  O  OD2 . ASP A 1 55  ? -12.912 -9.463  4.120   1.00 22.22 ? 58  ASP A OD2 1 
ATOM   434  N  N   . ILE A 1 56  ? -9.265  -5.320  2.237   1.00 9.91  ? 59  ILE A N   1 
ATOM   435  C  CA  . ILE A 1 56  ? -7.982  -5.041  1.623   1.00 9.93  ? 59  ILE A CA  1 
ATOM   436  C  C   . ILE A 1 56  ? -6.874  -4.736  2.597   1.00 8.20  ? 59  ILE A C   1 
ATOM   437  O  O   . ILE A 1 56  ? -7.111  -4.308  3.713   1.00 8.27  ? 59  ILE A O   1 
ATOM   438  C  CB  . ILE A 1 56  ? -8.072  -3.857  0.638   1.00 9.45  ? 59  ILE A CB  1 
ATOM   439  C  CG1 . ILE A 1 56  ? -8.317  -2.553  1.390   1.00 10.59 ? 59  ILE A CG1 1 
ATOM   440  C  CG2 . ILE A 1 56  ? -9.246  -4.090  -0.356  1.00 14.98 ? 59  ILE A CG2 1 
ATOM   441  C  CD1 . ILE A 1 56  ? -8.199  -1.306  0.485   1.00 15.26 ? 59  ILE A CD1 1 
ATOM   442  N  N   . LEU A 1 57  ? -5.653  -4.950  2.136   1.00 10.09 ? 60  LEU A N   1 
ATOM   443  C  CA  . LEU A 1 57  ? -4.458  -4.687  2.928   1.00 10.03 ? 60  LEU A CA  1 
ATOM   444  C  C   . LEU A 1 57  ? -3.550  -3.757  2.131   1.00 10.01 ? 60  LEU A C   1 
ATOM   445  O  O   . LEU A 1 57  ? -3.190  -4.069  1.003   1.00 14.34 ? 60  LEU A O   1 
ATOM   446  C  CB  . LEU A 1 57  ? -3.728  -6.013  3.208   1.00 9.59  ? 60  LEU A CB  1 
ATOM   447  C  CG  . LEU A 1 57  ? -2.348  -5.905  3.877   1.00 11.33 ? 60  LEU A CG  1 
ATOM   448  C  CD1 . LEU A 1 57  ? -2.452  -5.261  5.265   1.00 9.49  ? 60  LEU A CD1 1 
ATOM   449  C  CD2 . LEU A 1 57  ? -1.749  -7.298  3.962   1.00 12.55 ? 60  LEU A CD2 1 
ATOM   450  N  N   . ASP A 1 58  ? -3.208  -2.620  2.732   1.00 10.66 ? 61  ASP A N   1 
ATOM   451  C  CA  . ASP A 1 58  ? -2.301  -1.617  2.171   1.00 12.72 ? 61  ASP A CA  1 
ATOM   452  C  C   . ASP A 1 58  ? -1.004  -1.904  2.925   1.00 14.27 ? 61  ASP A C   1 
ATOM   453  O  O   . ASP A 1 58  ? -0.835  -1.545  4.104   1.00 11.45 ? 61  ASP A O   1 
ATOM   454  C  CB  . ASP A 1 58  ? -2.845  -0.211  2.488   1.00 14.41 ? 61  ASP A CB  1 
ATOM   455  C  CG  . ASP A 1 58  ? -1.851  0.912   2.211   1.00 18.48 ? 61  ASP A CG  1 
ATOM   456  O  OD1 . ASP A 1 58  ? -0.749  0.667   1.648   1.00 20.55 ? 61  ASP A OD1 1 
ATOM   457  O  OD2 . ASP A 1 58  ? -2.193  2.078   2.565   1.00 19.99 ? 61  ASP A OD2 1 
ATOM   458  N  N   . LEU A 1 59  ? -0.083  -2.561  2.236   1.00 13.48 ? 62  LEU A N   1 
ATOM   459  C  CA  . LEU A 1 59  ? 1.175   -2.965  2.845   1.00 14.79 ? 62  LEU A CA  1 
ATOM   460  C  C   . LEU A 1 59  ? 2.254   -1.901  2.688   1.00 13.16 ? 62  LEU A C   1 
ATOM   461  O  O   . LEU A 1 59  ? 2.545   -1.475  1.577   1.00 15.68 ? 62  LEU A O   1 
ATOM   462  C  CB  . LEU A 1 59  ? 1.612   -4.282  2.209   1.00 15.86 ? 62  LEU A CB  1 
ATOM   463  C  CG  . LEU A 1 59  ? 2.908   -4.896  2.705   1.00 17.72 ? 62  LEU A CG  1 
ATOM   464  C  CD1 . LEU A 1 59  ? 2.702   -5.565  4.093   1.00 18.73 ? 62  LEU A CD1 1 
ATOM   465  C  CD2 . LEU A 1 59  ? 3.344   -5.922  1.664   1.00 20.61 ? 62  LEU A CD2 1 
ATOM   466  N  N   . GLY A 1 60  ? 2.859   -1.489  3.802   1.00 12.71 ? 63  GLY A N   1 
ATOM   467  C  CA  . GLY A 1 60  ? 3.874   -0.450  3.759   1.00 15.45 ? 63  GLY A CA  1 
ATOM   468  C  C   . GLY A 1 60  ? 3.092   0.812   3.466   1.00 14.81 ? 63  GLY A C   1 
ATOM   469  O  O   . GLY A 1 60  ? 3.342   1.521   2.489   1.00 14.71 ? 63  GLY A O   1 
ATOM   470  N  N   . CYS A 1 61  ? 2.121   1.086   4.325   1.00 12.08 ? 64  CYS A N   1 
ATOM   471  C  CA  . CYS A 1 61  ? 1.228   2.219   4.126   1.00 15.43 ? 64  CYS A CA  1 
ATOM   472  C  C   . CYS A 1 61  ? 1.776   3.630   4.241   1.00 13.91 ? 64  CYS A C   1 
ATOM   473  O  O   . CYS A 1 61  ? 1.150   4.554   3.731   1.00 16.35 ? 64  CYS A O   1 
ATOM   474  C  CB  . CYS A 1 61  ? 0.003   2.088   5.043   1.00 16.07 ? 64  CYS A CB  1 
ATOM   475  S  SG  . CYS A 1 61  ? 0.361   2.228   6.788   1.00 16.05 ? 64  CYS A SG  1 
ATOM   476  N  N   . GLY A 1 62  ? 2.922   3.827   4.882   1.00 11.74 ? 65  GLY A N   1 
ATOM   477  C  CA  . GLY A 1 62  ? 3.399   5.189   5.014   1.00 10.09 ? 65  GLY A CA  1 
ATOM   478  C  C   . GLY A 1 62  ? 2.318   6.004   5.717   1.00 13.21 ? 65  GLY A C   1 
ATOM   479  O  O   . GLY A 1 62  ? 1.689   5.517   6.662   1.00 13.88 ? 65  GLY A O   1 
ATOM   480  N  N   . TYR A 1 63  ? 2.072   7.235   5.273   1.00 12.01 ? 66  TYR A N   1 
ATOM   481  C  CA  . TYR A 1 63  ? 1.049   8.022   5.964   1.00 11.72 ? 66  TYR A CA  1 
ATOM   482  C  C   . TYR A 1 63  ? -0.392  7.728   5.571   1.00 11.53 ? 66  TYR A C   1 
ATOM   483  O  O   . TYR A 1 63  ? -1.320  8.435   5.981   1.00 13.82 ? 66  TYR A O   1 
ATOM   484  C  CB  . TYR A 1 63  ? 1.364   9.517   5.909   1.00 12.09 ? 66  TYR A CB  1 
ATOM   485  C  CG  . TYR A 1 63  ? 1.592   10.059  4.535   1.00 11.80 ? 66  TYR A CG  1 
ATOM   486  C  CD1 . TYR A 1 63  ? 0.528   10.296  3.679   1.00 12.77 ? 66  TYR A CD1 1 
ATOM   487  C  CD2 . TYR A 1 63  ? 2.879   10.334  4.093   1.00 12.64 ? 66  TYR A CD2 1 
ATOM   488  C  CE1 . TYR A 1 63  ? 0.744   10.810  2.388   1.00 12.87 ? 66  TYR A CE1 1 
ATOM   489  C  CE2 . TYR A 1 63  ? 3.102   10.832  2.815   1.00 13.87 ? 66  TYR A CE2 1 
ATOM   490  C  CZ  . TYR A 1 63  ? 2.042   11.068  1.982   1.00 13.75 ? 66  TYR A CZ  1 
ATOM   491  O  OH  . TYR A 1 63  ? 2.268   11.599  0.740   1.00 18.68 ? 66  TYR A OH  1 
ATOM   492  N  N   . GLY A 1 64  ? -0.575  6.660   4.797   1.00 10.60 ? 67  GLY A N   1 
ATOM   493  C  CA  . GLY A 1 64  ? -1.921  6.191   4.519   1.00 13.35 ? 67  GLY A CA  1 
ATOM   494  C  C   . GLY A 1 64  ? -2.621  6.461   3.215   1.00 17.08 ? 67  GLY A C   1 
ATOM   495  O  O   . GLY A 1 64  ? -3.804  6.141   3.093   1.00 15.89 ? 67  GLY A O   1 
ATOM   496  N  N   . VAL A 1 65  ? -1.916  6.981   2.225   1.00 15.45 ? 68  VAL A N   1 
ATOM   497  C  CA  . VAL A 1 65  ? -2.585  7.299   0.962   1.00 14.70 ? 68  VAL A CA  1 
ATOM   498  C  C   . VAL A 1 65  ? -3.456  6.224   0.342   1.00 13.37 ? 68  VAL A C   1 
ATOM   499  O  O   . VAL A 1 65  ? -4.621  6.478   0.040   1.00 15.23 ? 68  VAL A O   1 
ATOM   500  C  CB  . VAL A 1 65  ? -1.579  7.760   -0.114  1.00 17.16 ? 68  VAL A CB  1 
ATOM   501  C  CG1 . VAL A 1 65  ? -2.317  8.021   -1.439  1.00 17.56 ? 68  VAL A CG1 1 
ATOM   502  C  CG2 . VAL A 1 65  ? -0.885  9.050   0.347   1.00 17.14 ? 68  VAL A CG2 1 
ATOM   503  N  N   . ILE A 1 66  ? -2.907  5.028   0.139   1.00 15.58 ? 69  ILE A N   1 
ATOM   504  C  CA  . ILE A 1 66  ? -3.673  3.972   -0.538  1.00 12.97 ? 69  ILE A CA  1 
ATOM   505  C  C   . ILE A 1 66  ? -4.916  3.558   0.245   1.00 12.65 ? 69  ILE A C   1 
ATOM   506  O  O   . ILE A 1 66  ? -6.020  3.540   -0.299  1.00 13.17 ? 69  ILE A O   1 
ATOM   507  C  CB  . ILE A 1 66  ? -2.751  2.752   -0.827  1.00 17.29 ? 69  ILE A CB  1 
ATOM   508  C  CG1 . ILE A 1 66  ? -1.596  3.205   -1.721  1.00 17.40 ? 69  ILE A CG1 1 
ATOM   509  C  CG2 . ILE A 1 66  ? -3.541  1.636   -1.507  1.00 17.31 ? 69  ILE A CG2 1 
ATOM   510  C  CD1 . ILE A 1 66  ? -0.445  2.210   -1.839  1.00 20.18 ? 69  ILE A CD1 1 
ATOM   511  N  N   . GLY A 1 67  ? -4.746  3.253   1.530   1.00 12.59 ? 70  GLY A N   1 
ATOM   512  C  CA  . GLY A 1 67  ? -5.881  2.839   2.327   1.00 11.69 ? 70  GLY A CA  1 
ATOM   513  C  C   . GLY A 1 67  ? -6.966  3.907   2.421   1.00 14.09 ? 70  GLY A C   1 
ATOM   514  O  O   . GLY A 1 67  ? -8.154  3.623   2.304   1.00 14.12 ? 70  GLY A O   1 
ATOM   515  N  N   . ILE A 1 68  ? -6.547  5.145   2.623   1.00 11.84 ? 71  ILE A N   1 
ATOM   516  C  CA  . ILE A 1 68  ? -7.491  6.247   2.755   1.00 12.88 ? 71  ILE A CA  1 
ATOM   517  C  C   . ILE A 1 68  ? -8.246  6.521   1.457   1.00 13.45 ? 71  ILE A C   1 
ATOM   518  O  O   . ILE A 1 68  ? -9.457  6.731   1.476   1.00 12.29 ? 71  ILE A O   1 
ATOM   519  C  CB  . ILE A 1 68  ? -6.734  7.483   3.264   1.00 13.67 ? 71  ILE A CB  1 
ATOM   520  C  CG1 . ILE A 1 68  ? -6.401  7.220   4.746   1.00 14.15 ? 71  ILE A CG1 1 
ATOM   521  C  CG2 . ILE A 1 68  ? -7.529  8.775   3.033   1.00 17.79 ? 71  ILE A CG2 1 
ATOM   522  C  CD1 . ILE A 1 68  ? -5.497  8.236   5.400   1.00 16.84 ? 71  ILE A CD1 1 
ATOM   523  N  N   . ALA A 1 69  ? -7.533  6.471   0.338   1.00 12.06 ? 72  ALA A N   1 
ATOM   524  C  CA  . ALA A 1 69  ? -8.130  6.711   -0.981  1.00 15.12 ? 72  ALA A CA  1 
ATOM   525  C  C   . ALA A 1 69  ? -9.125  5.630   -1.394  1.00 15.28 ? 72  ALA A C   1 
ATOM   526  O  O   . ALA A 1 69  ? -10.017 5.863   -2.226  1.00 14.20 ? 72  ALA A O   1 
ATOM   527  C  CB  . ALA A 1 69  ? -7.009  6.823   -2.040  1.00 12.10 ? 72  ALA A CB  1 
ATOM   528  N  N   . LEU A 1 70  ? -8.995  4.438   -0.809  1.00 15.68 ? 73  LEU A N   1 
ATOM   529  C  CA  . LEU A 1 70  ? -9.890  3.350   -1.170  1.00 11.76 ? 73  LEU A CA  1 
ATOM   530  C  C   . LEU A 1 70  ? -10.907 2.942   -0.107  1.00 15.43 ? 73  LEU A C   1 
ATOM   531  O  O   . LEU A 1 70  ? -11.855 2.215   -0.408  1.00 14.25 ? 73  LEU A O   1 
ATOM   532  C  CB  . LEU A 1 70  ? -9.076  2.096   -1.505  1.00 14.13 ? 73  LEU A CB  1 
ATOM   533  C  CG  . LEU A 1 70  ? -8.065  2.175   -2.646  1.00 13.84 ? 73  LEU A CG  1 
ATOM   534  C  CD1 . LEU A 1 70  ? -7.183  0.950   -2.608  1.00 17.71 ? 73  LEU A CD1 1 
ATOM   535  C  CD2 . LEU A 1 70  ? -8.841  2.283   -3.976  1.00 16.55 ? 73  LEU A CD2 1 
ATOM   536  N  N   . ALA A 1 71  ? -10.726 3.419   1.120   1.00 13.89 ? 74  ALA A N   1 
ATOM   537  C  CA  . ALA A 1 71  ? -11.559 2.982   2.254   1.00 14.24 ? 74  ALA A CA  1 
ATOM   538  C  C   . ALA A 1 71  ? -13.078 3.002   2.112   1.00 15.90 ? 74  ALA A C   1 
ATOM   539  O  O   . ALA A 1 71  ? -13.764 2.088   2.593   1.00 16.67 ? 74  ALA A O   1 
ATOM   540  C  CB  . ALA A 1 71  ? -11.157 3.747   3.502   1.00 18.72 ? 74  ALA A CB  1 
ATOM   541  N  N   . ASP A 1 72  ? -13.608 4.033   1.472   1.00 17.95 ? 75  ASP A N   1 
ATOM   542  C  CA  . ASP A 1 72  ? -15.057 4.138   1.311   1.00 20.26 ? 75  ASP A CA  1 
ATOM   543  C  C   . ASP A 1 72  ? -15.597 3.267   0.195   1.00 20.91 ? 75  ASP A C   1 
ATOM   544  O  O   . ASP A 1 72  ? -16.810 3.193   0.008   1.00 21.71 ? 75  ASP A O   1 
ATOM   545  C  CB  . ASP A 1 72  ? -15.438 5.572   0.999   1.00 26.81 ? 75  ASP A CB  1 
ATOM   546  C  CG  . ASP A 1 72  ? -14.737 6.072   -0.248  1.00 29.54 ? 75  ASP A CG  1 
ATOM   547  O  OD1 . ASP A 1 72  ? -13.532 6.403   -0.154  1.00 38.39 ? 75  ASP A OD1 1 
ATOM   548  O  OD2 . ASP A 1 72  ? -15.371 6.096   -1.321  1.00 33.97 ? 75  ASP A OD2 1 
ATOM   549  N  N   . GLU A 1 73  ? -14.714 2.625   -0.563  1.00 16.33 ? 76  GLU A N   1 
ATOM   550  C  CA  . GLU A 1 73  ? -15.155 1.795   -1.679  1.00 19.02 ? 76  GLU A CA  1 
ATOM   551  C  C   . GLU A 1 73  ? -15.128 0.292   -1.406  1.00 18.14 ? 76  GLU A C   1 
ATOM   552  O  O   . GLU A 1 73  ? -15.515 -0.508  -2.267  1.00 17.27 ? 76  GLU A O   1 
ATOM   553  C  CB  . GLU A 1 73  ? -14.273 2.061   -2.899  1.00 20.39 ? 76  GLU A CB  1 
ATOM   554  C  CG  . GLU A 1 73  ? -14.359 3.468   -3.456  1.00 22.05 ? 76  GLU A CG  1 
ATOM   555  C  CD  . GLU A 1 73  ? -13.463 3.662   -4.668  1.00 24.48 ? 76  GLU A CD  1 
ATOM   556  O  OE1 . GLU A 1 73  ? -13.549 2.847   -5.609  1.00 24.39 ? 76  GLU A OE1 1 
ATOM   557  O  OE2 . GLU A 1 73  ? -12.673 4.629   -4.686  1.00 25.33 ? 76  GLU A OE2 1 
ATOM   558  N  N   . VAL A 1 74  ? -14.670 -0.092  -0.227  1.00 13.12 ? 77  VAL A N   1 
ATOM   559  C  CA  . VAL A 1 74  ? -14.542 -1.515  0.092   1.00 15.60 ? 77  VAL A CA  1 
ATOM   560  C  C   . VAL A 1 74  ? -15.197 -1.899  1.419   1.00 15.23 ? 77  VAL A C   1 
ATOM   561  O  O   . VAL A 1 74  ? -15.817 -1.062  2.085   1.00 19.57 ? 77  VAL A O   1 
ATOM   562  C  CB  . VAL A 1 74  ? -13.043 -1.882  0.103   1.00 15.45 ? 77  VAL A CB  1 
ATOM   563  C  CG1 . VAL A 1 74  ? -12.442 -1.530  -1.274  1.00 12.29 ? 77  VAL A CG1 1 
ATOM   564  C  CG2 . VAL A 1 74  ? -12.311 -1.086  1.219   1.00 11.76 ? 77  VAL A CG2 1 
ATOM   565  N  N   . LYS A 1 75  ? -15.069 -3.159  1.805   1.00 14.17 ? 78  LYS A N   1 
ATOM   566  C  CA  . LYS A 1 75  ? -15.673 -3.633  3.047   1.00 15.50 ? 78  LYS A CA  1 
ATOM   567  C  C   . LYS A 1 75  ? -14.790 -3.341  4.266   1.00 14.24 ? 78  LYS A C   1 
ATOM   568  O  O   . LYS A 1 75  ? -15.277 -2.907  5.319   1.00 13.58 ? 78  LYS A O   1 
ATOM   569  C  CB  . LYS A 1 75  ? -15.965 -5.136  2.941   1.00 21.14 ? 78  LYS A CB  1 
ATOM   570  C  CG  . LYS A 1 75  ? -16.601 -5.719  4.188   1.00 23.68 ? 78  LYS A CG  1 
ATOM   571  C  CD  . LYS A 1 75  ? -17.013 -7.182  4.008   1.00 31.72 ? 78  LYS A CD  1 
ATOM   572  C  CE  . LYS A 1 75  ? -15.828 -8.098  3.773   1.00 32.24 ? 78  LYS A CE  1 
ATOM   573  N  NZ  . LYS A 1 75  ? -16.255 -9.481  3.364   1.00 36.66 ? 78  LYS A NZ  1 
ATOM   574  N  N   . SER A 1 76  ? -13.491 -3.585  4.151   1.00 11.62 ? 79  SER A N   1 
ATOM   575  C  CA  . SER A 1 76  ? -12.612 -3.265  5.284   1.00 10.04 ? 79  SER A CA  1 
ATOM   576  C  C   . SER A 1 76  ? -11.238 -2.993  4.753   1.00 8.71  ? 79  SER A C   1 
ATOM   577  O  O   . SER A 1 76  ? -10.864 -3.489  3.687   1.00 12.85 ? 79  SER A O   1 
ATOM   578  C  CB  . SER A 1 76  ? -12.557 -4.392  6.334   1.00 15.17 ? 79  SER A CB  1 
ATOM   579  O  OG  . SER A 1 76  ? -11.796 -5.488  5.886   1.00 19.28 ? 79  SER A OG  1 
ATOM   580  N  N   . THR A 1 77  ? -10.492 -2.194  5.506   1.00 10.96 ? 80  THR A N   1 
ATOM   581  C  CA  . THR A 1 77  ? -9.140  -1.805  5.113   1.00 10.47 ? 80  THR A CA  1 
ATOM   582  C  C   . THR A 1 77  ? -8.191  -1.968  6.286   1.00 9.09  ? 80  THR A C   1 
ATOM   583  O  O   . THR A 1 77  ? -8.512  -1.587  7.421   1.00 11.95 ? 80  THR A O   1 
ATOM   584  C  CB  . THR A 1 77  ? -9.129  -0.307  4.691   1.00 13.58 ? 80  THR A CB  1 
ATOM   585  O  OG1 . THR A 1 77  ? -10.079 -0.124  3.637   1.00 15.96 ? 80  THR A OG1 1 
ATOM   586  C  CG2 . THR A 1 77  ? -7.712  0.123   4.196   1.00 11.96 ? 80  THR A CG2 1 
ATOM   587  N  N   . THR A 1 78  ? -7.043  -2.579  6.012   1.00 7.26  ? 81  THR A N   1 
ATOM   588  C  CA  . THR A 1 78  ? -5.995  -2.744  7.013   1.00 8.16  ? 81  THR A CA  1 
ATOM   589  C  C   . THR A 1 78  ? -4.786  -2.041  6.407   1.00 9.37  ? 81  THR A C   1 
ATOM   590  O  O   . THR A 1 78  ? -4.424  -2.324  5.280   1.00 10.53 ? 81  THR A O   1 
ATOM   591  C  CB  . THR A 1 78  ? -5.635  -4.235  7.222   1.00 8.67  ? 81  THR A CB  1 
ATOM   592  O  OG1 . THR A 1 78  ? -6.735  -4.895  7.843   1.00 11.36 ? 81  THR A OG1 1 
ATOM   593  C  CG2 . THR A 1 78  ? -4.387  -4.395  8.084   1.00 8.16  ? 81  THR A CG2 1 
HETATM 594  N  N   . MSE A 1 79  ? -4.188  -1.099  7.141   1.00 9.52  ? 82  MSE A N   1 
HETATM 595  C  CA  . MSE A 1 79  ? -2.994  -0.413  6.656   1.00 9.02  ? 82  MSE A CA  1 
HETATM 596  C  C   . MSE A 1 79  ? -1.896  -0.882  7.594   1.00 13.33 ? 82  MSE A C   1 
HETATM 597  O  O   . MSE A 1 79  ? -2.098  -0.918  8.796   1.00 12.65 ? 82  MSE A O   1 
HETATM 598  C  CB  . MSE A 1 79  ? -3.185  1.095   6.729   1.00 15.11 ? 82  MSE A CB  1 
HETATM 599  C  CG  . MSE A 1 79  ? -4.143  1.545   5.650   1.00 14.71 ? 82  MSE A CG  1 
HETATM 600  SE SE  . MSE A 1 79  ? -4.228  3.467   5.563   1.00 25.69 ? 82  MSE A SE  1 
HETATM 601  C  CE  . MSE A 1 79  ? -5.731  3.578   6.623   1.00 15.03 ? 82  MSE A CE  1 
ATOM   602  N  N   . ALA A 1 80  ? -0.753  -1.269  7.052   1.00 9.28  ? 83  ALA A N   1 
ATOM   603  C  CA  . ALA A 1 80  ? 0.327   -1.758  7.914   1.00 8.69  ? 83  ALA A CA  1 
ATOM   604  C  C   . ALA A 1 80  ? 1.679   -1.158  7.544   1.00 8.82  ? 83  ALA A C   1 
ATOM   605  O  O   . ALA A 1 80  ? 1.958   -0.930  6.373   1.00 10.54 ? 83  ALA A O   1 
ATOM   606  C  CB  . ALA A 1 80  ? 0.402   -3.295  7.807   1.00 9.94  ? 83  ALA A CB  1 
ATOM   607  N  N   . ASP A 1 81  ? 2.509   -0.909  8.553   1.00 9.40  ? 84  ASP A N   1 
ATOM   608  C  CA  . ASP A 1 81  ? 3.834   -0.364  8.303   1.00 12.13 ? 84  ASP A CA  1 
ATOM   609  C  C   . ASP A 1 81  ? 4.705   -0.687  9.500   1.00 12.56 ? 84  ASP A C   1 
ATOM   610  O  O   . ASP A 1 81  ? 4.212   -0.869  10.620  1.00 9.78  ? 84  ASP A O   1 
ATOM   611  C  CB  . ASP A 1 81  ? 3.772   1.166   8.114   1.00 15.06 ? 84  ASP A CB  1 
ATOM   612  C  CG  . ASP A 1 81  ? 4.927   1.699   7.267   1.00 22.88 ? 84  ASP A CG  1 
ATOM   613  O  OD1 . ASP A 1 81  ? 6.076   1.712   7.754   1.00 22.52 ? 84  ASP A OD1 1 
ATOM   614  O  OD2 . ASP A 1 81  ? 4.697   2.102   6.096   1.00 23.24 ? 84  ASP A OD2 1 
ATOM   615  N  N   . ILE A 1 82  ? 6.002   -0.750  9.253   1.00 8.76  ? 85  ILE A N   1 
ATOM   616  C  CA  . ILE A 1 82  ? 6.921   -1.014  10.349  1.00 11.75 ? 85  ILE A CA  1 
ATOM   617  C  C   . ILE A 1 82  ? 7.334   0.286   11.038  1.00 13.90 ? 85  ILE A C   1 
ATOM   618  O  O   . ILE A 1 82  ? 7.789   0.275   12.164  1.00 10.98 ? 85  ILE A O   1 
ATOM   619  C  CB  . ILE A 1 82  ? 8.172   -1.754  9.840   1.00 14.38 ? 85  ILE A CB  1 
ATOM   620  C  CG1 . ILE A 1 82  ? 8.903   -2.394  11.028  1.00 17.50 ? 85  ILE A CG1 1 
ATOM   621  C  CG2 . ILE A 1 82  ? 9.094   -0.791  9.076   1.00 15.02 ? 85  ILE A CG2 1 
ATOM   622  C  CD1 . ILE A 1 82  ? 10.068  -3.247  10.598  1.00 22.54 ? 85  ILE A CD1 1 
ATOM   623  N  N   . ASN A 1 83  ? 7.151   1.412   10.358  1.00 15.37 ? 86  ASN A N   1 
ATOM   624  C  CA  . ASN A 1 83  ? 7.525   2.734   10.897  1.00 13.48 ? 86  ASN A CA  1 
ATOM   625  C  C   . ASN A 1 83  ? 6.428   3.251   11.848  1.00 13.52 ? 86  ASN A C   1 
ATOM   626  O  O   . ASN A 1 83  ? 5.330   3.513   11.421  1.00 10.87 ? 86  ASN A O   1 
ATOM   627  C  CB  . ASN A 1 83  ? 7.688   3.684   9.707   1.00 13.06 ? 86  ASN A CB  1 
ATOM   628  C  CG  . ASN A 1 83  ? 8.197   5.054   10.096  1.00 14.55 ? 86  ASN A CG  1 
ATOM   629  O  OD1 . ASN A 1 83  ? 8.025   5.505   11.213  1.00 16.99 ? 86  ASN A OD1 1 
ATOM   630  N  ND2 . ASN A 1 83  ? 8.804   5.736   9.141   1.00 18.28 ? 86  ASN A ND2 1 
ATOM   631  N  N   . ARG A 1 84  ? 6.729   3.392   13.136  1.00 14.29 ? 87  ARG A N   1 
ATOM   632  C  CA  . ARG A 1 84  ? 5.729   3.850   14.107  1.00 17.81 ? 87  ARG A CA  1 
ATOM   633  C  C   . ARG A 1 84  ? 5.203   5.255   13.858  1.00 17.70 ? 87  ARG A C   1 
ATOM   634  O  O   . ARG A 1 84  ? 4.043   5.568   14.164  1.00 14.98 ? 87  ARG A O   1 
ATOM   635  C  CB  . ARG A 1 84  ? 6.292   3.761   15.525  1.00 23.50 ? 87  ARG A CB  1 
ATOM   636  C  CG  . ARG A 1 84  ? 6.219   2.371   16.142  1.00 30.46 ? 87  ARG A CG  1 
ATOM   637  C  CD  . ARG A 1 84  ? 5.622   2.488   17.548  1.00 37.41 ? 87  ARG A CD  1 
ATOM   638  N  NE  . ARG A 1 84  ? 5.906   1.324   18.367  1.00 41.58 ? 87  ARG A NE  1 
ATOM   639  C  CZ  . ARG A 1 84  ? 7.131   0.871   18.593  1.00 43.12 ? 87  ARG A CZ  1 
ATOM   640  N  NH1 . ARG A 1 84  ? 8.176   1.495   18.059  1.00 45.89 ? 87  ARG A NH1 1 
ATOM   641  N  NH2 . ARG A 1 84  ? 7.309   -0.215  19.330  1.00 44.07 ? 87  ARG A NH2 1 
ATOM   642  N  N   . ARG A 1 85  ? 6.057   6.109   13.310  1.00 16.51 ? 88  ARG A N   1 
ATOM   643  C  CA  . ARG A 1 85  ? 5.637   7.455   13.009  1.00 14.91 ? 88  ARG A CA  1 
ATOM   644  C  C   . ARG A 1 85  ? 4.614   7.384   11.878  1.00 13.26 ? 88  ARG A C   1 
ATOM   645  O  O   . ARG A 1 85  ? 3.660   8.150   11.874  1.00 11.32 ? 88  ARG A O   1 
ATOM   646  C  CB  . ARG A 1 85  ? 6.831   8.288   12.558  1.00 15.65 ? 88  ARG A CB  1 
ATOM   647  C  CG  . ARG A 1 85  ? 6.498   9.749   12.235  1.00 19.64 ? 88  ARG A CG  1 
ATOM   648  C  CD  . ARG A 1 85  ? 5.826   10.493  13.390  1.00 20.48 ? 88  ARG A CD  1 
ATOM   649  N  NE  . ARG A 1 85  ? 5.604   11.890  13.017  1.00 19.94 ? 88  ARG A NE  1 
ATOM   650  C  CZ  . ARG A 1 85  ? 4.771   12.723  13.634  1.00 23.22 ? 88  ARG A CZ  1 
ATOM   651  N  NH1 . ARG A 1 85  ? 4.060   12.316  14.676  1.00 25.30 ? 88  ARG A NH1 1 
ATOM   652  N  NH2 . ARG A 1 85  ? 4.632   13.967  13.185  1.00 22.71 ? 88  ARG A NH2 1 
ATOM   653  N  N   . ALA A 1 86  ? 4.843   6.483   10.919  1.00 11.52 ? 89  ALA A N   1 
ATOM   654  C  CA  . ALA A 1 86  ? 3.935   6.321   9.769   1.00 13.78 ? 89  ALA A CA  1 
ATOM   655  C  C   . ALA A 1 86  ? 2.541   5.908   10.253  1.00 11.72 ? 89  ALA A C   1 
ATOM   656  O  O   . ALA A 1 86  ? 1.519   6.445   9.816   1.00 10.55 ? 89  ALA A O   1 
ATOM   657  C  CB  . ALA A 1 86  ? 4.478   5.288   8.808   1.00 14.12 ? 89  ALA A CB  1 
ATOM   658  N  N   . ILE A 1 87  ? 2.530   4.923   11.143  1.00 10.85 ? 90  ILE A N   1 
ATOM   659  C  CA  . ILE A 1 87  ? 1.311   4.419   11.765  1.00 11.99 ? 90  ILE A CA  1 
ATOM   660  C  C   . ILE A 1 87  ? 0.551   5.584   12.420  1.00 12.82 ? 90  ILE A C   1 
ATOM   661  O  O   . ILE A 1 87  ? -0.652  5.721   12.281  1.00 11.74 ? 90  ILE A O   1 
ATOM   662  C  CB  . ILE A 1 87  ? 1.673   3.399   12.892  1.00 12.67 ? 90  ILE A CB  1 
ATOM   663  C  CG1 . ILE A 1 87  ? 2.347   2.169   12.279  1.00 17.74 ? 90  ILE A CG1 1 
ATOM   664  C  CG2 . ILE A 1 87  ? 0.420   3.046   13.705  1.00 19.57 ? 90  ILE A CG2 1 
ATOM   665  C  CD1 . ILE A 1 87  ? 1.578   1.529   11.174  1.00 17.65 ? 90  ILE A CD1 1 
ATOM   666  N  N   . LYS A 1 88  ? 1.273   6.411   13.159  1.00 8.72  ? 91  LYS A N   1 
ATOM   667  C  CA  . LYS A 1 88  ? 0.640   7.544   13.843  1.00 14.71 ? 91  LYS A CA  1 
ATOM   668  C  C   . LYS A 1 88  ? -0.016  8.497   12.840  1.00 11.20 ? 91  LYS A C   1 
ATOM   669  O  O   . LYS A 1 88  ? -1.178  8.911   13.024  1.00 11.77 ? 91  LYS A O   1 
ATOM   670  C  CB  . LYS A 1 88  ? 1.667   8.328   14.647  1.00 17.29 ? 91  LYS A CB  1 
ATOM   671  C  CG  . LYS A 1 88  ? 1.066   9.308   15.661  1.00 23.12 ? 91  LYS A CG  1 
ATOM   672  C  CD  . LYS A 1 88  ? 2.187   10.081  16.365  1.00 30.04 ? 91  LYS A CD  1 
ATOM   673  C  CE  . LYS A 1 88  ? 1.737   10.597  17.727  1.00 34.17 ? 91  LYS A CE  1 
ATOM   674  N  NZ  . LYS A 1 88  ? 2.752   11.512  18.345  1.00 39.28 ? 91  LYS A NZ  1 
ATOM   675  N  N   . LEU A 1 89  ? 0.724   8.831   11.782  1.00 9.89  ? 92  LEU A N   1 
ATOM   676  C  CA  . LEU A 1 89  ? 0.213   9.729   10.756  1.00 12.45 ? 92  LEU A CA  1 
ATOM   677  C  C   . LEU A 1 89  ? -0.978  9.126   10.004  1.00 13.29 ? 92  LEU A C   1 
ATOM   678  O  O   . LEU A 1 89  ? -1.934  9.832   9.688   1.00 13.14 ? 92  LEU A O   1 
ATOM   679  C  CB  . LEU A 1 89  ? 1.324   10.091  9.746   1.00 14.56 ? 92  LEU A CB  1 
ATOM   680  C  CG  . LEU A 1 89  ? 2.517   10.817  10.361  1.00 18.16 ? 92  LEU A CG  1 
ATOM   681  C  CD1 . LEU A 1 89  ? 3.600   10.967  9.309   1.00 21.82 ? 92  LEU A CD1 1 
ATOM   682  C  CD2 . LEU A 1 89  ? 2.084   12.167  10.919  1.00 20.23 ? 92  LEU A CD2 1 
ATOM   683  N  N   . ALA A 1 90  ? -0.934  7.837   9.692   1.00 9.05  ? 93  ALA A N   1 
ATOM   684  C  CA  . ALA A 1 90  ? -2.063  7.245   8.984   1.00 9.78  ? 93  ALA A CA  1 
ATOM   685  C  C   . ALA A 1 90  ? -3.324  7.330   9.854   1.00 9.73  ? 93  ALA A C   1 
ATOM   686  O  O   . ALA A 1 90  ? -4.414  7.617   9.344   1.00 10.88 ? 93  ALA A O   1 
ATOM   687  C  CB  . ALA A 1 90  ? -1.770  5.777   8.596   1.00 10.08 ? 93  ALA A CB  1 
ATOM   688  N  N   . LYS A 1 91  ? -3.189  7.063   11.149  1.00 10.05 ? 94  LYS A N   1 
ATOM   689  C  CA  . LYS A 1 91  ? -4.346  7.167   12.057  1.00 11.56 ? 94  LYS A CA  1 
ATOM   690  C  C   . LYS A 1 91  ? -4.895  8.596   12.063  1.00 11.93 ? 94  LYS A C   1 
ATOM   691  O  O   . LYS A 1 91  ? -6.126  8.817   12.007  1.00 9.93  ? 94  LYS A O   1 
ATOM   692  C  CB  . LYS A 1 91  ? -3.934  6.757   13.479  1.00 14.18 ? 94  LYS A CB  1 
ATOM   693  C  CG  . LYS A 1 91  ? -3.688  5.241   13.632  1.00 14.31 ? 94  LYS A CG  1 
ATOM   694  C  CD  . LYS A 1 91  ? -3.197  4.912   15.047  1.00 16.89 ? 94  LYS A CD  1 
ATOM   695  C  CE  . LYS A 1 91  ? -2.750  3.450   15.155  1.00 22.78 ? 94  LYS A CE  1 
ATOM   696  N  NZ  . LYS A 1 91  ? -2.181  3.130   16.518  1.00 22.91 ? 94  LYS A NZ  1 
ATOM   697  N  N   . GLU A 1 92  ? -3.992  9.567   12.143  1.00 11.53 ? 95  GLU A N   1 
ATOM   698  C  CA  . GLU A 1 92  ? -4.400  10.973  12.134  1.00 15.20 ? 95  GLU A CA  1 
ATOM   699  C  C   . GLU A 1 92  ? -5.055  11.336  10.811  1.00 14.71 ? 95  GLU A C   1 
ATOM   700  O  O   . GLU A 1 92  ? -6.011  12.113  10.787  1.00 12.15 ? 95  GLU A O   1 
ATOM   701  C  CB  . GLU A 1 92  ? -3.209  11.919  12.363  1.00 16.81 ? 95  GLU A CB  1 
ATOM   702  C  CG  . GLU A 1 92  ? -2.531  11.760  13.726  1.00 25.67 ? 95  GLU A CG  1 
ATOM   703  C  CD  . GLU A 1 92  ? -1.697  12.974  14.143  1.00 30.60 ? 95  GLU A CD  1 
ATOM   704  O  OE1 . GLU A 1 92  ? -1.283  13.771  13.275  1.00 30.26 ? 95  GLU A OE1 1 
ATOM   705  O  OE2 . GLU A 1 92  ? -1.441  13.121  15.360  1.00 34.95 ? 95  GLU A OE2 1 
ATOM   706  N  N   . ASN A 1 93  ? -4.529  10.793  9.710   1.00 9.01  ? 96  ASN A N   1 
ATOM   707  C  CA  . ASN A 1 93  ? -5.066  11.082  8.392   1.00 8.25  ? 96  ASN A CA  1 
ATOM   708  C  C   . ASN A 1 93  ? -6.455  10.488  8.155   1.00 9.24  ? 96  ASN A C   1 
ATOM   709  O  O   . ASN A 1 93  ? -7.215  10.994  7.344   1.00 13.36 ? 96  ASN A O   1 
ATOM   710  C  CB  . ASN A 1 93  ? -4.052  10.665  7.312   1.00 11.68 ? 96  ASN A CB  1 
ATOM   711  C  CG  . ASN A 1 93  ? -2.864  11.612  7.264   1.00 12.02 ? 96  ASN A CG  1 
ATOM   712  O  OD1 . ASN A 1 93  ? -2.990  12.766  7.663   1.00 12.09 ? 96  ASN A OD1 1 
ATOM   713  N  ND2 . ASN A 1 93  ? -1.714  11.147  6.760   1.00 10.15 ? 96  ASN A ND2 1 
ATOM   714  N  N   . ILE A 1 94  ? -6.791  9.414   8.867   1.00 10.27 ? 97  ILE A N   1 
ATOM   715  C  CA  . ILE A 1 94  ? -8.135  8.850   8.755   1.00 13.58 ? 97  ILE A CA  1 
ATOM   716  C  C   . ILE A 1 94  ? -9.109  9.939   9.260   1.00 13.65 ? 97  ILE A C   1 
ATOM   717  O  O   . ILE A 1 94  ? -10.194 10.125  8.705   1.00 13.10 ? 97  ILE A O   1 
ATOM   718  C  CB  . ILE A 1 94  ? -8.283  7.592   9.639   1.00 14.55 ? 97  ILE A CB  1 
ATOM   719  C  CG1 . ILE A 1 94  ? -7.506  6.450   8.975   1.00 14.26 ? 97  ILE A CG1 1 
ATOM   720  C  CG2 . ILE A 1 94  ? -9.770  7.224   9.833   1.00 13.19 ? 97  ILE A CG2 1 
ATOM   721  C  CD1 . ILE A 1 94  ? -7.310  5.262   9.899   1.00 14.68 ? 97  ILE A CD1 1 
ATOM   722  N  N   . LYS A 1 95  ? -8.698  10.669  10.290  1.00 11.61 ? 98  LYS A N   1 
ATOM   723  C  CA  . LYS A 1 95  ? -9.555  11.724  10.862  1.00 14.65 ? 98  LYS A CA  1 
ATOM   724  C  C   . LYS A 1 95  ? -9.629  12.952  9.951   1.00 16.75 ? 98  LYS A C   1 
ATOM   725  O  O   . LYS A 1 95  ? -10.681 13.580  9.814   1.00 16.06 ? 98  LYS A O   1 
ATOM   726  C  CB  . LYS A 1 95  ? -9.038  12.163  12.243  1.00 17.18 ? 98  LYS A CB  1 
ATOM   727  C  CG  . LYS A 1 95  ? -9.069  11.081  13.319  1.00 16.23 ? 98  LYS A CG  1 
ATOM   728  C  CD  . LYS A 1 95  ? -8.820  11.722  14.699  1.00 23.41 ? 98  LYS A CD  1 
ATOM   729  C  CE  . LYS A 1 95  ? -8.873  10.708  15.861  1.00 22.86 ? 98  LYS A CE  1 
ATOM   730  N  NZ  . LYS A 1 95  ? -7.683  9.801   15.844  1.00 33.01 ? 98  LYS A NZ  1 
ATOM   731  N  N   . LEU A 1 96  ? -8.516  13.286  9.308   1.00 15.35 ? 99  LEU A N   1 
ATOM   732  C  CA  . LEU A 1 96  ? -8.497  14.443  8.411   1.00 15.94 ? 99  LEU A CA  1 
ATOM   733  C  C   . LEU A 1 96  ? -9.399  14.273  7.205   1.00 17.35 ? 99  LEU A C   1 
ATOM   734  O  O   . LEU A 1 96  ? -9.817  15.257  6.587   1.00 16.78 ? 99  LEU A O   1 
ATOM   735  C  CB  . LEU A 1 96  ? -7.068  14.709  7.910   1.00 14.39 ? 99  LEU A CB  1 
ATOM   736  C  CG  . LEU A 1 96  ? -6.056  15.059  8.992   1.00 11.93 ? 99  LEU A CG  1 
ATOM   737  C  CD1 . LEU A 1 96  ? -4.767  15.580  8.295   1.00 12.53 ? 99  LEU A CD1 1 
ATOM   738  C  CD2 . LEU A 1 96  ? -6.639  16.118  9.927   1.00 15.83 ? 99  LEU A CD2 1 
ATOM   739  N  N   . ASN A 1 97  ? -9.708  13.024  6.873   1.00 12.66 ? 100 ASN A N   1 
ATOM   740  C  CA  . ASN A 1 97  ? -10.536 12.740  5.732   1.00 14.44 ? 100 ASN A CA  1 
ATOM   741  C  C   . ASN A 1 97  ? -11.942 12.231  6.020   1.00 13.01 ? 100 ASN A C   1 
ATOM   742  O  O   . ASN A 1 97  ? -12.612 11.732  5.113   1.00 16.87 ? 100 ASN A O   1 
ATOM   743  C  CB  . ASN A 1 97  ? -9.781  11.778  4.835   1.00 12.85 ? 100 ASN A CB  1 
ATOM   744  C  CG  . ASN A 1 97  ? -8.553  12.430  4.248   1.00 15.67 ? 100 ASN A CG  1 
ATOM   745  O  OD1 . ASN A 1 97  ? -8.667  13.271  3.356   1.00 15.90 ? 100 ASN A OD1 1 
ATOM   746  N  ND2 . ASN A 1 97  ? -7.383  12.088  4.768   1.00 10.41 ? 100 ASN A ND2 1 
ATOM   747  N  N   . ASN A 1 98  ? -12.387 12.386  7.259   1.00 16.80 ? 101 ASN A N   1 
ATOM   748  C  CA  . ASN A 1 98  ? -13.731 11.975  7.670   1.00 22.24 ? 101 ASN A CA  1 
ATOM   749  C  C   . ASN A 1 98  ? -14.078 10.521  7.326   1.00 19.63 ? 101 ASN A C   1 
ATOM   750  O  O   . ASN A 1 98  ? -15.158 10.230  6.834   1.00 20.56 ? 101 ASN A O   1 
ATOM   751  C  CB  . ASN A 1 98  ? -14.793 12.883  7.038   1.00 25.60 ? 101 ASN A CB  1 
ATOM   752  C  CG  . ASN A 1 98  ? -14.622 14.343  7.413   1.00 30.32 ? 101 ASN A CG  1 
ATOM   753  O  OD1 . ASN A 1 98  ? -14.169 14.672  8.506   1.00 31.05 ? 101 ASN A OD1 1 
ATOM   754  N  ND2 . ASN A 1 98  ? -15.009 15.237  6.500   1.00 35.14 ? 101 ASN A ND2 1 
ATOM   755  N  N   . LEU A 1 99  ? -13.166 9.613   7.615   1.00 18.48 ? 102 LEU A N   1 
ATOM   756  C  CA  . LEU A 1 99  ? -13.394 8.205   7.325   1.00 20.61 ? 102 LEU A CA  1 
ATOM   757  C  C   . LEU A 1 99  ? -13.678 7.416   8.580   1.00 25.65 ? 102 LEU A C   1 
ATOM   758  O  O   . LEU A 1 99  ? -13.599 6.184   8.577   1.00 27.73 ? 102 LEU A O   1 
ATOM   759  C  CB  . LEU A 1 99  ? -12.160 7.615   6.624   1.00 16.69 ? 102 LEU A CB  1 
ATOM   760  C  CG  . LEU A 1 99  ? -11.927 8.130   5.210   1.00 17.87 ? 102 LEU A CG  1 
ATOM   761  C  CD1 . LEU A 1 99  ? -10.605 7.565   4.645   1.00 20.95 ? 102 LEU A CD1 1 
ATOM   762  C  CD2 . LEU A 1 99  ? -13.085 7.737   4.346   1.00 18.73 ? 102 LEU A CD2 1 
ATOM   763  N  N   . ASP A 1 100 ? -14.027 8.108   9.656   1.00 29.78 ? 103 ASP A N   1 
ATOM   764  C  CA  . ASP A 1 100 ? -14.293 7.422   10.913  1.00 35.32 ? 103 ASP A CA  1 
ATOM   765  C  C   . ASP A 1 100 ? -15.459 6.447   10.893  1.00 33.59 ? 103 ASP A C   1 
ATOM   766  O  O   . ASP A 1 100 ? -15.568 5.617   11.793  1.00 37.91 ? 103 ASP A O   1 
ATOM   767  C  CB  . ASP A 1 100 ? -14.484 8.435   12.046  1.00 36.72 ? 103 ASP A CB  1 
ATOM   768  C  CG  . ASP A 1 100 ? -13.164 8.865   12.663  1.00 39.32 ? 103 ASP A CG  1 
ATOM   769  O  OD1 . ASP A 1 100 ? -12.415 9.640   12.021  1.00 35.18 ? 103 ASP A OD1 1 
ATOM   770  O  OD2 . ASP A 1 100 ? -12.877 8.409   13.796  1.00 42.63 ? 103 ASP A OD2 1 
ATOM   771  N  N   . ASN A 1 101 ? -16.314 6.540   9.874   1.00 33.14 ? 104 ASN A N   1 
ATOM   772  C  CA  . ASN A 1 101 ? -17.479 5.659   9.735   1.00 33.03 ? 104 ASN A CA  1 
ATOM   773  C  C   . ASN A 1 101 ? -17.211 4.363   8.973   1.00 29.48 ? 104 ASN A C   1 
ATOM   774  O  O   . ASN A 1 101 ? -18.145 3.613   8.655   1.00 31.78 ? 104 ASN A O   1 
ATOM   775  C  CB  . ASN A 1 101 ? -18.604 6.403   9.028   1.00 37.38 ? 104 ASN A CB  1 
ATOM   776  C  CG  . ASN A 1 101 ? -19.229 7.471   9.903   1.00 40.18 ? 104 ASN A CG  1 
ATOM   777  O  OD1 . ASN A 1 101 ? -18.585 7.995   10.821  1.00 43.22 ? 104 ASN A OD1 1 
ATOM   778  N  ND2 . ASN A 1 101 ? -20.479 7.810   9.619   1.00 40.86 ? 104 ASN A ND2 1 
ATOM   779  N  N   . TYR A 1 102 ? -15.947 4.106   8.665   1.00 24.09 ? 105 TYR A N   1 
ATOM   780  C  CA  . TYR A 1 102 ? -15.594 2.901   7.922   1.00 21.11 ? 105 TYR A CA  1 
ATOM   781  C  C   . TYR A 1 102 ? -14.725 1.967   8.731   1.00 17.81 ? 105 TYR A C   1 
ATOM   782  O  O   . TYR A 1 102 ? -14.091 2.370   9.709   1.00 16.48 ? 105 TYR A O   1 
ATOM   783  C  CB  . TYR A 1 102 ? -14.872 3.260   6.623   1.00 21.54 ? 105 TYR A CB  1 
ATOM   784  C  CG  . TYR A 1 102 ? -15.678 4.149   5.719   1.00 23.12 ? 105 TYR A CG  1 
ATOM   785  C  CD1 . TYR A 1 102 ? -15.619 5.535   5.836   1.00 25.86 ? 105 TYR A CD1 1 
ATOM   786  C  CD2 . TYR A 1 102 ? -16.548 3.603   4.781   1.00 24.49 ? 105 TYR A CD2 1 
ATOM   787  C  CE1 . TYR A 1 102 ? -16.411 6.355   5.033   1.00 27.84 ? 105 TYR A CE1 1 
ATOM   788  C  CE2 . TYR A 1 102 ? -17.346 4.416   3.980   1.00 28.21 ? 105 TYR A CE2 1 
ATOM   789  C  CZ  . TYR A 1 102 ? -17.269 5.786   4.111   1.00 26.56 ? 105 TYR A CZ  1 
ATOM   790  O  OH  . TYR A 1 102 ? -18.069 6.578   3.318   1.00 30.76 ? 105 TYR A OH  1 
ATOM   791  N  N   . ASP A 1 103 ? -14.703 0.707   8.305   1.00 14.98 ? 106 ASP A N   1 
ATOM   792  C  CA  . ASP A 1 103 ? -13.916 -0.336  8.964   1.00 15.55 ? 106 ASP A CA  1 
ATOM   793  C  C   . ASP A 1 103 ? -12.467 -0.231  8.491   1.00 15.16 ? 106 ASP A C   1 
ATOM   794  O  O   . ASP A 1 103 ? -12.094 -0.865  7.501   1.00 13.51 ? 106 ASP A O   1 
ATOM   795  C  CB  . ASP A 1 103 ? -14.467 -1.694  8.562   1.00 16.11 ? 106 ASP A CB  1 
ATOM   796  C  CG  . ASP A 1 103 ? -13.828 -2.842  9.323   1.00 20.49 ? 106 ASP A CG  1 
ATOM   797  O  OD1 . ASP A 1 103 ? -12.896 -2.614  10.116  1.00 17.77 ? 106 ASP A OD1 1 
ATOM   798  O  OD2 . ASP A 1 103 ? -14.261 -3.991  9.118   1.00 23.83 ? 106 ASP A OD2 1 
ATOM   799  N  N   . ILE A 1 104 ? -11.679 0.563   9.207   1.00 12.49 ? 107 ILE A N   1 
ATOM   800  C  CA  . ILE A 1 104 ? -10.288 0.781   8.870   1.00 13.73 ? 107 ILE A CA  1 
ATOM   801  C  C   . ILE A 1 104 ? -9.440  0.601   10.113  1.00 16.14 ? 107 ILE A C   1 
ATOM   802  O  O   . ILE A 1 104 ? -9.786  1.091   11.195  1.00 14.95 ? 107 ILE A O   1 
ATOM   803  C  CB  . ILE A 1 104 ? -10.057 2.229   8.365   1.00 15.70 ? 107 ILE A CB  1 
ATOM   804  C  CG1 . ILE A 1 104 ? -10.987 2.525   7.203   1.00 17.10 ? 107 ILE A CG1 1 
ATOM   805  C  CG2 . ILE A 1 104 ? -8.615  2.409   7.917   1.00 16.25 ? 107 ILE A CG2 1 
ATOM   806  C  CD1 . ILE A 1 104 ? -10.951 3.998   6.768   1.00 20.99 ? 107 ILE A CD1 1 
ATOM   807  N  N   . ARG A 1 105 ? -8.335  -0.116  9.976   1.00 10.76 ? 108 ARG A N   1 
ATOM   808  C  CA  . ARG A 1 105 ? -7.439  -0.260  11.109  1.00 12.12 ? 108 ARG A CA  1 
ATOM   809  C  C   . ARG A 1 105 ? -6.014  -0.044  10.627  1.00 9.64  ? 108 ARG A C   1 
ATOM   810  O  O   . ARG A 1 105 ? -5.694  -0.330  9.486   1.00 11.12 ? 108 ARG A O   1 
ATOM   811  C  CB  . ARG A 1 105 ? -7.564  -1.643  11.758  1.00 11.24 ? 108 ARG A CB  1 
ATOM   812  C  CG  . ARG A 1 105 ? -7.164  -2.759  10.838  1.00 9.65  ? 108 ARG A CG  1 
ATOM   813  C  CD  . ARG A 1 105 ? -7.099  -4.100  11.608  1.00 12.54 ? 108 ARG A CD  1 
ATOM   814  N  NE  . ARG A 1 105 ? -6.644  -5.162  10.722  1.00 15.05 ? 108 ARG A NE  1 
ATOM   815  C  CZ  . ARG A 1 105 ? -6.268  -6.367  11.130  1.00 19.55 ? 108 ARG A CZ  1 
ATOM   816  N  NH1 . ARG A 1 105 ? -6.280  -6.648  12.432  1.00 16.99 ? 108 ARG A NH1 1 
ATOM   817  N  NH2 . ARG A 1 105 ? -5.902  -7.288  10.234  1.00 15.51 ? 108 ARG A NH2 1 
ATOM   818  N  N   . VAL A 1 106 ? -5.167  0.491   11.500  1.00 8.41  ? 109 VAL A N   1 
ATOM   819  C  CA  . VAL A 1 106 ? -3.774  0.737   11.166  1.00 10.11 ? 109 VAL A CA  1 
ATOM   820  C  C   . VAL A 1 106 ? -2.989  -0.127  12.146  1.00 13.11 ? 109 VAL A C   1 
ATOM   821  O  O   . VAL A 1 106 ? -3.145  0.004   13.379  1.00 14.56 ? 109 VAL A O   1 
ATOM   822  C  CB  . VAL A 1 106 ? -3.426  2.233   11.345  1.00 13.92 ? 109 VAL A CB  1 
ATOM   823  C  CG1 . VAL A 1 106 ? -1.996  2.502   10.888  1.00 13.26 ? 109 VAL A CG1 1 
ATOM   824  C  CG2 . VAL A 1 106 ? -4.432  3.088   10.557  1.00 13.96 ? 109 VAL A CG2 1 
ATOM   825  N  N   . VAL A 1 107 ? -2.139  -0.989  11.612  1.00 9.41  ? 110 VAL A N   1 
ATOM   826  C  CA  . VAL A 1 107 ? -1.400  -1.932  12.455  1.00 10.15 ? 110 VAL A CA  1 
ATOM   827  C  C   . VAL A 1 107 ? 0.107   -1.856  12.265  1.00 11.47 ? 110 VAL A C   1 
ATOM   828  O  O   . VAL A 1 107 ? 0.603   -1.733  11.159  1.00 13.11 ? 110 VAL A O   1 
ATOM   829  C  CB  . VAL A 1 107 ? -1.885  -3.372  12.124  1.00 12.53 ? 110 VAL A CB  1 
ATOM   830  C  CG1 . VAL A 1 107 ? -1.017  -4.411  12.803  1.00 20.20 ? 110 VAL A CG1 1 
ATOM   831  C  CG2 . VAL A 1 107 ? -3.340  -3.521  12.567  1.00 17.03 ? 110 VAL A CG2 1 
ATOM   832  N  N   . HIS A 1 108 ? 0.839   -1.928  13.363  1.00 11.47 ? 111 HIS A N   1 
ATOM   833  C  CA  . HIS A 1 108 ? 2.302   -1.912  13.260  1.00 10.61 ? 111 HIS A CA  1 
ATOM   834  C  C   . HIS A 1 108 ? 2.718   -3.325  12.842  1.00 11.61 ? 111 HIS A C   1 
ATOM   835  O  O   . HIS A 1 108 ? 2.375   -4.307  13.519  1.00 12.28 ? 111 HIS A O   1 
ATOM   836  C  CB  . HIS A 1 108 ? 2.889   -1.564  14.615  1.00 13.10 ? 111 HIS A CB  1 
ATOM   837  C  CG  . HIS A 1 108 ? 4.377   -1.447  14.614  1.00 15.18 ? 111 HIS A CG  1 
ATOM   838  N  ND1 . HIS A 1 108 ? 5.145   -1.802  15.699  1.00 20.89 ? 111 HIS A ND1 1 
ATOM   839  C  CD2 . HIS A 1 108 ? 5.237   -0.980  13.679  1.00 18.10 ? 111 HIS A CD2 1 
ATOM   840  C  CE1 . HIS A 1 108 ? 6.418   -1.560  15.432  1.00 18.25 ? 111 HIS A CE1 1 
ATOM   841  N  NE2 . HIS A 1 108 ? 6.498   -1.062  14.213  1.00 20.49 ? 111 HIS A NE2 1 
ATOM   842  N  N   . SER A 1 109 ? 3.495   -3.452  11.769  1.00 11.39 ? 112 SER A N   1 
ATOM   843  C  CA  . SER A 1 109 ? 3.865   -4.782  11.294  1.00 11.79 ? 112 SER A CA  1 
ATOM   844  C  C   . SER A 1 109 ? 5.151   -4.793  10.477  1.00 13.80 ? 112 SER A C   1 
ATOM   845  O  O   . SER A 1 109 ? 5.376   -3.909  9.670   1.00 14.00 ? 112 SER A O   1 
ATOM   846  C  CB  . SER A 1 109 ? 2.705   -5.329  10.426  1.00 10.68 ? 112 SER A CB  1 
ATOM   847  O  OG  . SER A 1 109 ? 2.881   -6.661  9.949   1.00 12.25 ? 112 SER A OG  1 
ATOM   848  N  N   . ASP A 1 110 ? 5.988   -5.798  10.704  1.00 14.65 ? 113 ASP A N   1 
ATOM   849  C  CA  . ASP A 1 110 ? 7.208   -5.975  9.925   1.00 18.79 ? 113 ASP A CA  1 
ATOM   850  C  C   . ASP A 1 110 ? 6.680   -6.834  8.780   1.00 18.66 ? 113 ASP A C   1 
ATOM   851  O  O   . ASP A 1 110 ? 6.417   -8.038  8.943   1.00 17.91 ? 113 ASP A O   1 
ATOM   852  C  CB  . ASP A 1 110 ? 8.255   -6.737  10.728  1.00 21.94 ? 113 ASP A CB  1 
ATOM   853  C  CG  . ASP A 1 110 ? 9.498   -7.004  9.937   1.00 28.41 ? 113 ASP A CG  1 
ATOM   854  O  OD1 . ASP A 1 110 ? 9.478   -6.798  8.701   1.00 27.73 ? 113 ASP A OD1 1 
ATOM   855  O  OD2 . ASP A 1 110 ? 10.496  -7.430  10.557  1.00 34.34 ? 113 ASP A OD2 1 
ATOM   856  N  N   . LEU A 1 111 ? 6.517   -6.204  7.619   1.00 17.84 ? 114 LEU A N   1 
ATOM   857  C  CA  . LEU A 1 111 ? 5.915   -6.864  6.467   1.00 16.10 ? 114 LEU A CA  1 
ATOM   858  C  C   . LEU A 1 111 ? 4.548   -7.442  6.855   1.00 14.44 ? 114 LEU A C   1 
ATOM   859  O  O   . LEU A 1 111 ? 3.692   -6.693  7.322   1.00 14.30 ? 114 LEU A O   1 
ATOM   860  C  CB  . LEU A 1 111 ? 6.835   -7.931  5.869   1.00 21.76 ? 114 LEU A CB  1 
ATOM   861  C  CG  . LEU A 1 111 ? 7.823   -7.429  4.799   1.00 27.66 ? 114 LEU A CG  1 
ATOM   862  C  CD1 . LEU A 1 111 ? 8.246   -8.625  3.942   1.00 31.10 ? 114 LEU A CD1 1 
ATOM   863  C  CD2 . LEU A 1 111 ? 7.186   -6.385  3.894   1.00 26.67 ? 114 LEU A CD2 1 
ATOM   864  N  N   . TYR A 1 112 ? 4.309   -8.740  6.693   1.00 12.14 ? 115 TYR A N   1 
ATOM   865  C  CA  . TYR A 1 112 ? 2.977   -9.275  7.022   1.00 11.66 ? 115 TYR A CA  1 
ATOM   866  C  C   . TYR A 1 112 ? 2.830   -9.828  8.416   1.00 15.18 ? 115 TYR A C   1 
ATOM   867  O  O   . TYR A 1 112 ? 1.733   -10.242 8.810   1.00 14.39 ? 115 TYR A O   1 
ATOM   868  C  CB  . TYR A 1 112 ? 2.611   -10.433 6.090   1.00 16.31 ? 115 TYR A CB  1 
ATOM   869  C  CG  . TYR A 1 112 ? 2.537   -10.115 4.624   1.00 13.69 ? 115 TYR A CG  1 
ATOM   870  C  CD1 . TYR A 1 112 ? 3.515   -10.573 3.743   1.00 13.94 ? 115 TYR A CD1 1 
ATOM   871  C  CD2 . TYR A 1 112 ? 1.471   -9.390  4.110   1.00 14.15 ? 115 TYR A CD2 1 
ATOM   872  C  CE1 . TYR A 1 112 ? 3.413   -10.311 2.372   1.00 12.97 ? 115 TYR A CE1 1 
ATOM   873  C  CE2 . TYR A 1 112 ? 1.367   -9.124  2.750   1.00 15.89 ? 115 TYR A CE2 1 
ATOM   874  C  CZ  . TYR A 1 112 ? 2.340   -9.593  1.890   1.00 13.72 ? 115 TYR A CZ  1 
ATOM   875  O  OH  . TYR A 1 112 ? 2.210   -9.382  0.545   1.00 13.44 ? 115 TYR A OH  1 
ATOM   876  N  N   . GLU A 1 113 ? 3.920   -9.815  9.164   1.00 14.80 ? 116 GLU A N   1 
ATOM   877  C  CA  . GLU A 1 113 ? 3.948   -10.419 10.489  1.00 19.21 ? 116 GLU A CA  1 
ATOM   878  C  C   . GLU A 1 113 ? 2.800   -10.197 11.456  1.00 16.81 ? 116 GLU A C   1 
ATOM   879  O  O   . GLU A 1 113 ? 2.401   -11.132 12.136  1.00 18.53 ? 116 GLU A O   1 
ATOM   880  C  CB  . GLU A 1 113 ? 5.276   -10.076 11.177  1.00 22.48 ? 116 GLU A CB  1 
ATOM   881  C  CG  . GLU A 1 113 ? 6.442   -10.884 10.607  1.00 33.43 ? 116 GLU A CG  1 
ATOM   882  C  CD  . GLU A 1 113 ? 7.795   -10.528 11.217  1.00 39.66 ? 116 GLU A CD  1 
ATOM   883  O  OE1 . GLU A 1 113 ? 7.831   -10.005 12.359  1.00 42.26 ? 116 GLU A OE1 1 
ATOM   884  O  OE2 . GLU A 1 113 ? 8.828   -10.789 10.556  1.00 43.79 ? 116 GLU A OE2 1 
ATOM   885  N  N   . ASN A 1 114 ? 2.251   -8.990  11.502  1.00 12.74 ? 117 ASN A N   1 
ATOM   886  C  CA  . ASN A 1 114 ? 1.190   -8.685  12.443  1.00 13.34 ? 117 ASN A CA  1 
ATOM   887  C  C   . ASN A 1 114 ? -0.214  -8.516  11.842  1.00 13.23 ? 117 ASN A C   1 
ATOM   888  O  O   . ASN A 1 114 ? -1.135  -8.084  12.539  1.00 12.12 ? 117 ASN A O   1 
ATOM   889  C  CB  . ASN A 1 114 ? 1.602   -7.434  13.256  1.00 14.19 ? 117 ASN A CB  1 
ATOM   890  C  CG  . ASN A 1 114 ? 0.944   -7.376  14.626  1.00 19.99 ? 117 ASN A CG  1 
ATOM   891  O  OD1 . ASN A 1 114 ? 0.661   -8.404  15.238  1.00 18.39 ? 117 ASN A OD1 1 
ATOM   892  N  ND2 . ASN A 1 114 ? 0.719   -6.167  15.124  1.00 20.52 ? 117 ASN A ND2 1 
ATOM   893  N  N   . VAL A 1 115 ? -0.378  -8.896  10.576  1.00 14.51 ? 118 VAL A N   1 
ATOM   894  C  CA  . VAL A 1 115 ? -1.672  -8.771  9.921   1.00 12.16 ? 118 VAL A CA  1 
ATOM   895  C  C   . VAL A 1 115 ? -2.195  -10.085 9.353   1.00 14.20 ? 118 VAL A C   1 
ATOM   896  O  O   . VAL A 1 115 ? -3.073  -10.094 8.478   1.00 15.30 ? 118 VAL A O   1 
ATOM   897  C  CB  . VAL A 1 115 ? -1.629  -7.713  8.781   1.00 14.98 ? 118 VAL A CB  1 
ATOM   898  C  CG1 . VAL A 1 115 ? -1.305  -6.354  9.369   1.00 16.75 ? 118 VAL A CG1 1 
ATOM   899  C  CG2 . VAL A 1 115 ? -0.584  -8.095  7.744   1.00 16.24 ? 118 VAL A CG2 1 
ATOM   900  N  N   . LYS A 1 116 ? -1.693  -11.192 9.887   1.00 13.89 ? 119 LYS A N   1 
ATOM   901  C  CA  . LYS A 1 116 ? -2.113  -12.493 9.390   1.00 14.90 ? 119 LYS A CA  1 
ATOM   902  C  C   . LYS A 1 116 ? -3.288  -13.047 10.185  1.00 20.00 ? 119 LYS A C   1 
ATOM   903  O  O   . LYS A 1 116 ? -3.496  -14.260 10.197  1.00 20.12 ? 119 LYS A O   1 
ATOM   904  C  CB  . LYS A 1 116 ? -0.951  -13.507 9.423   1.00 17.99 ? 119 LYS A CB  1 
ATOM   905  C  CG  . LYS A 1 116 ? 0.217   -13.135 8.550   1.00 21.97 ? 119 LYS A CG  1 
ATOM   906  C  CD  . LYS A 1 116 ? 1.296   -14.212 8.560   1.00 23.93 ? 119 LYS A CD  1 
ATOM   907  C  CE  . LYS A 1 116 ? 2.533   -13.759 7.844   1.00 26.15 ? 119 LYS A CE  1 
ATOM   908  N  NZ  . LYS A 1 116 ? 3.605   -14.815 7.873   1.00 27.62 ? 119 LYS A NZ  1 
ATOM   909  N  N   . ASP A 1 117 ? -4.036  -12.158 10.846  1.00 17.68 ? 120 ASP A N   1 
ATOM   910  C  CA  . ASP A 1 117 ? -5.222  -12.550 11.595  1.00 16.38 ? 120 ASP A CA  1 
ATOM   911  C  C   . ASP A 1 117 ? -6.475  -12.624 10.728  1.00 20.47 ? 120 ASP A C   1 
ATOM   912  O  O   . ASP A 1 117 ? -7.569  -12.897 11.214  1.00 22.11 ? 120 ASP A O   1 
ATOM   913  C  CB  . ASP A 1 117 ? -5.435  -11.640 12.812  1.00 17.78 ? 120 ASP A CB  1 
ATOM   914  C  CG  . ASP A 1 117 ? -5.531  -10.149 12.472  1.00 24.00 ? 120 ASP A CG  1 
ATOM   915  O  OD1 . ASP A 1 117 ? -4.860  -9.658  11.527  1.00 20.21 ? 120 ASP A OD1 1 
ATOM   916  O  OD2 . ASP A 1 117 ? -6.263  -9.451  13.219  1.00 21.39 ? 120 ASP A OD2 1 
ATOM   917  N  N   . ARG A 1 118 ? -6.309  -12.362 9.437   1.00 19.81 ? 121 ARG A N   1 
ATOM   918  C  CA  . ARG A 1 118 ? -7.405  -12.474 8.492   1.00 18.53 ? 121 ARG A CA  1 
ATOM   919  C  C   . ARG A 1 118 ? -6.842  -12.618 7.082   1.00 14.74 ? 121 ARG A C   1 
ATOM   920  O  O   . ARG A 1 118 ? -5.664  -12.409 6.846   1.00 16.55 ? 121 ARG A O   1 
ATOM   921  C  CB  . ARG A 1 118 ? -8.353  -11.251 8.582   1.00 24.77 ? 121 ARG A CB  1 
ATOM   922  C  CG  . ARG A 1 118 ? -7.709  -9.921  8.296   1.00 24.04 ? 121 ARG A CG  1 
ATOM   923  C  CD  . ARG A 1 118 ? -8.714  -8.732  8.334   1.00 26.04 ? 121 ARG A CD  1 
ATOM   924  N  NE  . ARG A 1 118 ? -9.080  -8.308  9.691   1.00 27.79 ? 121 ARG A NE  1 
ATOM   925  C  CZ  . ARG A 1 118 ? -9.583  -7.110  9.994   1.00 28.82 ? 121 ARG A CZ  1 
ATOM   926  N  NH1 . ARG A 1 118 ? -9.779  -6.200  9.041   1.00 27.81 ? 121 ARG A NH1 1 
ATOM   927  N  NH2 . ARG A 1 118 ? -9.896  -6.814  11.248  1.00 28.67 ? 121 ARG A NH2 1 
ATOM   928  N  N   . LYS A 1 119 ? -7.696  -13.027 6.154   1.00 18.39 ? 122 LYS A N   1 
ATOM   929  C  CA  . LYS A 1 119 ? -7.325  -13.177 4.766   1.00 16.98 ? 122 LYS A CA  1 
ATOM   930  C  C   . LYS A 1 119 ? -7.833  -11.937 4.038   1.00 14.90 ? 122 LYS A C   1 
ATOM   931  O  O   . LYS A 1 119 ? -8.733  -11.248 4.525   1.00 16.57 ? 122 LYS A O   1 
ATOM   932  C  CB  . LYS A 1 119 ? -7.979  -14.414 4.157   1.00 21.30 ? 122 LYS A CB  1 
ATOM   933  C  CG  . LYS A 1 119 ? -7.525  -15.734 4.770   1.00 30.13 ? 122 LYS A CG  1 
ATOM   934  C  CD  . LYS A 1 119 ? -7.954  -16.899 3.887   1.00 33.60 ? 122 LYS A CD  1 
ATOM   935  C  CE  . LYS A 1 119 ? -7.831  -18.230 4.611   1.00 39.17 ? 122 LYS A CE  1 
ATOM   936  N  NZ  . LYS A 1 119 ? -8.892  -18.413 5.647   1.00 40.06 ? 122 LYS A NZ  1 
ATOM   937  N  N   . TYR A 1 120 ? -7.263  -11.657 2.883   1.00 11.66 ? 123 TYR A N   1 
ATOM   938  C  CA  . TYR A 1 120 ? -7.657  -10.461 2.137   1.00 13.19 ? 123 TYR A CA  1 
ATOM   939  C  C   . TYR A 1 120 ? -8.019  -10.738 0.687   1.00 14.71 ? 123 TYR A C   1 
ATOM   940  O  O   . TYR A 1 120 ? -7.509  -11.694 0.064   1.00 17.13 ? 123 TYR A O   1 
ATOM   941  C  CB  . TYR A 1 120 ? -6.526  -9.430  2.174   1.00 12.86 ? 123 TYR A CB  1 
ATOM   942  C  CG  . TYR A 1 120 ? -6.066  -9.093  3.578   1.00 12.71 ? 123 TYR A CG  1 
ATOM   943  C  CD1 . TYR A 1 120 ? -5.067  -9.837  4.202   1.00 14.73 ? 123 TYR A CD1 1 
ATOM   944  C  CD2 . TYR A 1 120 ? -6.670  -8.047  4.301   1.00 11.05 ? 123 TYR A CD2 1 
ATOM   945  C  CE1 . TYR A 1 120 ? -4.666  -9.557  5.509   1.00 14.61 ? 123 TYR A CE1 1 
ATOM   946  C  CE2 . TYR A 1 120 ? -6.271  -7.758  5.621   1.00 11.71 ? 123 TYR A CE2 1 
ATOM   947  C  CZ  . TYR A 1 120 ? -5.271  -8.513  6.209   1.00 12.66 ? 123 TYR A CZ  1 
ATOM   948  O  OH  . TYR A 1 120 ? -4.877  -8.205  7.488   1.00 11.97 ? 123 TYR A OH  1 
ATOM   949  N  N   . ASN A 1 121 ? -8.891  -9.884  0.149   1.00 14.53 ? 124 ASN A N   1 
ATOM   950  C  CA  . ASN A 1 121 ? -9.293  -9.983  -1.237  1.00 12.67 ? 124 ASN A CA  1 
ATOM   951  C  C   . ASN A 1 121 ? -8.279  -9.269  -2.114  1.00 13.87 ? 124 ASN A C   1 
ATOM   952  O  O   . ASN A 1 121 ? -8.101  -9.617  -3.281  1.00 13.53 ? 124 ASN A O   1 
ATOM   953  C  CB  . ASN A 1 121 ? -10.662 -9.344  -1.447  1.00 15.63 ? 124 ASN A CB  1 
ATOM   954  C  CG  . ASN A 1 121 ? -11.765 -10.125 -0.769  1.00 16.85 ? 124 ASN A CG  1 
ATOM   955  O  OD1 . ASN A 1 121 ? -12.239 -11.152 -1.282  1.00 23.22 ? 124 ASN A OD1 1 
ATOM   956  N  ND2 . ASN A 1 121 ? -12.148 -9.682  0.386   1.00 12.55 ? 124 ASN A ND2 1 
ATOM   957  N  N   . LYS A 1 122 ? -7.630  -8.258  -1.547  1.00 12.70 ? 125 LYS A N   1 
ATOM   958  C  CA  . LYS A 1 122 ? -6.662  -7.459  -2.270  1.00 9.72  ? 125 LYS A CA  1 
ATOM   959  C  C   . LYS A 1 122 ? -5.509  -7.068  -1.344  1.00 13.75 ? 125 LYS A C   1 
ATOM   960  O  O   . LYS A 1 122 ? -5.728  -6.732  -0.181  1.00 13.39 ? 125 LYS A O   1 
ATOM   961  C  CB  . LYS A 1 122 ? -7.301  -6.144  -2.743  1.00 13.87 ? 125 LYS A CB  1 
ATOM   962  C  CG  . LYS A 1 122 ? -8.547  -6.282  -3.633  1.00 17.46 ? 125 LYS A CG  1 
ATOM   963  C  CD  . LYS A 1 122 ? -8.141  -6.366  -5.081  1.00 21.35 ? 125 LYS A CD  1 
ATOM   964  C  CE  . LYS A 1 122 ? -9.377  -6.341  -6.002  1.00 26.36 ? 125 LYS A CE  1 
ATOM   965  N  NZ  . LYS A 1 122 ? -10.277 -7.458  -5.680  1.00 28.50 ? 125 LYS A NZ  1 
ATOM   966  N  N   . ILE A 1 123 ? -4.290  -7.147  -1.868  1.00 10.47 ? 126 ILE A N   1 
ATOM   967  C  CA  . ILE A 1 123 ? -3.111  -6.670  -1.160  1.00 10.22 ? 126 ILE A CA  1 
ATOM   968  C  C   . ILE A 1 123 ? -2.582  -5.644  -2.165  1.00 11.78 ? 126 ILE A C   1 
ATOM   969  O  O   . ILE A 1 123 ? -2.350  -5.974  -3.328  1.00 10.80 ? 126 ILE A O   1 
ATOM   970  C  CB  . ILE A 1 123 ? -2.086  -7.792  -0.895  1.00 12.60 ? 126 ILE A CB  1 
ATOM   971  C  CG1 . ILE A 1 123 ? -2.647  -8.720  0.191   1.00 12.50 ? 126 ILE A CG1 1 
ATOM   972  C  CG2 . ILE A 1 123 ? -0.761  -7.187  -0.405  1.00 11.24 ? 126 ILE A CG2 1 
ATOM   973  C  CD1 . ILE A 1 123 ? -1.865  -10.028 0.343   1.00 13.65 ? 126 ILE A CD1 1 
ATOM   974  N  N   . ILE A 1 124 ? -2.399  -4.403  -1.709  1.00 9.91  ? 127 ILE A N   1 
ATOM   975  C  CA  . ILE A 1 124 ? -1.984  -3.311  -2.587  1.00 12.05 ? 127 ILE A CA  1 
ATOM   976  C  C   . ILE A 1 124 ? -0.749  -2.670  -1.995  1.00 15.93 ? 127 ILE A C   1 
ATOM   977  O  O   . ILE A 1 124 ? -0.739  -2.323  -0.802  1.00 15.70 ? 127 ILE A O   1 
ATOM   978  C  CB  . ILE A 1 124 ? -3.120  -2.266  -2.670  1.00 13.21 ? 127 ILE A CB  1 
ATOM   979  C  CG1 . ILE A 1 124 ? -4.438  -2.968  -3.017  1.00 16.46 ? 127 ILE A CG1 1 
ATOM   980  C  CG2 . ILE A 1 124 ? -2.783  -1.185  -3.740  1.00 14.15 ? 127 ILE A CG2 1 
ATOM   981  C  CD1 . ILE A 1 124 ? -5.669  -2.115  -2.846  1.00 19.12 ? 127 ILE A CD1 1 
ATOM   982  N  N   . THR A 1 125 ? 0.287   -2.501  -2.806  1.00 12.22 ? 128 THR A N   1 
ATOM   983  C  CA  . THR A 1 125 ? 1.513   -1.943  -2.273  1.00 16.43 ? 128 THR A CA  1 
ATOM   984  C  C   . THR A 1 125 ? 2.444   -1.249  -3.261  1.00 15.88 ? 128 THR A C   1 
ATOM   985  O  O   . THR A 1 125 ? 2.506   -1.608  -4.434  1.00 13.42 ? 128 THR A O   1 
ATOM   986  C  CB  . THR A 1 125 ? 2.319   -3.077  -1.521  1.00 19.67 ? 128 THR A CB  1 
ATOM   987  O  OG1 . THR A 1 125 ? 3.511   -2.534  -0.927  1.00 25.73 ? 128 THR A OG1 1 
ATOM   988  C  CG2 . THR A 1 125 ? 2.706   -4.195  -2.488  1.00 25.18 ? 128 THR A CG2 1 
ATOM   989  N  N   . ASN A 1 126 ? 3.128   -0.222  -2.758  1.00 18.43 ? 129 ASN A N   1 
ATOM   990  C  CA  . ASN A 1 126 ? 4.175   0.495   -3.499  1.00 18.86 ? 129 ASN A CA  1 
ATOM   991  C  C   . ASN A 1 126 ? 5.355   0.042   -2.650  1.00 19.42 ? 129 ASN A C   1 
ATOM   992  O  O   . ASN A 1 126 ? 5.742   0.701   -1.672  1.00 21.21 ? 129 ASN A O   1 
ATOM   993  C  CB  . ASN A 1 126 ? 4.040   2.006   -3.404  1.00 17.72 ? 129 ASN A CB  1 
ATOM   994  C  CG  . ASN A 1 126 ? 5.106   2.710   -4.217  1.00 17.39 ? 129 ASN A CG  1 
ATOM   995  O  OD1 . ASN A 1 126 ? 6.062   2.074   -4.673  1.00 17.42 ? 129 ASN A OD1 1 
ATOM   996  N  ND2 . ASN A 1 126 ? 4.957   4.016   -4.411  1.00 18.53 ? 129 ASN A ND2 1 
ATOM   997  N  N   . PRO A 1 127 ? 5.965   -1.083  -3.030  1.00 19.48 ? 130 PRO A N   1 
ATOM   998  C  CA  . PRO A 1 127 ? 7.080   -1.646  -2.277  1.00 21.07 ? 130 PRO A CA  1 
ATOM   999  C  C   . PRO A 1 127 ? 8.406   -0.912  -2.276  1.00 21.53 ? 130 PRO A C   1 
ATOM   1000 O  O   . PRO A 1 127 ? 8.754   -0.231  -3.233  1.00 20.23 ? 130 PRO A O   1 
ATOM   1001 C  CB  . PRO A 1 127 ? 7.197   -3.036  -2.879  1.00 20.54 ? 130 PRO A CB  1 
ATOM   1002 C  CG  . PRO A 1 127 ? 6.979   -2.746  -4.330  1.00 21.14 ? 130 PRO A CG  1 
ATOM   1003 C  CD  . PRO A 1 127 ? 5.829   -1.754  -4.339  1.00 17.51 ? 130 PRO A CD  1 
ATOM   1004 N  N   . PRO A 1 128 ? 9.157   -1.033  -1.174  1.00 24.17 ? 131 PRO A N   1 
ATOM   1005 C  CA  . PRO A 1 128 ? 10.465  -0.376  -1.085  1.00 25.78 ? 131 PRO A CA  1 
ATOM   1006 C  C   . PRO A 1 128 ? 11.393  -1.108  -2.057  1.00 27.94 ? 131 PRO A C   1 
ATOM   1007 O  O   . PRO A 1 128 ? 11.306  -2.326  -2.193  1.00 33.47 ? 131 PRO A O   1 
ATOM   1008 C  CB  . PRO A 1 128 ? 10.847  -0.570  0.381   1.00 26.29 ? 131 PRO A CB  1 
ATOM   1009 C  CG  . PRO A 1 128 ? 10.097  -1.819  0.765   1.00 25.65 ? 131 PRO A CG  1 
ATOM   1010 C  CD  . PRO A 1 128 ? 8.773   -1.643  0.110   1.00 23.80 ? 131 PRO A CD  1 
ATOM   1011 N  N   . ILE A 1 129 ? 12.263  -0.372  -2.740  1.00 28.64 ? 132 ILE A N   1 
ATOM   1012 C  CA  . ILE A 1 129 ? 13.160  -0.967  -3.723  1.00 29.28 ? 132 ILE A CA  1 
ATOM   1013 C  C   . ILE A 1 129 ? 14.593  -1.155  -3.234  1.00 27.62 ? 132 ILE A C   1 
ATOM   1014 O  O   . ILE A 1 129 ? 15.192  -2.206  -3.448  1.00 29.59 ? 132 ILE A O   1 
ATOM   1015 C  CB  . ILE A 1 129 ? 13.211  -0.108  -4.989  1.00 28.55 ? 132 ILE A CB  1 
ATOM   1016 C  CG1 . ILE A 1 129 ? 11.792  0.161   -5.476  1.00 31.38 ? 132 ILE A CG1 1 
ATOM   1017 C  CG2 . ILE A 1 129 ? 14.047  -0.804  -6.062  1.00 29.57 ? 132 ILE A CG2 1 
ATOM   1018 C  CD1 . ILE A 1 129 ? 11.711  1.332   -6.427  1.00 36.89 ? 132 ILE A CD1 1 
ATOM   1019 N  N   . ARG A 1 130 ? 15.146  -0.132  -2.589  1.00 28.48 ? 133 ARG A N   1 
ATOM   1020 C  CA  . ARG A 1 130 ? 16.518  -0.220  -2.098  1.00 28.23 ? 133 ARG A CA  1 
ATOM   1021 C  C   . ARG A 1 130 ? 16.735  -1.391  -1.156  1.00 27.71 ? 133 ARG A C   1 
ATOM   1022 O  O   . ARG A 1 130 ? 17.869  -1.857  -1.003  1.00 30.51 ? 133 ARG A O   1 
ATOM   1023 C  CB  . ARG A 1 130 ? 16.930  1.074   -1.399  1.00 26.77 ? 133 ARG A CB  1 
ATOM   1024 C  CG  . ARG A 1 130 ? 17.472  2.137   -2.333  1.00 26.49 ? 133 ARG A CG  1 
ATOM   1025 C  CD  . ARG A 1 130 ? 17.954  3.313   -1.530  1.00 29.63 ? 133 ARG A CD  1 
ATOM   1026 N  NE  . ARG A 1 130 ? 16.889  3.857   -0.695  1.00 29.49 ? 133 ARG A NE  1 
ATOM   1027 C  CZ  . ARG A 1 130 ? 17.092  4.755   0.254   1.00 31.29 ? 133 ARG A CZ  1 
ATOM   1028 N  NH1 . ARG A 1 130 ? 18.321  5.199   0.480   1.00 37.00 ? 133 ARG A NH1 1 
ATOM   1029 N  NH2 . ARG A 1 130 ? 16.079  5.204   0.986   1.00 31.79 ? 133 ARG A NH2 1 
ATOM   1030 N  N   . ALA A 1 131 ? 15.649  -1.856  -0.538  1.00 29.36 ? 134 ALA A N   1 
ATOM   1031 C  CA  . ALA A 1 131 ? 15.679  -2.981  0.393   1.00 28.31 ? 134 ALA A CA  1 
ATOM   1032 C  C   . ALA A 1 131 ? 16.114  -4.274  -0.293  1.00 29.39 ? 134 ALA A C   1 
ATOM   1033 O  O   . ALA A 1 131 ? 16.412  -5.267  0.369   1.00 29.54 ? 134 ALA A O   1 
ATOM   1034 C  CB  . ALA A 1 131 ? 14.301  -3.173  1.028   1.00 27.21 ? 134 ALA A CB  1 
ATOM   1035 N  N   . GLY A 1 132 ? 16.111  -4.275  -1.621  1.00 27.32 ? 135 GLY A N   1 
ATOM   1036 C  CA  . GLY A 1 132 ? 16.546  -5.452  -2.352  1.00 25.98 ? 135 GLY A CA  1 
ATOM   1037 C  C   . GLY A 1 132 ? 15.456  -6.377  -2.857  1.00 27.91 ? 135 GLY A C   1 
ATOM   1038 O  O   . GLY A 1 132 ? 14.322  -6.359  -2.374  1.00 25.78 ? 135 GLY A O   1 
ATOM   1039 N  N   . LYS A 1 133 ? 15.818  -7.205  -3.834  1.00 28.55 ? 136 LYS A N   1 
ATOM   1040 C  CA  . LYS A 1 133 ? 14.868  -8.142  -4.431  1.00 27.97 ? 136 LYS A CA  1 
ATOM   1041 C  C   . LYS A 1 133 ? 14.368  -9.250  -3.510  1.00 28.15 ? 136 LYS A C   1 
ATOM   1042 O  O   . LYS A 1 133 ? 13.301  -9.801  -3.756  1.00 25.62 ? 136 LYS A O   1 
ATOM   1043 C  CB  . LYS A 1 133 ? 15.460  -8.767  -5.703  1.00 30.78 ? 136 LYS A CB  1 
ATOM   1044 C  CG  . LYS A 1 133 ? 15.381  -7.858  -6.917  1.00 32.90 ? 136 LYS A CG  1 
ATOM   1045 C  CD  . LYS A 1 133 ? 15.848  -8.576  -8.172  1.00 36.43 ? 136 LYS A CD  1 
ATOM   1046 C  CE  . LYS A 1 133 ? 15.765  -7.672  -9.399  1.00 38.08 ? 136 LYS A CE  1 
ATOM   1047 N  NZ  . LYS A 1 133 ? 16.219  -8.398  -10.625 1.00 40.99 ? 136 LYS A NZ  1 
ATOM   1048 N  N   . GLU A 1 134 ? 15.116  -9.590  -2.461  1.00 27.30 ? 137 GLU A N   1 
ATOM   1049 C  CA  . GLU A 1 134 ? 14.661  -10.654 -1.558  1.00 30.07 ? 137 GLU A CA  1 
ATOM   1050 C  C   . GLU A 1 134 ? 13.402  -10.231 -0.801  1.00 28.48 ? 137 GLU A C   1 
ATOM   1051 O  O   . GLU A 1 134 ? 12.492  -11.042 -0.543  1.00 22.16 ? 137 GLU A O   1 
ATOM   1052 C  CB  . GLU A 1 134 ? 15.757  -11.030 -0.554  1.00 34.63 ? 137 GLU A CB  1 
ATOM   1053 C  CG  . GLU A 1 134 ? 17.053  -11.513 -1.207  1.00 42.56 ? 137 GLU A CG  1 
ATOM   1054 C  CD  . GLU A 1 134 ? 18.047  -10.383 -1.467  1.00 47.18 ? 137 GLU A CD  1 
ATOM   1055 O  OE1 . GLU A 1 134 ? 17.676  -9.399  -2.148  1.00 49.46 ? 137 GLU A OE1 1 
ATOM   1056 O  OE2 . GLU A 1 134 ? 19.204  -10.481 -0.990  1.00 50.04 ? 137 GLU A OE2 1 
ATOM   1057 N  N   . VAL A 1 135 ? 13.361  -8.958  -0.428  1.00 25.77 ? 138 VAL A N   1 
ATOM   1058 C  CA  . VAL A 1 135 ? 12.198  -8.421  0.272   1.00 23.41 ? 138 VAL A CA  1 
ATOM   1059 C  C   . VAL A 1 135 ? 11.030  -8.335  -0.706  1.00 21.75 ? 138 VAL A C   1 
ATOM   1060 O  O   . VAL A 1 135 ? 9.891   -8.588  -0.341  1.00 19.03 ? 138 VAL A O   1 
ATOM   1061 C  CB  . VAL A 1 135 ? 12.487  -7.025  0.828   1.00 26.06 ? 138 VAL A CB  1 
ATOM   1062 C  CG1 . VAL A 1 135 ? 11.229  -6.448  1.478   1.00 25.32 ? 138 VAL A CG1 1 
ATOM   1063 C  CG2 . VAL A 1 135 ? 13.620  -7.117  1.840   1.00 28.78 ? 138 VAL A CG2 1 
ATOM   1064 N  N   . LEU A 1 136 ? 11.308  -7.949  -1.944  1.00 19.33 ? 139 LEU A N   1 
ATOM   1065 C  CA  . LEU A 1 136 ? 10.245  -7.881  -2.947  1.00 21.43 ? 139 LEU A CA  1 
ATOM   1066 C  C   . LEU A 1 136 ? 9.632   -9.271  -3.162  1.00 21.88 ? 139 LEU A C   1 
ATOM   1067 O  O   . LEU A 1 136 ? 8.407   -9.426  -3.181  1.00 19.08 ? 139 LEU A O   1 
ATOM   1068 C  CB  . LEU A 1 136 ? 10.793  -7.366  -4.280  1.00 24.45 ? 139 LEU A CB  1 
ATOM   1069 C  CG  . LEU A 1 136 ? 11.186  -5.894  -4.307  1.00 30.11 ? 139 LEU A CG  1 
ATOM   1070 C  CD1 . LEU A 1 136 ? 11.680  -5.545  -5.711  1.00 28.97 ? 139 LEU A CD1 1 
ATOM   1071 C  CD2 . LEU A 1 136 ? 9.969   -5.029  -3.926  1.00 31.15 ? 139 LEU A CD2 1 
ATOM   1072 N  N   . HIS A 1 137 ? 10.488  -10.283 -3.314  1.00 18.29 ? 140 HIS A N   1 
ATOM   1073 C  CA  . HIS A 1 137 ? 10.002  -11.639 -3.524  1.00 19.77 ? 140 HIS A CA  1 
ATOM   1074 C  C   . HIS A 1 137 ? 9.192   -12.160 -2.346  1.00 21.04 ? 140 HIS A C   1 
ATOM   1075 O  O   . HIS A 1 137 ? 8.251   -12.951 -2.509  1.00 19.87 ? 140 HIS A O   1 
ATOM   1076 C  CB  . HIS A 1 137 ? 11.181  -12.569 -3.835  1.00 24.70 ? 140 HIS A CB  1 
ATOM   1077 C  CG  . HIS A 1 137 ? 11.824  -12.298 -5.164  1.00 23.92 ? 140 HIS A CG  1 
ATOM   1078 N  ND1 . HIS A 1 137 ? 11.457  -11.242 -5.970  1.00 28.19 ? 140 HIS A ND1 1 
ATOM   1079 C  CD2 . HIS A 1 137 ? 12.841  -12.921 -5.805  1.00 26.36 ? 140 HIS A CD2 1 
ATOM   1080 C  CE1 . HIS A 1 137 ? 12.220  -11.222 -7.047  1.00 27.03 ? 140 HIS A CE1 1 
ATOM   1081 N  NE2 . HIS A 1 137 ? 13.070  -12.231 -6.971  1.00 28.33 ? 140 HIS A NE2 1 
ATOM   1082 N  N   . ARG A 1 138 ? 9.544   -11.718 -1.146  1.00 18.77 ? 141 ARG A N   1 
ATOM   1083 C  CA  . ARG A 1 138 ? 8.828   -12.145 0.037   1.00 18.55 ? 141 ARG A CA  1 
ATOM   1084 C  C   . ARG A 1 138 ? 7.422   -11.528 0.060   1.00 16.78 ? 141 ARG A C   1 
ATOM   1085 O  O   . ARG A 1 138 ? 6.458   -12.176 0.482   1.00 17.66 ? 141 ARG A O   1 
ATOM   1086 C  CB  . ARG A 1 138 ? 9.595   -11.745 1.293   1.00 24.08 ? 141 ARG A CB  1 
ATOM   1087 C  CG  . ARG A 1 138 ? 8.868   -12.079 2.577   1.00 30.58 ? 141 ARG A CG  1 
ATOM   1088 C  CD  . ARG A 1 138 ? 9.770   -11.858 3.790   1.00 39.12 ? 141 ARG A CD  1 
ATOM   1089 N  NE  . ARG A 1 138 ? 8.984   -11.639 5.003   1.00 44.47 ? 141 ARG A NE  1 
ATOM   1090 C  CZ  . ARG A 1 138 ? 9.498   -11.580 6.227   1.00 47.96 ? 141 ARG A CZ  1 
ATOM   1091 N  NH1 . ARG A 1 138 ? 10.808  -11.732 6.400   1.00 48.18 ? 141 ARG A NH1 1 
ATOM   1092 N  NH2 . ARG A 1 138 ? 8.706   -11.356 7.276   1.00 46.44 ? 141 ARG A NH2 1 
ATOM   1093 N  N   . ILE A 1 139 ? 7.308   -10.278 -0.387  1.00 15.80 ? 142 ILE A N   1 
ATOM   1094 C  CA  . ILE A 1 139 ? 6.011   -9.615  -0.420  1.00 13.75 ? 142 ILE A CA  1 
ATOM   1095 C  C   . ILE A 1 139 ? 5.066   -10.416 -1.331  1.00 17.26 ? 142 ILE A C   1 
ATOM   1096 O  O   . ILE A 1 139 ? 3.884   -10.636 -1.030  1.00 14.38 ? 142 ILE A O   1 
ATOM   1097 C  CB  . ILE A 1 139 ? 6.166   -8.164  -0.930  1.00 18.38 ? 142 ILE A CB  1 
ATOM   1098 C  CG1 . ILE A 1 139 ? 6.836   -7.313  0.162   1.00 15.95 ? 142 ILE A CG1 1 
ATOM   1099 C  CG2 . ILE A 1 139 ? 4.831   -7.632  -1.376  1.00 16.09 ? 142 ILE A CG2 1 
ATOM   1100 C  CD1 . ILE A 1 139 ? 7.291   -5.936  -0.292  1.00 19.00 ? 142 ILE A CD1 1 
ATOM   1101 N  N   . ILE A 1 140 ? 5.612   -10.901 -2.432  1.00 18.28 ? 143 ILE A N   1 
ATOM   1102 C  CA  . ILE A 1 140 ? 4.812   -11.680 -3.373  1.00 18.93 ? 143 ILE A CA  1 
ATOM   1103 C  C   . ILE A 1 140 ? 4.482   -13.076 -2.867  1.00 18.82 ? 143 ILE A C   1 
ATOM   1104 O  O   . ILE A 1 140 ? 3.317   -13.477 -2.845  1.00 22.47 ? 143 ILE A O   1 
ATOM   1105 C  CB  . ILE A 1 140 ? 5.535   -11.811 -4.716  1.00 18.73 ? 143 ILE A CB  1 
ATOM   1106 C  CG1 . ILE A 1 140 ? 5.836   -10.432 -5.268  1.00 20.84 ? 143 ILE A CG1 1 
ATOM   1107 C  CG2 . ILE A 1 140 ? 4.673   -12.578 -5.720  1.00 17.77 ? 143 ILE A CG2 1 
ATOM   1108 C  CD1 . ILE A 1 140 ? 7.270   -10.314 -5.681  1.00 30.13 ? 143 ILE A CD1 1 
ATOM   1109 N  N   . GLU A 1 141 ? 5.494   -13.826 -2.454  1.00 20.65 ? 144 GLU A N   1 
ATOM   1110 C  CA  . GLU A 1 141 ? 5.248   -15.193 -1.994  1.00 24.58 ? 144 GLU A CA  1 
ATOM   1111 C  C   . GLU A 1 141 ? 4.388   -15.298 -0.736  1.00 24.83 ? 144 GLU A C   1 
ATOM   1112 O  O   . GLU A 1 141 ? 3.495   -16.132 -0.673  1.00 23.66 ? 144 GLU A O   1 
ATOM   1113 C  CB  . GLU A 1 141 ? 6.568   -15.931 -1.757  1.00 29.90 ? 144 GLU A CB  1 
ATOM   1114 C  CG  . GLU A 1 141 ? 6.393   -17.436 -1.758  1.00 34.94 ? 144 GLU A CG  1 
ATOM   1115 C  CD  . GLU A 1 141 ? 7.673   -18.186 -1.446  1.00 40.16 ? 144 GLU A CD  1 
ATOM   1116 O  OE1 . GLU A 1 141 ? 8.763   -17.675 -1.795  1.00 37.92 ? 144 GLU A OE1 1 
ATOM   1117 O  OE2 . GLU A 1 141 ? 7.581   -19.295 -0.863  1.00 41.88 ? 144 GLU A OE2 1 
ATOM   1118 N  N   . GLU A 1 142 ? 4.651   -14.475 0.280   1.00 23.15 ? 145 GLU A N   1 
ATOM   1119 C  CA  . GLU A 1 142 ? 3.840   -14.543 1.491   1.00 23.09 ? 145 GLU A CA  1 
ATOM   1120 C  C   . GLU A 1 142 ? 2.458   -13.966 1.211   1.00 21.08 ? 145 GLU A C   1 
ATOM   1121 O  O   . GLU A 1 142 ? 1.460   -14.379 1.811   1.00 19.15 ? 145 GLU A O   1 
ATOM   1122 C  CB  . GLU A 1 142 ? 4.500   -13.788 2.650   1.00 27.14 ? 145 GLU A CB  1 
ATOM   1123 C  CG  . GLU A 1 142 ? 5.870   -14.310 3.037   1.00 35.80 ? 145 GLU A CG  1 
ATOM   1124 C  CD  . GLU A 1 142 ? 6.166   -14.135 4.525   1.00 41.91 ? 145 GLU A CD  1 
ATOM   1125 O  OE1 . GLU A 1 142 ? 5.697   -13.139 5.120   1.00 44.76 ? 145 GLU A OE1 1 
ATOM   1126 O  OE2 . GLU A 1 142 ? 6.873   -14.995 5.097   1.00 44.03 ? 145 GLU A OE2 1 
ATOM   1127 N  N   . GLY A 1 143 ? 2.400   -13.027 0.271   1.00 16.83 ? 146 GLY A N   1 
ATOM   1128 C  CA  . GLY A 1 143 ? 1.127   -12.426 -0.074  1.00 19.47 ? 146 GLY A CA  1 
ATOM   1129 C  C   . GLY A 1 143 ? 0.137   -13.459 -0.564  1.00 19.36 ? 146 GLY A C   1 
ATOM   1130 O  O   . GLY A 1 143 ? -1.040  -13.427 -0.214  1.00 17.60 ? 146 GLY A O   1 
ATOM   1131 N  N   . LYS A 1 144 ? 0.616   -14.405 -1.362  1.00 21.03 ? 147 LYS A N   1 
ATOM   1132 C  CA  . LYS A 1 144 ? -0.270  -15.429 -1.905  1.00 18.53 ? 147 LYS A CA  1 
ATOM   1133 C  C   . LYS A 1 144 ? -0.967  -16.212 -0.800  1.00 19.01 ? 147 LYS A C   1 
ATOM   1134 O  O   . LYS A 1 144 ? -2.152  -16.539 -0.915  1.00 20.76 ? 147 LYS A O   1 
ATOM   1135 C  CB  . LYS A 1 144 ? 0.515   -16.388 -2.795  1.00 18.98 ? 147 LYS A CB  1 
ATOM   1136 C  CG  . LYS A 1 144 ? -0.397  -17.298 -3.610  1.00 20.81 ? 147 LYS A CG  1 
ATOM   1137 C  CD  . LYS A 1 144 ? 0.429   -18.253 -4.452  1.00 23.66 ? 147 LYS A CD  1 
ATOM   1138 C  CE  . LYS A 1 144 ? -0.472  -19.226 -5.198  1.00 23.50 ? 147 LYS A CE  1 
ATOM   1139 N  NZ  . LYS A 1 144 ? 0.337   -20.302 -5.868  1.00 26.90 ? 147 LYS A NZ  1 
ATOM   1140 N  N   . GLU A 1 145 ? -0.235  -16.481 0.275   1.00 19.37 ? 148 GLU A N   1 
ATOM   1141 C  CA  . GLU A 1 145 ? -0.756  -17.223 1.409   1.00 21.01 ? 148 GLU A CA  1 
ATOM   1142 C  C   . GLU A 1 145 ? -1.845  -16.458 2.145   1.00 23.87 ? 148 GLU A C   1 
ATOM   1143 O  O   . GLU A 1 145 ? -2.657  -17.063 2.839   1.00 21.89 ? 148 GLU A O   1 
ATOM   1144 C  CB  . GLU A 1 145 ? 0.357   -17.536 2.406   1.00 25.90 ? 148 GLU A CB  1 
ATOM   1145 C  CG  . GLU A 1 145 ? 1.577   -18.234 1.823   1.00 32.37 ? 148 GLU A CG  1 
ATOM   1146 C  CD  . GLU A 1 145 ? 2.528   -18.742 2.902   1.00 39.78 ? 148 GLU A CD  1 
ATOM   1147 O  OE1 . GLU A 1 145 ? 2.803   -17.982 3.861   1.00 42.43 ? 148 GLU A OE1 1 
ATOM   1148 O  OE2 . GLU A 1 145 ? 3.007   -19.902 2.793   1.00 43.36 ? 148 GLU A OE2 1 
ATOM   1149 N  N   . LEU A 1 146 ? -1.862  -15.133 2.012   1.00 18.19 ? 149 LEU A N   1 
ATOM   1150 C  CA  . LEU A 1 146 ? -2.868  -14.344 2.722   1.00 16.74 ? 149 LEU A CA  1 
ATOM   1151 C  C   . LEU A 1 146 ? -4.060  -13.939 1.891   1.00 18.03 ? 149 LEU A C   1 
ATOM   1152 O  O   . LEU A 1 146 ? -4.966  -13.277 2.388   1.00 18.64 ? 149 LEU A O   1 
ATOM   1153 C  CB  . LEU A 1 146 ? -2.228  -13.082 3.305   1.00 16.17 ? 149 LEU A CB  1 
ATOM   1154 C  CG  . LEU A 1 146 ? -1.068  -13.326 4.277   1.00 18.62 ? 149 LEU A CG  1 
ATOM   1155 C  CD1 . LEU A 1 146 ? -0.566  -12.006 4.780   1.00 20.96 ? 149 LEU A CD1 1 
ATOM   1156 C  CD2 . LEU A 1 146 ? -1.529  -14.206 5.441   1.00 22.59 ? 149 LEU A CD2 1 
ATOM   1157 N  N   . LEU A 1 147 ? -4.071  -14.325 0.622   1.00 15.61 ? 150 LEU A N   1 
ATOM   1158 C  CA  . LEU A 1 147 ? -5.180  -13.950 -0.236  1.00 15.24 ? 150 LEU A CA  1 
ATOM   1159 C  C   . LEU A 1 147 ? -6.294  -14.978 -0.247  1.00 17.75 ? 150 LEU A C   1 
ATOM   1160 O  O   . LEU A 1 147 ? -6.053  -16.182 -0.167  1.00 19.93 ? 150 LEU A O   1 
ATOM   1161 C  CB  . LEU A 1 147 ? -4.688  -13.716 -1.660  1.00 17.30 ? 150 LEU A CB  1 
ATOM   1162 C  CG  . LEU A 1 147 ? -3.780  -12.504 -1.925  1.00 17.28 ? 150 LEU A CG  1 
ATOM   1163 C  CD1 . LEU A 1 147 ? -3.162  -12.629 -3.307  1.00 16.94 ? 150 LEU A CD1 1 
ATOM   1164 C  CD2 . LEU A 1 147 ? -4.584  -11.214 -1.803  1.00 15.94 ? 150 LEU A CD2 1 
ATOM   1165 N  N   . LYS A 1 148 ? -7.522  -14.484 -0.331  1.00 18.19 ? 151 LYS A N   1 
ATOM   1166 C  CA  . LYS A 1 148 ? -8.689  -15.346 -0.407  1.00 19.92 ? 151 LYS A CA  1 
ATOM   1167 C  C   . LYS A 1 148 ? -8.698  -15.847 -1.851  1.00 20.81 ? 151 LYS A C   1 
ATOM   1168 O  O   . LYS A 1 148 ? -8.051  -15.265 -2.725  1.00 17.81 ? 151 LYS A O   1 
ATOM   1169 C  CB  . LYS A 1 148 ? -9.968  -14.538 -0.161  1.00 18.93 ? 151 LYS A CB  1 
ATOM   1170 C  CG  . LYS A 1 148 ? -10.124 -13.973 1.257   1.00 21.77 ? 151 LYS A CG  1 
ATOM   1171 C  CD  . LYS A 1 148 ? -11.452 -13.229 1.350   1.00 28.11 ? 151 LYS A CD  1 
ATOM   1172 C  CE  . LYS A 1 148 ? -11.648 -12.524 2.685   1.00 29.91 ? 151 LYS A CE  1 
ATOM   1173 N  NZ  . LYS A 1 148 ? -12.850 -11.620 2.612   1.00 32.33 ? 151 LYS A NZ  1 
ATOM   1174 N  N   . ASP A 1 149 ? -9.424  -16.923 -2.115  1.00 21.34 ? 152 ASP A N   1 
ATOM   1175 C  CA  . ASP A 1 149 ? -9.501  -17.410 -3.486  1.00 26.10 ? 152 ASP A CA  1 
ATOM   1176 C  C   . ASP A 1 149 ? -9.946  -16.249 -4.370  1.00 21.44 ? 152 ASP A C   1 
ATOM   1177 O  O   . ASP A 1 149 ? -10.809 -15.450 -3.972  1.00 24.25 ? 152 ASP A O   1 
ATOM   1178 C  CB  . ASP A 1 149 ? -10.497 -18.573 -3.591  1.00 29.73 ? 152 ASP A CB  1 
ATOM   1179 C  CG  . ASP A 1 149 ? -10.085 -19.777 -2.750  1.00 36.49 ? 152 ASP A CG  1 
ATOM   1180 O  OD1 . ASP A 1 149 ? -8.871  -20.062 -2.655  1.00 38.68 ? 152 ASP A OD1 1 
ATOM   1181 O  OD2 . ASP A 1 149 ? -10.978 -20.452 -2.195  1.00 42.05 ? 152 ASP A OD2 1 
ATOM   1182 N  N   . ASN A 1 150 ? -9.344  -16.145 -5.553  1.00 21.42 ? 153 ASN A N   1 
ATOM   1183 C  CA  . ASN A 1 150 ? -9.624  -15.082 -6.525  1.00 23.99 ? 153 ASN A CA  1 
ATOM   1184 C  C   . ASN A 1 150 ? -9.128  -13.715 -6.062  1.00 20.27 ? 153 ASN A C   1 
ATOM   1185 O  O   . ASN A 1 150 ? -9.415  -12.696 -6.693  1.00 19.77 ? 153 ASN A O   1 
ATOM   1186 C  CB  . ASN A 1 150 ? -11.123 -14.992 -6.855  1.00 28.51 ? 153 ASN A CB  1 
ATOM   1187 C  CG  . ASN A 1 150 ? -11.621 -16.195 -7.620  1.00 33.35 ? 153 ASN A CG  1 
ATOM   1188 O  OD1 . ASN A 1 150 ? -10.863 -16.839 -8.353  1.00 36.62 ? 153 ASN A OD1 1 
ATOM   1189 N  ND2 . ASN A 1 150 ? -12.904 -16.498 -7.474  1.00 33.36 ? 153 ASN A ND2 1 
ATOM   1190 N  N   . GLY A 1 151 ? -8.396  -13.700 -4.955  1.00 22.53 ? 154 GLY A N   1 
ATOM   1191 C  CA  . GLY A 1 151 ? -7.862  -12.451 -4.444  1.00 18.32 ? 154 GLY A CA  1 
ATOM   1192 C  C   . GLY A 1 151 ? -6.765  -11.972 -5.373  1.00 18.65 ? 154 GLY A C   1 
ATOM   1193 O  O   . GLY A 1 151 ? -6.277  -12.732 -6.202  1.00 16.77 ? 154 GLY A O   1 
ATOM   1194 N  N   . GLU A 1 152 ? -6.354  -10.717 -5.243  1.00 18.28 ? 155 GLU A N   1 
ATOM   1195 C  CA  . GLU A 1 152 ? -5.316  -10.196 -6.130  1.00 14.59 ? 155 GLU A CA  1 
ATOM   1196 C  C   . GLU A 1 152 ? -4.300  -9.365  -5.376  1.00 18.32 ? 155 GLU A C   1 
ATOM   1197 O  O   . GLU A 1 152 ? -4.635  -8.716  -4.368  1.00 13.79 ? 155 GLU A O   1 
ATOM   1198 C  CB  . GLU A 1 152 ? -5.916  -9.282  -7.196  1.00 16.68 ? 155 GLU A CB  1 
ATOM   1199 C  CG  . GLU A 1 152 ? -7.162  -9.853  -7.859  1.00 21.86 ? 155 GLU A CG  1 
ATOM   1200 C  CD  . GLU A 1 152 ? -7.764  -8.930  -8.902  1.00 24.65 ? 155 GLU A CD  1 
ATOM   1201 O  OE1 . GLU A 1 152 ? -7.637  -7.696  -8.770  1.00 20.46 ? 155 GLU A OE1 1 
ATOM   1202 O  OE2 . GLU A 1 152 ? -8.390  -9.447  -9.858  1.00 26.88 ? 155 GLU A OE2 1 
ATOM   1203 N  N   . ILE A 1 153 ? -3.067  -9.384  -5.875  1.00 14.12 ? 156 ILE A N   1 
ATOM   1204 C  CA  . ILE A 1 153 ? -2.019  -8.547  -5.288  1.00 12.15 ? 156 ILE A CA  1 
ATOM   1205 C  C   . ILE A 1 153 ? -1.661  -7.571  -6.414  1.00 16.24 ? 156 ILE A C   1 
ATOM   1206 O  O   . ILE A 1 153 ? -1.504  -7.957  -7.583  1.00 14.30 ? 156 ILE A O   1 
ATOM   1207 C  CB  . ILE A 1 153 ? -0.787  -9.377  -4.795  1.00 13.45 ? 156 ILE A CB  1 
ATOM   1208 C  CG1 . ILE A 1 153 ? 0.240   -8.438  -4.151  1.00 13.06 ? 156 ILE A CG1 1 
ATOM   1209 C  CG2 . ILE A 1 153 ? -0.132  -10.131 -5.941  1.00 16.76 ? 156 ILE A CG2 1 
ATOM   1210 C  CD1 . ILE A 1 153 ? 1.310   -9.190  -3.334  1.00 14.49 ? 156 ILE A CD1 1 
ATOM   1211 N  N   . TRP A 1 154 ? -1.581  -6.297  -6.040  1.00 14.19 ? 157 TRP A N   1 
ATOM   1212 C  CA  . TRP A 1 154 ? -1.315  -5.177  -6.934  1.00 12.73 ? 157 TRP A CA  1 
ATOM   1213 C  C   . TRP A 1 154 ? -0.074  -4.454  -6.462  1.00 13.65 ? 157 TRP A C   1 
ATOM   1214 O  O   . TRP A 1 154 ? 0.013   -4.055  -5.293  1.00 14.98 ? 157 TRP A O   1 
ATOM   1215 C  CB  . TRP A 1 154 ? -2.458  -4.184  -6.860  1.00 12.57 ? 157 TRP A CB  1 
ATOM   1216 C  CG  . TRP A 1 154 ? -3.744  -4.649  -7.516  1.00 13.32 ? 157 TRP A CG  1 
ATOM   1217 C  CD1 . TRP A 1 154 ? -4.596  -5.614  -7.073  1.00 16.71 ? 157 TRP A CD1 1 
ATOM   1218 C  CD2 . TRP A 1 154 ? -4.319  -4.104  -8.700  1.00 14.68 ? 157 TRP A CD2 1 
ATOM   1219 N  NE1 . TRP A 1 154 ? -5.689  -5.702  -7.918  1.00 15.92 ? 157 TRP A NE1 1 
ATOM   1220 C  CE2 . TRP A 1 154 ? -5.538  -4.782  -8.924  1.00 17.91 ? 157 TRP A CE2 1 
ATOM   1221 C  CE3 . TRP A 1 154 ? -3.922  -3.101  -9.599  1.00 16.00 ? 157 TRP A CE3 1 
ATOM   1222 C  CZ2 . TRP A 1 154 ? -6.377  -4.484  -10.020 1.00 18.13 ? 157 TRP A CZ2 1 
ATOM   1223 C  CZ3 . TRP A 1 154 ? -4.746  -2.805  -10.682 1.00 19.11 ? 157 TRP A CZ3 1 
ATOM   1224 C  CH2 . TRP A 1 154 ? -5.962  -3.499  -10.881 1.00 20.09 ? 157 TRP A CH2 1 
ATOM   1225 N  N   . VAL A 1 155 ? 0.870   -4.251  -7.365  1.00 12.38 ? 158 VAL A N   1 
ATOM   1226 C  CA  . VAL A 1 155 ? 2.099   -3.561  -7.010  1.00 12.76 ? 158 VAL A CA  1 
ATOM   1227 C  C   . VAL A 1 155 ? 2.447   -2.512  -8.059  1.00 14.42 ? 158 VAL A C   1 
ATOM   1228 O  O   . VAL A 1 155 ? 2.055   -2.632  -9.230  1.00 16.24 ? 158 VAL A O   1 
ATOM   1229 C  CB  . VAL A 1 155 ? 3.276   -4.530  -6.894  1.00 14.65 ? 158 VAL A CB  1 
ATOM   1230 C  CG1 . VAL A 1 155 ? 2.893   -5.718  -6.012  1.00 19.59 ? 158 VAL A CG1 1 
ATOM   1231 C  CG2 . VAL A 1 155 ? 3.709   -5.006  -8.278  1.00 22.39 ? 158 VAL A CG2 1 
ATOM   1232 N  N   . VAL A 1 156 ? 3.135   -1.454  -7.647  1.00 12.09 ? 159 VAL A N   1 
ATOM   1233 C  CA  . VAL A 1 156 ? 3.583   -0.474  -8.617  1.00 12.72 ? 159 VAL A CA  1 
ATOM   1234 C  C   . VAL A 1 156 ? 5.099   -0.494  -8.504  1.00 18.50 ? 159 VAL A C   1 
ATOM   1235 O  O   . VAL A 1 156 ? 5.657   -0.547  -7.401  1.00 15.58 ? 159 VAL A O   1 
ATOM   1236 C  CB  . VAL A 1 156 ? 2.962   0.960   -8.380  1.00 11.84 ? 159 VAL A CB  1 
ATOM   1237 C  CG1 . VAL A 1 156 ? 3.356   1.526   -7.029  1.00 13.54 ? 159 VAL A CG1 1 
ATOM   1238 C  CG2 . VAL A 1 156 ? 3.396   1.929   -9.508  1.00 12.06 ? 159 VAL A CG2 1 
ATOM   1239 N  N   . ILE A 1 157 ? 5.778   -0.497  -9.641  1.00 14.86 ? 160 ILE A N   1 
ATOM   1240 C  CA  . ILE A 1 157 ? 7.241   -0.548  -9.626  1.00 17.69 ? 160 ILE A CA  1 
ATOM   1241 C  C   . ILE A 1 157 ? 7.755   0.156   -10.860 1.00 19.71 ? 160 ILE A C   1 
ATOM   1242 O  O   . ILE A 1 157 ? 7.156   0.044   -11.927 1.00 18.27 ? 160 ILE A O   1 
ATOM   1243 C  CB  . ILE A 1 157 ? 7.746   -2.013  -9.608  1.00 17.17 ? 160 ILE A CB  1 
ATOM   1244 C  CG1 . ILE A 1 157 ? 9.269   -2.031  -9.532  1.00 17.95 ? 160 ILE A CG1 1 
ATOM   1245 C  CG2 . ILE A 1 157 ? 7.224   -2.780  -10.840 1.00 21.35 ? 160 ILE A CG2 1 
ATOM   1246 C  CD1 . ILE A 1 157 ? 9.825   -3.343  -9.119  1.00 19.06 ? 160 ILE A CD1 1 
ATOM   1247 N  N   . GLN A 1 158 ? 8.855   0.890   -10.716 1.00 20.39 ? 161 GLN A N   1 
ATOM   1248 C  CA  . GLN A 1 158 ? 9.406   1.617   -11.853 1.00 24.61 ? 161 GLN A CA  1 
ATOM   1249 C  C   . GLN A 1 158 ? 9.963   0.679   -12.887 1.00 27.73 ? 161 GLN A C   1 
ATOM   1250 O  O   . GLN A 1 158 ? 10.802  -0.184  -12.606 1.00 24.97 ? 161 GLN A O   1 
ATOM   1251 C  CB  . GLN A 1 158 ? 10.456  2.632   -11.408 1.00 25.24 ? 161 GLN A CB  1 
ATOM   1252 C  CG  . GLN A 1 158 ? 9.805   3.806   -10.712 1.00 27.69 ? 161 GLN A CG  1 
ATOM   1253 C  CD  . GLN A 1 158 ? 10.796  4.804   -10.164 1.00 33.20 ? 161 GLN A CD  1 
ATOM   1254 O  OE1 . GLN A 1 158 ? 11.298  5.664   -10.890 1.00 31.50 ? 161 GLN A OE1 1 
ATOM   1255 N  NE2 . GLN A 1 158 ? 11.087  4.689   -8.874  1.00 32.87 ? 161 GLN A NE2 1 
ATOM   1256 N  N   . THR A 1 159 ? 9.423   0.899   -14.081 1.00 34.39 ? 162 THR A N   1 
ATOM   1257 C  CA  . THR A 1 159 ? 9.622   0.194   -15.343 1.00 39.10 ? 162 THR A CA  1 
ATOM   1258 C  C   . THR A 1 159 ? 10.947  -0.442  -15.740 1.00 39.39 ? 162 THR A C   1 
ATOM   1259 O  O   . THR A 1 159 ? 11.914  -0.489  -14.976 1.00 40.84 ? 162 THR A O   1 
ATOM   1260 C  CB  . THR A 1 159 ? 9.158   1.123   -16.505 1.00 39.87 ? 162 THR A CB  1 
ATOM   1261 O  OG1 . THR A 1 159 ? 7.968   1.818   -16.112 1.00 45.64 ? 162 THR A OG1 1 
ATOM   1262 C  CG2 . THR A 1 159 ? 8.824   0.340   -17.719 1.00 40.28 ? 162 THR A CG2 1 
ATOM   1263 N  N   . LYS A 1 160 ? 10.945  -0.924  -16.982 1.00 41.35 ? 163 LYS A N   1 
ATOM   1264 C  CA  . LYS A 1 160 ? 12.058  -1.598  -17.618 1.00 42.72 ? 163 LYS A CA  1 
ATOM   1265 C  C   . LYS A 1 160 ? 12.270  -2.994  -17.060 1.00 41.48 ? 163 LYS A C   1 
ATOM   1266 O  O   . LYS A 1 160 ? 11.318  -3.755  -16.856 1.00 37.38 ? 163 LYS A O   1 
ATOM   1267 C  CB  . LYS A 1 160 ? 13.344  -0.763  -17.503 1.00 47.39 ? 163 LYS A CB  1 
ATOM   1268 C  CG  . LYS A 1 160 ? 13.610  0.123   -18.730 1.00 49.25 ? 163 LYS A CG  1 
ATOM   1269 C  CD  . LYS A 1 160 ? 14.452  1.343   -18.378 1.00 50.34 ? 163 LYS A CD  1 
ATOM   1270 C  CE  . LYS A 1 160 ? 14.772  2.165   -19.617 1.00 49.32 ? 163 LYS A CE  1 
ATOM   1271 N  NZ  . LYS A 1 160 ? 15.364  3.487   -19.260 1.00 49.81 ? 163 LYS A NZ  1 
ATOM   1272 N  N   . GLN A 1 161 ? 13.530  -3.320  -16.816 1.00 39.78 ? 164 GLN A N   1 
ATOM   1273 C  CA  . GLN A 1 161 ? 13.894  -4.631  -16.317 1.00 39.43 ? 164 GLN A CA  1 
ATOM   1274 C  C   . GLN A 1 161 ? 13.460  -4.893  -14.878 1.00 36.54 ? 164 GLN A C   1 
ATOM   1275 O  O   . GLN A 1 161 ? 13.297  -6.038  -14.490 1.00 33.41 ? 164 GLN A O   1 
ATOM   1276 C  CB  . GLN A 1 161 ? 15.402  -4.813  -16.483 1.00 41.00 ? 164 GLN A CB  1 
ATOM   1277 C  CG  . GLN A 1 161 ? 15.866  -4.540  -17.910 1.00 44.12 ? 164 GLN A CG  1 
ATOM   1278 C  CD  . GLN A 1 161 ? 15.175  -5.426  -18.944 1.00 44.50 ? 164 GLN A CD  1 
ATOM   1279 O  OE1 . GLN A 1 161 ? 15.122  -5.091  -20.129 1.00 47.53 ? 164 GLN A OE1 1 
ATOM   1280 N  NE2 . GLN A 1 161 ? 14.656  -6.565  -18.501 1.00 46.03 ? 164 GLN A NE2 1 
ATOM   1281 N  N   . GLY A 1 162 ? 13.258  -3.833  -14.094 1.00 35.81 ? 165 GLY A N   1 
ATOM   1282 C  CA  . GLY A 1 162 ? 12.841  -4.008  -12.706 1.00 31.82 ? 165 GLY A CA  1 
ATOM   1283 C  C   . GLY A 1 162 ? 11.436  -4.570  -12.634 1.00 27.83 ? 165 GLY A C   1 
ATOM   1284 O  O   . GLY A 1 162 ? 11.170  -5.565  -11.952 1.00 24.08 ? 165 GLY A O   1 
ATOM   1285 N  N   . ALA A 1 163 ? 10.532  -3.931  -13.364 1.00 27.24 ? 166 ALA A N   1 
ATOM   1286 C  CA  . ALA A 1 163 ? 9.154   -4.370  -13.407 1.00 27.05 ? 166 ALA A CA  1 
ATOM   1287 C  C   . ALA A 1 163 ? 9.111   -5.740  -14.091 1.00 26.98 ? 166 ALA A C   1 
ATOM   1288 O  O   . ALA A 1 163 ? 8.348   -6.611  -13.688 1.00 25.46 ? 166 ALA A O   1 
ATOM   1289 C  CB  . ALA A 1 163 ? 8.308   -3.350  -14.172 1.00 29.85 ? 166 ALA A CB  1 
ATOM   1290 N  N   . LYS A 1 164 ? 9.961   -5.946  -15.100 1.00 25.13 ? 167 LYS A N   1 
ATOM   1291 C  CA  . LYS A 1 164 ? 9.977   -7.220  -15.824 1.00 26.16 ? 167 LYS A CA  1 
ATOM   1292 C  C   . LYS A 1 164 ? 10.441  -8.379  -14.962 1.00 23.76 ? 167 LYS A C   1 
ATOM   1293 O  O   . LYS A 1 164 ? 9.873   -9.472  -15.021 1.00 22.33 ? 167 LYS A O   1 
ATOM   1294 C  CB  . LYS A 1 164 ? 10.858  -7.132  -17.070 1.00 30.63 ? 167 LYS A CB  1 
ATOM   1295 C  CG  . LYS A 1 164 ? 10.332  -6.187  -18.134 1.00 36.79 ? 167 LYS A CG  1 
ATOM   1296 C  CD  . LYS A 1 164 ? 11.291  -6.112  -19.307 1.00 39.51 ? 167 LYS A CD  1 
ATOM   1297 C  CE  . LYS A 1 164 ? 10.787  -5.165  -20.381 1.00 40.93 ? 167 LYS A CE  1 
ATOM   1298 N  NZ  . LYS A 1 164 ? 11.714  -5.176  -21.555 1.00 43.77 ? 167 LYS A NZ  1 
ATOM   1299 N  N   . SER A 1 165 ? 11.481  -8.154  -14.172 1.00 20.48 ? 168 SER A N   1 
ATOM   1300 C  CA  . SER A 1 165 ? 11.991  -9.190  -13.277 1.00 20.45 ? 168 SER A CA  1 
ATOM   1301 C  C   . SER A 1 165 ? 10.921  -9.532  -12.232 1.00 19.44 ? 168 SER A C   1 
ATOM   1302 O  O   . SER A 1 165 ? 10.693  -10.690 -11.915 1.00 18.35 ? 168 SER A O   1 
ATOM   1303 C  CB  . SER A 1 165 ? 13.258  -8.696  -12.560 1.00 22.42 ? 168 SER A CB  1 
ATOM   1304 O  OG  . SER A 1 165 ? 13.705  -9.632  -11.588 1.00 27.43 ? 168 SER A OG  1 
ATOM   1305 N  N   . LEU A 1 166 ? 10.262  -8.511  -11.695 1.00 18.95 ? 169 LEU A N   1 
ATOM   1306 C  CA  . LEU A 1 166 ? 9.239   -8.755  -10.699 1.00 17.40 ? 169 LEU A CA  1 
ATOM   1307 C  C   . LEU A 1 166 ? 8.022   -9.448  -11.345 1.00 18.43 ? 169 LEU A C   1 
ATOM   1308 O  O   . LEU A 1 166 ? 7.463   -10.356 -10.765 1.00 15.77 ? 169 LEU A O   1 
ATOM   1309 C  CB  . LEU A 1 166 ? 8.821   -7.432  -10.041 1.00 20.09 ? 169 LEU A CB  1 
ATOM   1310 C  CG  . LEU A 1 166 ? 7.781   -7.595  -8.926  1.00 18.08 ? 169 LEU A CG  1 
ATOM   1311 C  CD1 . LEU A 1 166 ? 8.356   -8.485  -7.852  1.00 20.32 ? 169 LEU A CD1 1 
ATOM   1312 C  CD2 . LEU A 1 166 ? 7.401   -6.213  -8.340  1.00 20.94 ? 169 LEU A CD2 1 
ATOM   1313 N  N   . ALA A 1 167 ? 7.626   -9.031  -12.545 1.00 18.46 ? 170 ALA A N   1 
ATOM   1314 C  CA  . ALA A 1 167 ? 6.483   -9.674  -13.196 1.00 18.41 ? 170 ALA A CA  1 
ATOM   1315 C  C   . ALA A 1 167 ? 6.766   -11.169 -13.364 1.00 20.70 ? 170 ALA A C   1 
ATOM   1316 O  O   . ALA A 1 167 ? 5.898   -12.010 -13.102 1.00 20.90 ? 170 ALA A O   1 
ATOM   1317 C  CB  . ALA A 1 167 ? 6.218   -9.028  -14.549 1.00 20.93 ? 170 ALA A CB  1 
ATOM   1318 N  N   . LYS A 1 168 ? 7.992   -11.500 -13.775 1.00 21.83 ? 171 LYS A N   1 
ATOM   1319 C  CA  . LYS A 1 168 ? 8.390   -12.894 -13.966 1.00 21.53 ? 171 LYS A CA  1 
ATOM   1320 C  C   . LYS A 1 168 ? 8.241   -13.686 -12.680 1.00 23.34 ? 171 LYS A C   1 
ATOM   1321 O  O   . LYS A 1 168 ? 7.789   -14.832 -12.702 1.00 19.43 ? 171 LYS A O   1 
ATOM   1322 C  CB  . LYS A 1 168 ? 9.855   -13.002 -14.417 1.00 26.01 ? 171 LYS A CB  1 
ATOM   1323 C  CG  . LYS A 1 168 ? 10.168  -12.450 -15.785 1.00 29.68 ? 171 LYS A CG  1 
ATOM   1324 C  CD  . LYS A 1 168 ? 11.658  -12.652 -16.116 1.00 33.33 ? 171 LYS A CD  1 
ATOM   1325 C  CE  . LYS A 1 168 ? 12.047  -12.005 -17.436 1.00 36.24 ? 171 LYS A CE  1 
ATOM   1326 N  NZ  . LYS A 1 168 ? 13.507  -12.163 -17.718 1.00 37.65 ? 171 LYS A NZ  1 
ATOM   1327 N  N   . TYR A 1 169 ? 8.641   -13.073 -11.558 1.00 17.84 ? 172 TYR A N   1 
ATOM   1328 C  CA  . TYR A 1 169 ? 8.551   -13.725 -10.271 1.00 16.64 ? 172 TYR A CA  1 
ATOM   1329 C  C   . TYR A 1 169 ? 7.097   -13.891 -9.869  1.00 16.41 ? 172 TYR A C   1 
ATOM   1330 O  O   . TYR A 1 169 ? 6.729   -14.924 -9.347  1.00 20.36 ? 172 TYR A O   1 
ATOM   1331 C  CB  . TYR A 1 169 ? 9.292   -12.935 -9.187  1.00 18.66 ? 172 TYR A CB  1 
ATOM   1332 C  CG  . TYR A 1 169 ? 9.402   -13.698 -7.884  1.00 20.78 ? 172 TYR A CG  1 
ATOM   1333 C  CD1 . TYR A 1 169 ? 10.311  -14.749 -7.739  1.00 24.59 ? 172 TYR A CD1 1 
ATOM   1334 C  CD2 . TYR A 1 169 ? 8.571   -13.400 -6.807  1.00 21.15 ? 172 TYR A CD2 1 
ATOM   1335 C  CE1 . TYR A 1 169 ? 10.379  -15.485 -6.543  1.00 24.28 ? 172 TYR A CE1 1 
ATOM   1336 C  CE2 . TYR A 1 169 ? 8.630   -14.118 -5.630  1.00 19.78 ? 172 TYR A CE2 1 
ATOM   1337 C  CZ  . TYR A 1 169 ? 9.525   -15.158 -5.495  1.00 23.56 ? 172 TYR A CZ  1 
ATOM   1338 O  OH  . TYR A 1 169 ? 9.544   -15.877 -4.315  1.00 24.51 ? 172 TYR A OH  1 
HETATM 1339 N  N   . MSE A 1 170 ? 6.281   -12.866 -10.100 1.00 15.88 ? 173 MSE A N   1 
HETATM 1340 C  CA  . MSE A 1 170 ? 4.857   -12.946 -9.768  1.00 15.98 ? 173 MSE A CA  1 
HETATM 1341 C  C   . MSE A 1 170 ? 4.190   -14.070 -10.577 1.00 17.12 ? 173 MSE A C   1 
HETATM 1342 O  O   . MSE A 1 170 ? 3.325   -14.782 -10.075 1.00 16.19 ? 173 MSE A O   1 
HETATM 1343 C  CB  . MSE A 1 170 ? 4.168   -11.615 -10.067 1.00 16.47 ? 173 MSE A CB  1 
HETATM 1344 C  CG  . MSE A 1 170 ? 4.567   -10.514 -9.079  1.00 18.00 ? 173 MSE A CG  1 
HETATM 1345 SE SE  . MSE A 1 170 ? 3.964   -8.754  -9.535  1.00 21.81 ? 173 MSE A SE  1 
HETATM 1346 C  CE  . MSE A 1 170 ? 2.099   -8.944  -9.128  1.00 17.68 ? 173 MSE A CE  1 
ATOM   1347 N  N   . LYS A 1 171 ? 4.586   -14.213 -11.835 1.00 17.69 ? 174 LYS A N   1 
ATOM   1348 C  CA  . LYS A 1 171 ? 4.009   -15.274 -12.671 1.00 22.41 ? 174 LYS A CA  1 
ATOM   1349 C  C   . LYS A 1 171 ? 4.484   -16.623 -12.129 1.00 23.77 ? 174 LYS A C   1 
ATOM   1350 O  O   . LYS A 1 171 ? 3.724   -17.609 -12.103 1.00 23.21 ? 174 LYS A O   1 
ATOM   1351 C  CB  . LYS A 1 171 ? 4.438   -15.091 -14.130 1.00 22.33 ? 174 LYS A CB  1 
ATOM   1352 C  CG  . LYS A 1 171 ? 3.651   -15.958 -15.102 1.00 29.00 ? 174 LYS A CG  1 
ATOM   1353 C  CD  . LYS A 1 171 ? 4.126   -15.760 -16.535 1.00 30.27 ? 174 LYS A CD  1 
ATOM   1354 C  CE  . LYS A 1 171 ? 5.596   -16.144 -16.667 1.00 35.12 ? 174 LYS A CE  1 
ATOM   1355 N  NZ  . LYS A 1 171 ? 6.117   -16.081 -18.077 1.00 39.15 ? 174 LYS A NZ  1 
ATOM   1356 N  N   . ASP A 1 172 ? 5.733   -16.661 -11.673 1.00 24.09 ? 175 ASP A N   1 
ATOM   1357 C  CA  . ASP A 1 172 ? 6.291   -17.883 -11.084 1.00 28.62 ? 175 ASP A CA  1 
ATOM   1358 C  C   . ASP A 1 172 ? 5.457   -18.320 -9.891  1.00 26.98 ? 175 ASP A C   1 
ATOM   1359 O  O   . ASP A 1 172 ? 5.093   -19.490 -9.753  1.00 27.47 ? 175 ASP A O   1 
ATOM   1360 C  CB  . ASP A 1 172 ? 7.714   -17.666 -10.554 1.00 28.49 ? 175 ASP A CB  1 
ATOM   1361 C  CG  . ASP A 1 172 ? 8.725   -17.467 -11.646 1.00 34.94 ? 175 ASP A CG  1 
ATOM   1362 O  OD1 . ASP A 1 172 ? 8.507   -17.986 -12.764 1.00 39.61 ? 175 ASP A OD1 1 
ATOM   1363 O  OD2 . ASP A 1 172 ? 9.758   -16.806 -11.382 1.00 39.70 ? 175 ASP A OD2 1 
ATOM   1364 N  N   . VAL A 1 173 ? 5.183   -17.365 -9.010  1.00 23.84 ? 176 VAL A N   1 
ATOM   1365 C  CA  . VAL A 1 173 ? 4.441   -17.641 -7.794  1.00 19.35 ? 176 VAL A CA  1 
ATOM   1366 C  C   . VAL A 1 173 ? 2.953   -17.880 -7.973  1.00 17.71 ? 176 VAL A C   1 
ATOM   1367 O  O   . VAL A 1 173 ? 2.416   -18.853 -7.427  1.00 22.50 ? 176 VAL A O   1 
ATOM   1368 C  CB  . VAL A 1 173 ? 4.640   -16.483 -6.747  1.00 20.94 ? 176 VAL A CB  1 
ATOM   1369 C  CG1 . VAL A 1 173 ? 3.697   -16.671 -5.557  1.00 20.08 ? 176 VAL A CG1 1 
ATOM   1370 C  CG2 . VAL A 1 173 ? 6.091   -16.468 -6.266  1.00 20.42 ? 176 VAL A CG2 1 
ATOM   1371 N  N   . PHE A 1 174 ? 2.296   -17.013 -8.736  1.00 17.68 ? 177 PHE A N   1 
ATOM   1372 C  CA  . PHE A 1 174 ? 0.844   -17.086 -8.927  1.00 21.04 ? 177 PHE A CA  1 
ATOM   1373 C  C   . PHE A 1 174 ? 0.324   -17.854 -10.137 1.00 22.41 ? 177 PHE A C   1 
ATOM   1374 O  O   . PHE A 1 174 ? -0.855  -18.240 -10.177 1.00 22.75 ? 177 PHE A O   1 
ATOM   1375 C  CB  . PHE A 1 174 ? 0.254   -15.662 -8.983  1.00 20.13 ? 177 PHE A CB  1 
ATOM   1376 C  CG  . PHE A 1 174 ? 0.173   -14.983 -7.640  1.00 19.71 ? 177 PHE A CG  1 
ATOM   1377 C  CD1 . PHE A 1 174 ? 1.282   -14.340 -7.100  1.00 19.58 ? 177 PHE A CD1 1 
ATOM   1378 C  CD2 . PHE A 1 174 ? -1.010  -15.014 -6.900  1.00 23.88 ? 177 PHE A CD2 1 
ATOM   1379 C  CE1 . PHE A 1 174 ? 1.220   -13.734 -5.831  1.00 20.22 ? 177 PHE A CE1 1 
ATOM   1380 C  CE2 . PHE A 1 174 ? -1.083  -14.408 -5.628  1.00 20.67 ? 177 PHE A CE2 1 
ATOM   1381 C  CZ  . PHE A 1 174 ? 0.044   -13.769 -5.102  1.00 17.58 ? 177 PHE A CZ  1 
ATOM   1382 N  N   . GLY A 1 175 ? 1.181   -18.040 -11.133 1.00 25.87 ? 178 GLY A N   1 
ATOM   1383 C  CA  . GLY A 1 175 ? 0.762   -18.731 -12.336 1.00 23.85 ? 178 GLY A CA  1 
ATOM   1384 C  C   . GLY A 1 175 ? 0.143   -17.745 -13.300 1.00 26.16 ? 178 GLY A C   1 
ATOM   1385 O  O   . GLY A 1 175 ? -0.443  -18.139 -14.307 1.00 26.98 ? 178 GLY A O   1 
ATOM   1386 N  N   . ASN A 1 176 ? 0.259   -16.450 -12.994 1.00 21.92 ? 179 ASN A N   1 
ATOM   1387 C  CA  . ASN A 1 176 ? -0.278  -15.396 -13.858 1.00 21.99 ? 179 ASN A CA  1 
ATOM   1388 C  C   . ASN A 1 176 ? 0.160   -14.008 -13.387 1.00 20.12 ? 179 ASN A C   1 
ATOM   1389 O  O   . ASN A 1 176 ? 0.398   -13.794 -12.204 1.00 19.92 ? 179 ASN A O   1 
ATOM   1390 C  CB  . ASN A 1 176 ? -1.820  -15.407 -13.865 1.00 22.42 ? 179 ASN A CB  1 
ATOM   1391 C  CG  . ASN A 1 176 ? -2.421  -15.067 -12.488 1.00 17.84 ? 179 ASN A CG  1 
ATOM   1392 O  OD1 . ASN A 1 176 ? -2.541  -15.927 -11.618 1.00 23.86 ? 179 ASN A OD1 1 
ATOM   1393 N  ND2 . ASN A 1 176 ? -2.808  -13.803 -12.304 1.00 16.20 ? 179 ASN A ND2 1 
ATOM   1394 N  N   . VAL A 1 177 ? 0.252   -13.083 -14.325 1.00 19.07 ? 180 VAL A N   1 
ATOM   1395 C  CA  . VAL A 1 177 ? 0.596   -11.710 -14.015 1.00 18.23 ? 180 VAL A CA  1 
ATOM   1396 C  C   . VAL A 1 177 ? 0.078   -10.867 -15.148 1.00 22.98 ? 180 VAL A C   1 
ATOM   1397 O  O   . VAL A 1 177 ? -0.033  -11.327 -16.282 1.00 23.85 ? 180 VAL A O   1 
ATOM   1398 C  CB  . VAL A 1 177 ? 2.113   -11.500 -13.834 1.00 16.94 ? 180 VAL A CB  1 
ATOM   1399 C  CG1 . VAL A 1 177 ? 2.833   -11.638 -15.155 1.00 17.61 ? 180 VAL A CG1 1 
ATOM   1400 C  CG2 . VAL A 1 177 ? 2.359   -10.109 -13.176 1.00 16.44 ? 180 VAL A CG2 1 
ATOM   1401 N  N   . GLU A 1 178 ? -0.251  -9.629  -14.843 1.00 18.67 ? 181 GLU A N   1 
ATOM   1402 C  CA  . GLU A 1 178 ? -0.785  -8.734  -15.841 1.00 23.23 ? 181 GLU A CA  1 
ATOM   1403 C  C   . GLU A 1 178 ? -0.286  -7.342  -15.596 1.00 21.68 ? 181 GLU A C   1 
ATOM   1404 O  O   . GLU A 1 178 ? -0.207  -6.916  -14.448 1.00 18.48 ? 181 GLU A O   1 
ATOM   1405 C  CB  . GLU A 1 178 ? -2.306  -8.737  -15.740 1.00 27.92 ? 181 GLU A CB  1 
ATOM   1406 C  CG  . GLU A 1 178 ? -3.009  -7.802  -16.670 1.00 35.87 ? 181 GLU A CG  1 
ATOM   1407 C  CD  . GLU A 1 178 ? -4.490  -7.753  -16.378 1.00 38.88 ? 181 GLU A CD  1 
ATOM   1408 O  OE1 . GLU A 1 178 ? -5.103  -8.838  -16.257 1.00 44.36 ? 181 GLU A OE1 1 
ATOM   1409 O  OE2 . GLU A 1 178 ? -5.039  -6.638  -16.268 1.00 43.15 ? 181 GLU A OE2 1 
ATOM   1410 N  N   . THR A 1 179 ? 0.062   -6.638  -16.662 1.00 18.37 ? 182 THR A N   1 
ATOM   1411 C  CA  . THR A 1 179 ? 0.487   -5.255  -16.537 1.00 20.72 ? 182 THR A CA  1 
ATOM   1412 C  C   . THR A 1 179 ? -0.799  -4.467  -16.746 1.00 21.02 ? 182 THR A C   1 
ATOM   1413 O  O   . THR A 1 179 ? -1.401  -4.486  -17.830 1.00 20.94 ? 182 THR A O   1 
ATOM   1414 C  CB  . THR A 1 179 ? 1.515   -4.865  -17.607 1.00 22.56 ? 182 THR A CB  1 
ATOM   1415 O  OG1 . THR A 1 179 ? 2.684   -5.660  -17.439 1.00 28.27 ? 182 THR A OG1 1 
ATOM   1416 C  CG2 . THR A 1 179 ? 1.889   -3.403  -17.474 1.00 22.17 ? 182 THR A CG2 1 
ATOM   1417 N  N   . VAL A 1 180 ? -1.247  -3.783  -15.705 1.00 19.23 ? 183 VAL A N   1 
ATOM   1418 C  CA  . VAL A 1 180 ? -2.482  -3.047  -15.796 1.00 20.97 ? 183 VAL A CA  1 
ATOM   1419 C  C   . VAL A 1 180 ? -2.289  -1.708  -16.429 1.00 21.71 ? 183 VAL A C   1 
ATOM   1420 O  O   . VAL A 1 180 ? -3.145  -1.229  -17.164 1.00 20.56 ? 183 VAL A O   1 
ATOM   1421 C  CB  . VAL A 1 180 ? -3.134  -2.853  -14.416 1.00 19.03 ? 183 VAL A CB  1 
ATOM   1422 C  CG1 . VAL A 1 180 ? -4.462  -2.130  -14.592 1.00 23.19 ? 183 VAL A CG1 1 
ATOM   1423 C  CG2 . VAL A 1 180 ? -3.338  -4.206  -13.748 1.00 19.87 ? 183 VAL A CG2 1 
ATOM   1424 N  N   . THR A 1 181 ? -1.154  -1.086  -16.151 1.00 22.97 ? 184 THR A N   1 
ATOM   1425 C  CA  . THR A 1 181 ? -0.904  0.206   -16.742 1.00 25.80 ? 184 THR A CA  1 
ATOM   1426 C  C   . THR A 1 181 ? 0.580   0.515   -16.688 1.00 25.75 ? 184 THR A C   1 
ATOM   1427 O  O   . THR A 1 181 ? 1.300   -0.020  -15.851 1.00 22.68 ? 184 THR A O   1 
ATOM   1428 C  CB  . THR A 1 181 ? -1.689  1.321   -15.999 1.00 29.75 ? 184 THR A CB  1 
ATOM   1429 O  OG1 . THR A 1 181 ? -1.647  2.533   -16.764 1.00 35.16 ? 184 THR A OG1 1 
ATOM   1430 C  CG2 . THR A 1 181 ? -1.084  1.587   -14.624 1.00 32.95 ? 184 THR A CG2 1 
ATOM   1431 N  N   . ILE A 1 182 ? 1.024   1.341   -17.626 1.00 24.24 ? 185 ILE A N   1 
ATOM   1432 C  CA  . ILE A 1 182 ? 2.406   1.785   -17.679 1.00 24.40 ? 185 ILE A CA  1 
ATOM   1433 C  C   . ILE A 1 182 ? 2.265   3.254   -17.940 1.00 26.49 ? 185 ILE A C   1 
ATOM   1434 O  O   . ILE A 1 182 ? 1.705   3.652   -18.968 1.00 28.76 ? 185 ILE A O   1 
ATOM   1435 C  CB  . ILE A 1 182 ? 3.192   1.130   -18.814 1.00 24.01 ? 185 ILE A CB  1 
ATOM   1436 C  CG1 . ILE A 1 182 ? 3.095   -0.384  -18.683 1.00 25.70 ? 185 ILE A CG1 1 
ATOM   1437 C  CG2 . ILE A 1 182 ? 4.629   1.622   -18.773 1.00 25.07 ? 185 ILE A CG2 1 
ATOM   1438 C  CD1 . ILE A 1 182 ? 3.932   -1.164  -19.641 1.00 29.78 ? 185 ILE A CD1 1 
ATOM   1439 N  N   . LYS A 1 183 ? 2.738   4.063   -17.000 1.00 21.51 ? 186 LYS A N   1 
ATOM   1440 C  CA  . LYS A 1 183 ? 2.638   5.498   -17.115 1.00 25.37 ? 186 LYS A CA  1 
ATOM   1441 C  C   . LYS A 1 183 ? 3.856   6.211   -16.518 1.00 28.03 ? 186 LYS A C   1 
ATOM   1442 O  O   . LYS A 1 183 ? 4.228   5.954   -15.376 1.00 24.39 ? 186 LYS A O   1 
ATOM   1443 C  CB  . LYS A 1 183 ? 1.365   5.955   -16.399 1.00 30.86 ? 186 LYS A CB  1 
ATOM   1444 C  CG  . LYS A 1 183 ? 0.940   7.383   -16.654 1.00 36.43 ? 186 LYS A CG  1 
ATOM   1445 C  CD  . LYS A 1 183 ? -0.562  7.539   -16.397 1.00 40.69 ? 186 LYS A CD  1 
ATOM   1446 C  CE  . LYS A 1 183 ? -1.036  8.950   -16.697 1.00 41.70 ? 186 LYS A CE  1 
ATOM   1447 N  NZ  . LYS A 1 183 ? -2.519  9.073   -16.694 1.00 44.32 ? 186 LYS A NZ  1 
ATOM   1448 N  N   . GLY A 1 184 ? 4.461   7.103   -17.294 1.00 25.20 ? 187 GLY A N   1 
ATOM   1449 C  CA  . GLY A 1 184 ? 5.611   7.857   -16.825 1.00 26.03 ? 187 GLY A CA  1 
ATOM   1450 C  C   . GLY A 1 184 ? 6.701   7.042   -16.155 1.00 27.92 ? 187 GLY A C   1 
ATOM   1451 O  O   . GLY A 1 184 ? 7.222   7.439   -15.104 1.00 30.72 ? 187 GLY A O   1 
ATOM   1452 N  N   . GLY A 1 185 ? 7.050   5.909   -16.747 1.00 24.23 ? 188 GLY A N   1 
ATOM   1453 C  CA  . GLY A 1 185 ? 8.098   5.081   -16.168 1.00 26.32 ? 188 GLY A CA  1 
ATOM   1454 C  C   . GLY A 1 185 ? 7.681   4.135   -15.048 1.00 23.43 ? 188 GLY A C   1 
ATOM   1455 O  O   . GLY A 1 185 ? 8.531   3.431   -14.481 1.00 26.20 ? 188 GLY A O   1 
ATOM   1456 N  N   . TYR A 1 186 ? 6.392   4.114   -14.718 1.00 17.70 ? 189 TYR A N   1 
ATOM   1457 C  CA  . TYR A 1 186 ? 5.890   3.231   -13.663 1.00 17.77 ? 189 TYR A CA  1 
ATOM   1458 C  C   . TYR A 1 186 ? 4.971   2.174   -14.231 1.00 18.23 ? 189 TYR A C   1 
ATOM   1459 O  O   . TYR A 1 186 ? 4.185   2.442   -15.152 1.00 24.41 ? 189 TYR A O   1 
ATOM   1460 C  CB  . TYR A 1 186 ? 5.079   4.014   -12.616 1.00 17.72 ? 189 TYR A CB  1 
ATOM   1461 C  CG  . TYR A 1 186 ? 5.878   5.042   -11.878 1.00 17.20 ? 189 TYR A CG  1 
ATOM   1462 C  CD1 . TYR A 1 186 ? 6.133   6.286   -12.450 1.00 18.98 ? 189 TYR A CD1 1 
ATOM   1463 C  CD2 . TYR A 1 186 ? 6.417   4.769   -10.618 1.00 20.55 ? 189 TYR A CD2 1 
ATOM   1464 C  CE1 . TYR A 1 186 ? 6.898   7.236   -11.797 1.00 21.73 ? 189 TYR A CE1 1 
ATOM   1465 C  CE2 . TYR A 1 186 ? 7.194   5.711   -9.949  1.00 18.17 ? 189 TYR A CE2 1 
ATOM   1466 C  CZ  . TYR A 1 186 ? 7.433   6.949   -10.549 1.00 22.58 ? 189 TYR A CZ  1 
ATOM   1467 O  OH  . TYR A 1 186 ? 8.220   7.902   -9.936  1.00 24.18 ? 189 TYR A OH  1 
ATOM   1468 N  N   . ARG A 1 187 ? 5.068   0.968   -13.691 1.00 16.26 ? 190 ARG A N   1 
ATOM   1469 C  CA  . ARG A 1 187 ? 4.182   -0.092  -14.123 1.00 17.57 ? 190 ARG A CA  1 
ATOM   1470 C  C   . ARG A 1 187 ? 3.351   -0.603  -12.949 1.00 17.72 ? 190 ARG A C   1 
ATOM   1471 O  O   . ARG A 1 187 ? 3.866   -0.760  -11.841 1.00 17.86 ? 190 ARG A O   1 
ATOM   1472 C  CB  . ARG A 1 187 ? 4.984   -1.261  -14.699 1.00 19.72 ? 190 ARG A CB  1 
ATOM   1473 C  CG  . ARG A 1 187 ? 5.756   -0.861  -15.924 1.00 26.20 ? 190 ARG A CG  1 
ATOM   1474 C  CD  . ARG A 1 187 ? 6.239   -2.044  -16.705 1.00 29.99 ? 190 ARG A CD  1 
ATOM   1475 N  NE  . ARG A 1 187 ? 7.118   -1.579  -17.771 1.00 31.16 ? 190 ARG A NE  1 
ATOM   1476 C  CZ  . ARG A 1 187 ? 7.370   -2.250  -18.891 1.00 32.57 ? 190 ARG A CZ  1 
ATOM   1477 N  NH1 . ARG A 1 187 ? 6.804   -3.427  -19.105 1.00 32.35 ? 190 ARG A NH1 1 
ATOM   1478 N  NH2 . ARG A 1 187 ? 8.201   -1.739  -19.791 1.00 33.83 ? 190 ARG A NH2 1 
ATOM   1479 N  N   . VAL A 1 188 ? 2.071   -0.852  -13.201 1.00 15.52 ? 191 VAL A N   1 
ATOM   1480 C  CA  . VAL A 1 188 ? 1.193   -1.433  -12.188 1.00 15.00 ? 191 VAL A CA  1 
ATOM   1481 C  C   . VAL A 1 188 ? 0.993   -2.898  -12.605 1.00 15.98 ? 191 VAL A C   1 
ATOM   1482 O  O   . VAL A 1 188 ? 0.523   -3.194  -13.712 1.00 18.44 ? 191 VAL A O   1 
ATOM   1483 C  CB  . VAL A 1 188 ? -0.162  -0.678  -12.096 1.00 14.37 ? 191 VAL A CB  1 
ATOM   1484 C  CG1 . VAL A 1 188 ? -1.113  -1.424  -11.158 1.00 14.23 ? 191 VAL A CG1 1 
ATOM   1485 C  CG2 . VAL A 1 188 ? 0.078   0.718   -11.545 1.00 14.35 ? 191 VAL A CG2 1 
ATOM   1486 N  N   . LEU A 1 189 ? 1.411   -3.799  -11.734 1.00 15.22 ? 192 LEU A N   1 
ATOM   1487 C  CA  . LEU A 1 189 ? 1.325   -5.235  -11.956 1.00 16.03 ? 192 LEU A CA  1 
ATOM   1488 C  C   . LEU A 1 189 ? 0.269   -5.833  -11.051 1.00 17.78 ? 192 LEU A C   1 
ATOM   1489 O  O   . LEU A 1 189 ? 0.145   -5.448  -9.890  1.00 15.48 ? 192 LEU A O   1 
ATOM   1490 C  CB  . LEU A 1 189 ? 2.674   -5.874  -11.648 1.00 15.45 ? 192 LEU A CB  1 
ATOM   1491 C  CG  . LEU A 1 189 ? 3.832   -5.405  -12.524 1.00 20.96 ? 192 LEU A CG  1 
ATOM   1492 C  CD1 . LEU A 1 189 ? 5.104   -6.004  -11.990 1.00 23.82 ? 192 LEU A CD1 1 
ATOM   1493 C  CD2 . LEU A 1 189 ? 3.592   -5.818  -13.995 1.00 20.59 ? 192 LEU A CD2 1 
ATOM   1494 N  N   . LYS A 1 190 ? -0.472  -6.801  -11.574 1.00 16.05 ? 193 LYS A N   1 
ATOM   1495 C  CA  . LYS A 1 190 ? -1.512  -7.479  -10.812 1.00 17.29 ? 193 LYS A CA  1 
ATOM   1496 C  C   . LYS A 1 190 ? -1.478  -8.998  -11.013 1.00 16.09 ? 193 LYS A C   1 
ATOM   1497 O  O   . LYS A 1 190 ? -1.379  -9.456  -12.150 1.00 18.95 ? 193 LYS A O   1 
ATOM   1498 C  CB  . LYS A 1 190 ? -2.886  -6.962  -11.265 1.00 22.31 ? 193 LYS A CB  1 
ATOM   1499 C  CG  . LYS A 1 190 ? -4.047  -7.585  -10.558 1.00 26.82 ? 193 LYS A CG  1 
ATOM   1500 C  CD  . LYS A 1 190 ? -5.357  -7.296  -11.279 1.00 29.81 ? 193 LYS A CD  1 
ATOM   1501 C  CE  . LYS A 1 190 ? -5.617  -8.241  -12.420 1.00 31.88 ? 193 LYS A CE  1 
ATOM   1502 N  NZ  . LYS A 1 190 ? -7.025  -8.102  -12.907 1.00 32.98 ? 193 LYS A NZ  1 
ATOM   1503 N  N   . SER A 1 191 ? -1.543  -9.774  -9.928  1.00 16.05 ? 194 SER A N   1 
ATOM   1504 C  CA  . SER A 1 191 ? -1.605  -11.248 -10.044 1.00 15.97 ? 194 SER A CA  1 
ATOM   1505 C  C   . SER A 1 191 ? -2.804  -11.722 -9.225  1.00 20.32 ? 194 SER A C   1 
ATOM   1506 O  O   . SER A 1 191 ? -3.100  -11.139 -8.183  1.00 16.09 ? 194 SER A O   1 
ATOM   1507 C  CB  . SER A 1 191 ? -0.339  -11.938 -9.533  1.00 16.57 ? 194 SER A CB  1 
ATOM   1508 O  OG  . SER A 1 191 ? 0.716   -11.780 -10.460 1.00 15.90 ? 194 SER A OG  1 
ATOM   1509 N  N   . LYS A 1 192 ? -3.514  -12.746 -9.712  1.00 21.32 ? 195 LYS A N   1 
ATOM   1510 C  CA  . LYS A 1 192 ? -4.690  -13.286 -9.017  1.00 22.30 ? 195 LYS A CA  1 
ATOM   1511 C  C   . LYS A 1 192 ? -4.442  -14.664 -8.432  1.00 21.52 ? 195 LYS A C   1 
ATOM   1512 O  O   . LYS A 1 192 ? -3.791  -15.493 -9.055  1.00 22.16 ? 195 LYS A O   1 
ATOM   1513 C  CB  . LYS A 1 192 ? -5.889  -13.402 -9.965  1.00 26.22 ? 195 LYS A CB  1 
ATOM   1514 C  CG  . LYS A 1 192 ? -6.657  -12.134 -10.184 1.00 33.12 ? 195 LYS A CG  1 
ATOM   1515 C  CD  . LYS A 1 192 ? -8.142  -12.327 -9.871  1.00 38.43 ? 195 LYS A CD  1 
ATOM   1516 C  CE  . LYS A 1 192 ? -8.780  -13.404 -10.722 1.00 41.70 ? 195 LYS A CE  1 
ATOM   1517 N  NZ  . LYS A 1 192 ? -10.238 -13.527 -10.430 1.00 44.70 ? 195 LYS A NZ  1 
ATOM   1518 N  N   . LYS A 1 193 ? -4.967  -14.903 -7.236  1.00 23.02 ? 196 LYS A N   1 
ATOM   1519 C  CA  . LYS A 1 193 ? -4.807  -16.198 -6.586  1.00 25.25 ? 196 LYS A CA  1 
ATOM   1520 C  C   . LYS A 1 193 ? -5.834  -17.148 -7.200  1.00 29.02 ? 196 LYS A C   1 
ATOM   1521 O  O   . LYS A 1 193 ? -7.034  -16.879 -7.169  1.00 27.11 ? 196 LYS A O   1 
ATOM   1522 C  CB  . LYS A 1 193 ? -5.041  -16.104 -5.077  1.00 25.56 ? 196 LYS A CB  1 
ATOM   1523 C  CG  . LYS A 1 193 ? -4.764  -17.434 -4.358  1.00 24.87 ? 196 LYS A CG  1 
ATOM   1524 C  CD  . LYS A 1 193 ? -4.833  -17.312 -2.852  1.00 29.96 ? 196 LYS A CD  1 
ATOM   1525 C  CE  . LYS A 1 193 ? -4.446  -18.633 -2.187  1.00 29.54 ? 196 LYS A CE  1 
ATOM   1526 N  NZ  . LYS A 1 193 ? -4.240  -18.490 -0.714  1.00 31.21 ? 196 LYS A NZ  1 
ATOM   1527 N  N   . LEU A 1 194 ? -5.335  -18.231 -7.780  1.00 32.19 ? 197 LEU A N   1 
ATOM   1528 C  CA  . LEU A 1 194 ? -6.158  -19.250 -8.416  1.00 36.46 ? 197 LEU A CA  1 
ATOM   1529 C  C   . LEU A 1 194 ? -5.277  -20.151 -9.267  1.00 38.00 ? 197 LEU A C   1 
ATOM   1530 O  O   . LEU A 1 194 ? -4.263  -20.608 -8.706  1.00 42.21 ? 197 LEU A O   1 
ATOM   1531 C  CB  . LEU A 1 194 ? -7.246  -18.607 -9.284  1.00 37.81 ? 197 LEU A CB  1 
ATOM   1532 C  CG  . LEU A 1 194 ? -6.908  -17.390 -10.148 1.00 39.24 ? 197 LEU A CG  1 
ATOM   1533 C  CD1 . LEU A 1 194 ? -5.847  -17.742 -11.153 1.00 37.11 ? 197 LEU A CD1 1 
ATOM   1534 C  CD2 . LEU A 1 194 ? -8.170  -16.906 -10.838 1.00 38.60 ? 197 LEU A CD2 1 
HETATM 1535 O  O   . HOH B 2 .   ? -7.847  19.691  8.562   1.00 7.43  ? 401 HOH A O   1 
HETATM 1536 O  O   . HOH B 2 .   ? 6.022   11.589  4.604   1.00 9.60  ? 402 HOH A O   1 
HETATM 1537 O  O   . HOH B 2 .   ? -8.796  -5.403  5.893   1.00 11.75 ? 403 HOH A O   1 
HETATM 1538 O  O   . HOH B 2 .   ? -10.250 -3.260  9.143   1.00 14.13 ? 404 HOH A O   1 
HETATM 1539 O  O   . HOH B 2 .   ? 9.206   10.633  -11.650 1.00 29.17 ? 405 HOH A O   1 
HETATM 1540 O  O   . HOH B 2 .   ? 2.811   6.463   -0.488  1.00 26.69 ? 406 HOH A O   1 
HETATM 1541 O  O   . HOH B 2 .   ? -12.689 0.244   4.623   1.00 16.58 ? 407 HOH A O   1 
HETATM 1542 O  O   . HOH B 2 .   ? -12.597 0.206   -8.409  1.00 19.60 ? 408 HOH A O   1 
HETATM 1543 O  O   . HOH B 2 .   ? 1.460   12.088  13.787  1.00 59.03 ? 409 HOH A O   1 
HETATM 1544 O  O   . HOH B 2 .   ? 2.359   0.688   -0.038  1.00 23.10 ? 410 HOH A O   1 
HETATM 1545 O  O   . HOH B 2 .   ? -7.790  7.154   13.492  1.00 24.02 ? 411 HOH A O   1 
HETATM 1546 O  O   . HOH B 2 .   ? 5.530   -7.301  13.460  1.00 20.80 ? 412 HOH A O   1 
HETATM 1547 O  O   . HOH B 2 .   ? 4.008   7.493   2.765   1.00 14.51 ? 413 HOH A O   1 
HETATM 1548 O  O   . HOH B 2 .   ? 8.097   0.384   -6.151  1.00 22.55 ? 414 HOH A O   1 
HETATM 1549 O  O   . HOH B 2 .   ? 7.030   5.709   -6.197  1.00 24.02 ? 415 HOH A O   1 
HETATM 1550 O  O   . HOH B 2 .   ? -4.649  19.452  8.937   1.00 23.93 ? 416 HOH A O   1 
HETATM 1551 O  O   . HOH B 2 .   ? -16.425 -0.151  6.131   1.00 28.86 ? 417 HOH A O   1 
HETATM 1552 O  O   . HOH B 2 .   ? -0.558  20.382  -0.863  1.00 21.15 ? 418 HOH A O   1 
HETATM 1553 O  O   . HOH B 2 .   ? -16.226 -4.570  8.072   1.00 30.99 ? 419 HOH A O   1 
HETATM 1554 O  O   . HOH B 2 .   ? 0.017   -3.009  15.785  1.00 21.50 ? 420 HOH A O   1 
HETATM 1555 O  O   . HOH B 2 .   ? -14.134 10.957  10.913  1.00 23.45 ? 421 HOH A O   1 
HETATM 1556 O  O   . HOH B 2 .   ? 9.324   3.570   14.122  1.00 27.02 ? 422 HOH A O   1 
HETATM 1557 O  O   . HOH B 2 .   ? -6.733  -10.329 15.840  1.00 31.85 ? 423 HOH A O   1 
HETATM 1558 O  O   . HOH B 2 .   ? -8.747  21.753  2.960   1.00 29.39 ? 424 HOH A O   1 
HETATM 1559 O  O   . HOH B 2 .   ? -3.059  17.754  10.548  1.00 26.59 ? 425 HOH A O   1 
HETATM 1560 O  O   . HOH B 2 .   ? -3.138  -21.104 -6.157  1.00 33.02 ? 426 HOH A O   1 
HETATM 1561 O  O   . HOH B 2 .   ? 2.742   4.483   16.332  1.00 21.04 ? 427 HOH A O   1 
HETATM 1562 O  O   . HOH B 2 .   ? -0.082  18.069  -3.445  1.00 28.82 ? 428 HOH A O   1 
HETATM 1563 O  O   . HOH B 2 .   ? -5.875  14.209  12.777  1.00 20.77 ? 429 HOH A O   1 
HETATM 1564 O  O   . HOH B 2 .   ? 2.439   9.309   -1.185  1.00 28.42 ? 430 HOH A O   1 
HETATM 1565 O  O   . HOH B 2 .   ? 7.830   -16.451 -14.892 1.00 28.74 ? 431 HOH A O   1 
HETATM 1566 O  O   . HOH B 2 .   ? 9.540   1.565   -8.061  1.00 24.46 ? 432 HOH A O   1 
HETATM 1567 O  O   . HOH B 2 .   ? -4.592  22.593  8.190   1.00 36.70 ? 433 HOH A O   1 
HETATM 1568 O  O   . HOH B 2 .   ? -16.566 -0.208  -4.716  1.00 31.23 ? 434 HOH A O   1 
HETATM 1569 O  O   . HOH B 2 .   ? 6.067   -11.103 6.674   1.00 26.26 ? 435 HOH A O   1 
HETATM 1570 O  O   . HOH B 2 .   ? -10.630 -13.712 7.140   1.00 26.34 ? 436 HOH A O   1 
HETATM 1571 O  O   . HOH B 2 .   ? 8.003   5.440   5.693   1.00 26.74 ? 437 HOH A O   1 
HETATM 1572 O  O   . HOH B 2 .   ? 10.173  10.968  2.290   1.00 36.05 ? 438 HOH A O   1 
HETATM 1573 O  O   . HOH B 2 .   ? 6.382   14.562  15.111  1.00 71.99 ? 439 HOH A O   1 
HETATM 1574 O  O   . HOH B 2 .   ? -4.448  22.299  -1.579  1.00 21.33 ? 440 HOH A O   1 
HETATM 1575 O  O   . HOH B 2 .   ? -10.986 -10.727 5.816   1.00 31.75 ? 441 HOH A O   1 
HETATM 1576 O  O   . HOH B 2 .   ? -9.898  -18.724 1.109   1.00 35.56 ? 442 HOH A O   1 
HETATM 1577 O  O   . HOH B 2 .   ? 4.057   -3.714  7.165   1.00 21.33 ? 443 HOH A O   1 
HETATM 1578 O  O   . HOH B 2 .   ? -7.950  17.741  -1.765  1.00 30.08 ? 444 HOH A O   1 
HETATM 1579 O  O   . HOH B 2 .   ? 12.373  -6.374  -9.365  1.00 27.87 ? 445 HOH A O   1 
HETATM 1580 O  O   . HOH B 2 .   ? 7.131   3.177   -7.470  1.00 30.46 ? 446 HOH A O   1 
HETATM 1581 O  O   . HOH B 2 .   ? -9.342  17.847  7.965   1.00 35.80 ? 447 HOH A O   1 
HETATM 1582 O  O   . HOH B 2 .   ? -18.426 -2.824  -6.240  1.00 35.07 ? 448 HOH A O   1 
HETATM 1583 O  O   . HOH B 2 .   ? 6.187   -2.374  6.198   1.00 34.26 ? 449 HOH A O   1 
HETATM 1584 O  O   . HOH B 2 .   ? 0.951   15.679  -4.180  1.00 28.33 ? 450 HOH A O   1 
HETATM 1585 O  O   . HOH B 2 .   ? 12.545  -12.648 -11.595 1.00 26.50 ? 451 HOH A O   1 
HETATM 1586 O  O   . HOH B 2 .   ? -1.673  0.328   15.696  1.00 27.27 ? 452 HOH A O   1 
HETATM 1587 O  O   . HOH B 2 .   ? -11.274 -12.351 -3.611  1.00 30.79 ? 453 HOH A O   1 
HETATM 1588 O  O   . HOH B 2 .   ? 4.473   -19.842 -13.629 1.00 23.67 ? 454 HOH A O   1 
HETATM 1589 O  O   . HOH B 2 .   ? 4.610   4.399   2.088   1.00 30.62 ? 455 HOH A O   1 
HETATM 1590 O  O   . HOH B 2 .   ? 9.411   5.952   13.870  1.00 31.06 ? 456 HOH A O   1 
HETATM 1591 O  O   . HOH B 2 .   ? -7.553  -0.543  -13.913 1.00 25.92 ? 457 HOH A O   1 
HETATM 1592 O  O   . HOH B 2 .   ? -8.870  -9.339  12.533  1.00 32.44 ? 458 HOH A O   1 
HETATM 1593 O  O   . HOH B 2 .   ? -15.082 0.848   -6.799  1.00 27.87 ? 459 HOH A O   1 
HETATM 1594 O  O   . HOH B 2 .   ? 5.493   -4.999  -17.253 1.00 32.02 ? 460 HOH A O   1 
HETATM 1595 O  O   . HOH B 2 .   ? -8.841  -11.336 16.571  1.00 29.82 ? 461 HOH A O   1 
HETATM 1596 O  O   . HOH B 2 .   ? 11.799  6.591   6.651   0.50 28.42 ? 462 HOH A O   1 
HETATM 1597 O  O   . HOH B 2 .   ? 12.418  -9.452  -9.189  1.00 26.00 ? 463 HOH A O   1 
HETATM 1598 O  O   . HOH B 2 .   ? -11.629 -4.136  12.115  1.00 32.84 ? 464 HOH A O   1 
HETATM 1599 O  O   . HOH B 2 .   ? 16.516  -7.825  -0.283  1.00 24.41 ? 465 HOH A O   1 
HETATM 1600 O  O   . HOH B 2 .   ? -8.947  18.830  0.725   1.00 29.82 ? 466 HOH A O   1 
HETATM 1601 O  O   . HOH B 2 .   ? 13.826  6.381   -9.981  1.00 32.34 ? 467 HOH A O   1 
HETATM 1602 O  O   . HOH B 2 .   ? -15.193 -8.864  -2.863  1.00 29.56 ? 468 HOH A O   1 
HETATM 1603 O  O   . HOH B 2 .   ? -12.265 -1.046  12.358  1.00 33.53 ? 469 HOH A O   1 
HETATM 1604 O  O   . HOH B 2 .   ? 3.853   7.724   -20.220 1.00 37.35 ? 470 HOH A O   1 
HETATM 1605 O  O   . HOH B 2 .   ? 6.777   11.458  -7.369  1.00 41.48 ? 471 HOH A O   1 
HETATM 1606 O  O   . HOH B 2 .   ? 13.960  -4.660  -8.074  1.00 28.53 ? 472 HOH A O   1 
HETATM 1607 O  O   . HOH B 2 .   ? 1.980   3.448   0.260   1.00 35.55 ? 473 HOH A O   1 
HETATM 1608 O  O   . HOH B 2 .   ? -9.901  1.932   -11.048 1.00 34.05 ? 474 HOH A O   1 
HETATM 1609 O  O   . HOH B 2 .   ? 6.262   3.350   4.486   1.00 27.48 ? 475 HOH A O   1 
HETATM 1610 O  O   . HOH B 2 .   ? -8.132  4.445   13.283  1.00 41.35 ? 476 HOH A O   1 
HETATM 1611 O  O   . HOH B 2 .   ? -14.927 6.542   15.111  1.00 39.39 ? 477 HOH A O   1 
HETATM 1612 O  O   . HOH B 2 .   ? 1.186   6.899   1.834   1.00 31.22 ? 478 HOH A O   1 
HETATM 1613 O  O   . HOH B 2 .   ? 0.029   4.874   16.930  1.00 28.68 ? 479 HOH A O   1 
HETATM 1614 O  O   . HOH B 2 .   ? 17.860  -5.818  -19.715 1.00 46.40 ? 480 HOH A O   1 
HETATM 1615 O  O   . HOH B 2 .   ? -14.424 -12.928 -0.290  1.00 38.04 ? 481 HOH A O   1 
HETATM 1616 O  O   . HOH B 2 .   ? -8.656  11.994  -9.411  1.00 35.88 ? 482 HOH A O   1 
HETATM 1617 O  O   . HOH B 2 .   ? -8.582  -19.169 -5.738  1.00 46.16 ? 483 HOH A O   1 
HETATM 1618 O  O   . HOH B 2 .   ? 7.500   10.315  -14.401 1.00 34.23 ? 484 HOH A O   1 
HETATM 1619 O  O   . HOH B 2 .   ? -10.415 7.991   13.868  1.00 36.42 ? 485 HOH A O   1 
HETATM 1620 O  O   . HOH B 2 .   ? -17.012 1.205   1.869   1.00 36.31 ? 486 HOH A O   1 
HETATM 1621 O  O   . HOH B 2 .   ? 13.255  -2.458  -9.745  1.00 22.99 ? 487 HOH A O   1 
HETATM 1622 O  O   . HOH B 2 .   ? 5.304   1.683   -22.215 1.00 53.97 ? 488 HOH A O   1 
HETATM 1623 O  O   . HOH B 2 .   ? -7.164  -18.837 -0.418  1.00 36.00 ? 489 HOH A O   1 
HETATM 1624 O  O   . HOH B 2 .   ? 20.872  5.763   1.861   1.00 31.73 ? 490 HOH A O   1 
HETATM 1625 O  O   . HOH B 2 .   ? -10.676 14.545  2.706   1.00 32.13 ? 491 HOH A O   1 
HETATM 1626 O  O   . HOH B 2 .   ? 8.358   1.105   -20.195 1.00 44.12 ? 492 HOH A O   1 
HETATM 1627 O  O   . HOH B 2 .   ? -2.419  -21.453 -3.112  1.00 36.55 ? 493 HOH A O   1 
HETATM 1628 O  O   . HOH B 2 .   ? -2.513  17.269  -7.860  1.00 34.78 ? 494 HOH A O   1 
HETATM 1629 O  O   . HOH B 2 .   ? -14.357 -7.628  7.255   1.00 32.81 ? 495 HOH A O   1 
HETATM 1630 O  O   . HOH B 2 .   ? -19.951 8.207   6.242   1.00 41.08 ? 496 HOH A O   1 
HETATM 1631 O  O   . HOH B 2 .   ? -15.953 -13.910 1.626   1.00 47.41 ? 497 HOH A O   1 
HETATM 1632 O  O   . HOH B 2 .   ? -3.120  -11.340 -13.578 1.00 37.81 ? 498 HOH A O   1 
HETATM 1633 O  O   . HOH B 2 .   ? -2.730  -18.361 -8.540  1.00 36.10 ? 499 HOH A O   1 
HETATM 1634 O  O   . HOH B 2 .   ? -7.514  -14.218 13.713  1.00 43.48 ? 500 HOH A O   1 
HETATM 1635 O  O   . HOH B 2 .   ? -2.931  7.371   -13.295 1.00 41.64 ? 501 HOH A O   1 
HETATM 1636 O  O   . HOH B 2 .   ? 3.550   4.320   -21.026 1.00 39.45 ? 502 HOH A O   1 
HETATM 1637 O  O   . HOH B 2 .   ? 0.399   -8.263  -19.243 1.00 41.80 ? 503 HOH A O   1 
HETATM 1638 O  O   . HOH B 2 .   ? 8.985   17.642  -0.452  1.00 36.83 ? 504 HOH A O   1 
HETATM 1639 O  O   . HOH B 2 .   ? 6.529   -7.958  -18.046 1.00 32.52 ? 505 HOH A O   1 
HETATM 1640 O  O   . HOH B 2 .   ? 16.149  18.423  17.068  1.00 37.71 ? 506 HOH A O   1 
HETATM 1641 O  O   . HOH B 2 .   ? -7.418  0.245   13.742  1.00 56.52 ? 507 HOH A O   1 
HETATM 1642 O  O   . HOH B 2 .   ? -0.959  -20.333 -1.351  1.00 44.38 ? 508 HOH A O   1 
HETATM 1643 O  O   . HOH B 2 .   ? -17.037 3.686   -6.935  1.00 36.63 ? 509 HOH A O   1 
HETATM 1644 O  O   . HOH B 2 .   ? 11.557  -2.127  24.687  1.00 39.56 ? 510 HOH A O   1 
HETATM 1645 O  O   . HOH B 2 .   ? 7.566   8.488   -7.601  1.00 40.55 ? 511 HOH A O   1 
HETATM 1646 O  O   . HOH B 2 .   ? 15.047  23.973  18.437  1.00 32.62 ? 512 HOH A O   1 
HETATM 1647 O  O   . HOH B 2 .   ? -20.700 5.681   11.689  1.00 40.08 ? 513 HOH A O   1 
HETATM 1648 O  O   . HOH B 2 .   ? -4.194  3.724   18.280  1.00 28.46 ? 514 HOH A O   1 
HETATM 1649 O  O   . HOH B 2 .   ? -1.343  3.958   -19.590 1.00 41.79 ? 515 HOH A O   1 
HETATM 1650 O  O   . HOH B 2 .   ? -6.519  1.047   -15.914 1.00 54.69 ? 516 HOH A O   1 
HETATM 1651 O  O   . HOH B 2 .   ? -13.119 11.447  2.481   1.00 46.34 ? 517 HOH A O   1 
HETATM 1652 O  O   . HOH B 2 .   ? 3.502   -2.510  18.336  1.00 41.24 ? 518 HOH A O   1 
HETATM 1653 O  O   . HOH B 2 .   ? -4.441  11.603  -9.477  1.00 51.44 ? 519 HOH A O   1 
HETATM 1654 O  O   . HOH B 2 .   ? 11.182  4.077   -15.048 1.00 38.41 ? 520 HOH A O   1 
HETATM 1655 O  O   . HOH B 2 .   ? -2.752  -19.766 3.756   1.00 41.29 ? 521 HOH A O   1 
HETATM 1656 O  O   . HOH B 2 .   ? 13.872  -15.127 -4.305  1.00 43.58 ? 522 HOH A O   1 
HETATM 1657 O  O   . HOH B 2 .   ? 19.835  -8.251  1.016   1.00 46.41 ? 523 HOH A O   1 
HETATM 1658 O  O   . HOH B 2 .   ? 3.157   -18.716 -1.279  1.00 41.77 ? 524 HOH A O   1 
HETATM 1659 O  O   . HOH B 2 .   ? 10.085  -4.628  7.141   1.00 42.01 ? 525 HOH A O   1 
HETATM 1660 O  O   . HOH B 2 .   ? 12.794  21.904  7.096   1.00 44.51 ? 526 HOH A O   1 
HETATM 1661 O  O   . HOH B 2 .   ? -13.058 14.848  3.714   1.00 42.37 ? 527 HOH A O   1 
HETATM 1662 O  O   . HOH B 2 .   ? 4.625   -5.746  15.061  1.00 39.85 ? 528 HOH A O   1 
HETATM 1663 O  O   . HOH B 2 .   ? 12.343  4.110   6.788   1.00 55.72 ? 529 HOH A O   1 
HETATM 1664 O  O   . HOH B 2 .   ? -13.052 -9.037  -5.128  1.00 40.75 ? 530 HOH A O   1 
HETATM 1665 O  O   . HOH B 2 .   ? -9.427  -4.130  14.290  1.00 29.11 ? 531 HOH A O   1 
HETATM 1666 O  O   . HOH B 2 .   ? -12.276 -11.281 8.748   1.00 47.21 ? 532 HOH A O   1 
HETATM 1667 O  O   . HOH B 2 .   ? 14.332  20.224  5.641   1.00 35.82 ? 533 HOH A O   1 
HETATM 1668 O  O   . HOH B 2 .   ? 13.886  0.454   0.714   1.00 43.79 ? 534 HOH A O   1 
HETATM 1669 O  O   . HOH B 2 .   ? 8.104   -9.830  -17.393 1.00 35.69 ? 535 HOH A O   1 
HETATM 1670 O  O   . HOH B 2 .   ? -13.936 5.097   -7.887  1.00 43.99 ? 536 HOH A O   1 
HETATM 1671 O  O   . HOH B 2 .   ? 0.836   -23.250 -4.855  1.00 41.64 ? 537 HOH A O   1 
HETATM 1672 O  O   . HOH B 2 .   ? -11.905 5.386   -9.555  1.00 42.02 ? 538 HOH A O   1 
HETATM 1673 O  O   . HOH B 2 .   ? 14.254  -12.987 -14.393 1.00 44.59 ? 539 HOH A O   1 
HETATM 1674 O  O   . HOH B 2 .   ? -17.411 -12.278 4.093   1.00 47.95 ? 540 HOH A O   1 
HETATM 1675 O  O   . HOH B 2 .   ? 13.281  -4.107  -1.462  1.00 49.37 ? 541 HOH A O   1 
HETATM 1676 O  O   . HOH B 2 .   ? -9.708  -6.099  -9.531  1.00 37.81 ? 542 HOH A O   1 
HETATM 1677 O  O   . HOH B 2 .   ? 12.675  -13.825 -0.684  1.00 43.93 ? 543 HOH A O   1 
HETATM 1678 O  O   . HOH B 2 .   ? -10.385 -15.423 12.456  1.00 46.07 ? 544 HOH A O   1 
HETATM 1679 O  O   . HOH B 2 .   ? -11.920 5.804   14.900  1.00 42.60 ? 545 HOH A O   1 
HETATM 1680 O  O   . HOH B 2 .   ? 7.980   6.535   27.088  1.00 47.69 ? 546 HOH A O   1 
HETATM 1681 O  O   . HOH B 2 .   ? -0.479  3.943   1.545   1.00 26.11 ? 547 HOH A O   1 
HETATM 1682 O  O   . HOH B 2 .   ? 9.828   13.794  -0.440  1.00 44.39 ? 548 HOH A O   1 
HETATM 1683 O  O   . HOH B 2 .   ? 5.535   -19.366 -3.901  1.00 45.93 ? 549 HOH A O   1 
HETATM 1684 O  O   . HOH B 2 .   ? -13.877 14.213  -2.219  1.00 44.46 ? 550 HOH A O   1 
HETATM 1685 O  O   . HOH B 2 .   ? -16.462 11.523  11.854  1.00 45.58 ? 551 HOH A O   1 
HETATM 1686 O  O   . HOH B 2 .   ? 12.150  20.662  2.432   1.00 45.27 ? 552 HOH A O   1 
HETATM 1687 O  O   . HOH B 2 .   ? 16.898  -11.068 -11.512 1.00 46.96 ? 553 HOH A O   1 
HETATM 1688 O  O   . HOH B 2 .   ? -8.628  -5.252  -13.268 1.00 45.46 ? 554 HOH A O   1 
HETATM 1689 O  O   . HOH B 2 .   ? 5.745   0.407   0.879   1.00 44.45 ? 555 HOH A O   1 
HETATM 1690 O  O   . HOH B 2 .   ? -12.073 -7.019  -8.226  1.00 45.45 ? 556 HOH A O   1 
HETATM 1691 O  O   . HOH B 2 .   ? 13.597  22.836  15.874  1.00 47.29 ? 557 HOH A O   1 
HETATM 1692 O  O   . HOH B 2 .   ? -7.397  4.393   -14.581 1.00 46.47 ? 558 HOH A O   1 
HETATM 1693 O  O   . HOH B 2 .   ? 9.176   10.415  -16.880 1.00 46.05 ? 559 HOH A O   1 
HETATM 1694 O  O   . HOH B 2 .   ? -2.857  24.939  8.634   1.00 45.58 ? 560 HOH A O   1 
HETATM 1695 O  O   . HOH B 2 .   ? 7.992   -15.831 8.206   1.00 46.05 ? 561 HOH A O   1 
HETATM 1696 O  O   . HOH B 2 .   ? -10.243 -12.623 11.353  1.00 45.70 ? 562 HOH A O   1 
HETATM 1697 O  O   . HOH B 2 .   ? -5.475  -8.135  16.630  1.00 46.00 ? 563 HOH A O   1 
# 
